data_8OX9
#
_entry.id   8OX9
#
_cell.length_a   1.00
_cell.length_b   1.00
_cell.length_c   1.00
_cell.angle_alpha   90.00
_cell.angle_beta   90.00
_cell.angle_gamma   90.00
#
_symmetry.space_group_name_H-M   'P 1'
#
loop_
_entity.id
_entity.type
_entity.pdbx_description
1 polymer 'Phospholipid-transporting ATPase IC'
2 polymer 'Cell cycle control protein 50A'
3 branched beta-D-mannopyranose-(1-4)-2-acetamido-2-deoxy-beta-D-glucopyranose-(1-4)-2-acetamido-2-deoxy-beta-D-glucopyranose
4 non-polymer 'BERYLLIUM TRIFLUORIDE ION'
5 non-polymer 'MAGNESIUM ION'
6 non-polymer '(2S)-3-(hexadecanoyloxy)-2-[(9Z)-octadec-9-enoyloxy]propyl 2-(trimethylammonio)ethyl phosphate'
7 non-polymer '(2R)-3-{[(R)-{[(1S,2S,3R,4S,5S,6S)-2,6-dihydroxy-3,4,5-tris(phosphonooxy)cyclohexyl]oxy}(hydroxy)phosphoryl]oxy}propane -1,2-diyl dioctanoate'
8 non-polymer 2-acetamido-2-deoxy-beta-D-glucopyranose
9 water water
#
loop_
_entity_poly.entity_id
_entity_poly.type
_entity_poly.pdbx_seq_one_letter_code
_entity_poly.pdbx_strand_id
1 'polypeptide(L)'
;MSTERDSETTFDEDSQPNDEVVPYSDDETEDELDDQGSAVEPEQNRVNREAEENREPFRKECTWQVKANDRKYHEQPHFM
NTKFLCIKESKYANNAIKTYKYNAFTFIPMNLFEQFKRAANLYFLALLILQAVPQISTLAWYTTLVPLLVVLGVTAIKDL
VDDVARHKMDKEINNRTCEVIKDGRFKVAKWKEIQVGDVIRLKKNDFVPADILLLSSSEPNSLCYVETAELDGETNLKFK
MSLEITDQYLQREDTLATFDGFIECEEPNNRLDKFTGTLFWRNTSFPLDADKILLRGCVIRNTDFCHGLVIFAGADTKIM
KNSGKTRFKRTKIDYLMNYMVYTIFVVLILLSAGLAIGHAYWEAQVGNSSWYLYDGEDDTPSYRGFLIFWGYIIVLNTMV
PISLYVSVEVIRLGQSHFINWDLQMYYAEKDTPAKARTTTLNEQLGQIHYIFSDKTGTLTQNIMTFKKCCINGQIYGDHR
DASQHNHNKIEQVDFSWNTYADGKLAFYDHYLIEQIQSGKEPEVRQFFFLLAVCHTVMVDRTDGQLNYQAASPDEGALVN
AARNFGFAFLARTQNTITISELGTERTYNVLAILDFNSDRKRMSIIVRTPEGNIKLYCKGADTVIYERLHRMNPTKQETQ
DALDIFANETLRTLCLCYKEIEEKEFTEWNKKFMAASVASTNRDEALDKVYEEIEKDLILLGATAIEDKLQDGVPETISK
LAKADIKIWVLTGDKKETAENIGFACELLTEDTTICYGEDINSLLHARMENQRNRGGVYAKFAPPVQESFFPPGGNRALI
ITGSWLNEILLEKKTKRNKILKLKFPRTEEERRMRTQSKRRLEAKKEQRQKNFVDLACECSAVICCRVTPKQKAMVVDLV
KRYKKAITLAIGDGANDVNMIKTAHIGVGISGQEGMQAVMSSDYSFAQFRYLQRLLLVHGRWSYIRMCKFLRYFFYKNFA
FTLVHFWYSFFNGYSAQTAYEDWFITLYNVLYTSLPVLLMGLLDQDVSDKLSLRFPGLYIVGQRDLLFNYKRFFVSLLHG
VLTSMILFFIPLGAYLQTVGQDGEAPSDYQSFAVTIASALVITVNFQIGLDTSYWTFVNAFSIFGSIALYFGIMFDFHSA
GIHVLFPSAFQFTGTASNALRQPYIWLTIILTVAVCLLPVVAIRFLSMTIWPSESDKIQKHRKRL
;
A
2 'polypeptide(L)'
;MLGGMAMNYNAKDEVDGGPPCAPGGTAKTRRPDNTAFKQQRLPAWQPILTAGTVLPIFFIIGLIFIPIGIGIFVTSNNIR
EIEIDYTGTEPSSPCNKCLSPDVTPCFCTINFTLEKSFEGNVFMYYGLSNFYQNHRRYVKSRDDSQLNGDSSALLNPSKE
CEPYRRNEDKPIAPCGAIANSMFNDTLELFLIGNDSYPIPIALKKKGIAWWTDKNVKFRNPPGGDNLEERFKGTTKPVNW
LKPVYMLDSDPDNNGFINEDFIVWMRTAALPTFRKLYRLIERKSDLHPTLPAGRYSLNVTYNYPVHYFDGRKRMILSTIS
WMGGKNPFLGIAYIAVGSISFLLGVVLLVINHKYRNSSNTADITI
;
B
#
# COMPACT_ATOMS: atom_id res chain seq x y z
N THR A 63 36.34 -26.17 -12.84
CA THR A 63 35.34 -25.80 -13.83
C THR A 63 34.16 -26.77 -13.82
N TRP A 64 33.10 -26.40 -14.53
CA TRP A 64 31.93 -27.26 -14.65
C TRP A 64 32.29 -28.55 -15.38
N GLN A 65 31.66 -29.64 -14.97
CA GLN A 65 31.87 -30.95 -15.58
C GLN A 65 30.53 -31.65 -15.72
N VAL A 66 30.25 -32.17 -16.91
CA VAL A 66 28.99 -32.84 -17.21
C VAL A 66 29.30 -34.13 -17.95
N LYS A 67 28.46 -35.14 -17.75
CA LYS A 67 28.60 -36.42 -18.42
C LYS A 67 27.24 -36.87 -18.92
N ALA A 68 27.23 -37.56 -20.05
CA ALA A 68 26.00 -37.97 -20.71
C ALA A 68 25.49 -39.29 -20.13
N ASN A 69 24.19 -39.35 -19.85
CA ASN A 69 23.54 -40.57 -19.36
C ASN A 69 24.26 -41.12 -18.13
N ASP A 70 24.64 -40.22 -17.23
CA ASP A 70 25.33 -40.63 -16.01
C ASP A 70 24.95 -39.62 -14.93
N ARG A 71 23.95 -39.97 -14.12
CA ARG A 71 23.53 -39.12 -13.01
C ARG A 71 24.21 -39.45 -11.70
N LYS A 72 25.05 -40.49 -11.67
CA LYS A 72 25.83 -40.80 -10.48
C LYS A 72 27.19 -40.12 -10.47
N TYR A 73 27.70 -39.71 -11.64
CA TYR A 73 28.97 -39.00 -11.68
C TYR A 73 28.87 -37.66 -10.94
N HIS A 74 27.75 -36.95 -11.12
CA HIS A 74 27.58 -35.64 -10.50
C HIS A 74 27.19 -35.73 -9.04
N GLU A 75 26.90 -36.93 -8.53
CA GLU A 75 26.59 -37.15 -7.12
C GLU A 75 27.80 -37.59 -6.32
N GLN A 76 29.01 -37.43 -6.88
CA GLN A 76 30.21 -37.86 -6.19
C GLN A 76 30.42 -37.03 -4.93
N PRO A 77 31.16 -37.57 -3.96
CA PRO A 77 31.35 -36.83 -2.70
C PRO A 77 32.06 -35.50 -2.89
N HIS A 78 32.99 -35.40 -3.82
CA HIS A 78 33.79 -34.19 -3.97
C HIS A 78 33.06 -33.07 -4.70
N PHE A 79 31.90 -33.34 -5.29
CA PHE A 79 31.09 -32.29 -5.90
C PHE A 79 30.15 -31.63 -4.91
N MET A 80 30.03 -32.15 -3.69
CA MET A 80 29.19 -31.54 -2.68
C MET A 80 29.93 -30.37 -2.06
N ASN A 81 29.45 -29.15 -2.31
CA ASN A 81 30.11 -27.97 -1.77
C ASN A 81 30.06 -27.93 -0.25
N THR A 82 28.97 -28.43 0.33
CA THR A 82 28.77 -28.44 1.78
C THR A 82 28.54 -27.03 2.30
N LYS A 83 27.65 -26.89 3.28
CA LYS A 83 27.32 -25.62 3.89
C LYS A 83 27.85 -25.59 5.32
N PHE A 84 27.88 -24.39 5.89
CA PHE A 84 28.39 -24.24 7.25
C PHE A 84 27.56 -25.04 8.25
N LEU A 85 26.24 -25.04 8.09
CA LEU A 85 25.33 -25.68 9.03
C LEU A 85 24.74 -26.93 8.40
N CYS A 86 25.48 -28.03 8.48
CA CYS A 86 25.02 -29.39 8.21
C CYS A 86 24.08 -29.47 7.01
N ILE A 87 24.58 -29.00 5.86
CA ILE A 87 23.86 -29.11 4.59
C ILE A 87 24.87 -29.39 3.49
N LYS A 88 24.51 -30.29 2.57
CA LYS A 88 25.41 -30.65 1.49
C LYS A 88 25.38 -29.61 0.37
N GLU A 89 24.21 -29.35 -0.20
CA GLU A 89 24.05 -28.33 -1.24
C GLU A 89 24.95 -28.65 -2.44
N SER A 90 24.61 -29.74 -3.11
CA SER A 90 25.38 -30.21 -4.27
C SER A 90 25.65 -29.07 -5.23
N LYS A 91 26.79 -29.18 -5.94
CA LYS A 91 27.17 -28.14 -6.87
C LYS A 91 26.20 -28.04 -8.04
N TYR A 92 25.66 -29.18 -8.49
CA TYR A 92 24.76 -29.21 -9.63
C TYR A 92 23.33 -29.01 -9.16
N ALA A 93 22.70 -27.93 -9.63
CA ALA A 93 21.34 -27.62 -9.23
C ALA A 93 20.34 -28.44 -10.05
N ASN A 94 19.31 -28.93 -9.38
CA ASN A 94 18.21 -29.60 -10.08
C ASN A 94 17.39 -28.57 -10.84
N ASN A 95 16.71 -29.03 -11.89
CA ASN A 95 16.03 -28.11 -12.78
C ASN A 95 14.80 -27.48 -12.15
N ALA A 96 14.36 -27.94 -10.98
CA ALA A 96 13.23 -27.31 -10.31
C ALA A 96 13.59 -25.88 -9.92
N ILE A 97 12.64 -24.97 -10.11
CA ILE A 97 12.83 -23.57 -9.79
C ILE A 97 12.04 -23.23 -8.53
N LYS A 98 12.29 -22.04 -7.99
CA LYS A 98 11.63 -21.57 -6.78
C LYS A 98 11.42 -20.07 -6.90
N THR A 99 10.17 -19.64 -6.85
CA THR A 99 9.82 -18.22 -6.77
C THR A 99 9.10 -17.85 -5.49
N TYR A 100 8.60 -18.82 -4.74
CA TYR A 100 7.94 -18.52 -3.47
C TYR A 100 8.97 -18.05 -2.44
N LYS A 101 8.48 -17.73 -1.25
CA LYS A 101 9.32 -17.27 -0.15
C LYS A 101 9.45 -18.30 0.96
N TYR A 102 8.34 -18.83 1.45
CA TYR A 102 8.31 -19.73 2.58
C TYR A 102 8.05 -21.15 2.08
N ASN A 103 9.01 -22.06 2.29
CA ASN A 103 8.90 -23.37 1.67
C ASN A 103 8.04 -24.33 2.49
N ALA A 104 8.52 -24.75 3.65
CA ALA A 104 7.75 -25.63 4.54
C ALA A 104 7.68 -25.07 5.95
N PHE A 105 8.84 -24.69 6.48
CA PHE A 105 8.96 -24.28 7.88
C PHE A 105 9.78 -23.01 8.06
N THR A 106 10.31 -22.42 6.99
CA THR A 106 10.93 -21.11 7.07
C THR A 106 9.90 -19.98 7.11
N PHE A 107 8.62 -20.32 7.17
CA PHE A 107 7.58 -19.29 7.23
C PHE A 107 7.68 -18.48 8.52
N ILE A 108 7.75 -19.17 9.66
CA ILE A 108 7.68 -18.49 10.96
C ILE A 108 8.88 -17.55 11.10
N PRO A 109 10.12 -18.03 11.12
CA PRO A 109 11.24 -17.10 11.37
C PRO A 109 11.37 -16.02 10.32
N MET A 110 11.08 -16.32 9.06
CA MET A 110 11.23 -15.34 8.00
C MET A 110 10.10 -14.31 8.01
N ASN A 111 8.88 -14.75 8.31
CA ASN A 111 7.75 -13.82 8.32
C ASN A 111 7.83 -12.87 9.53
N LEU A 112 8.09 -13.41 10.72
CA LEU A 112 8.23 -12.55 11.88
C LEU A 112 9.41 -11.60 11.75
N PHE A 113 10.44 -12.00 11.01
CA PHE A 113 11.56 -11.09 10.77
C PHE A 113 11.11 -9.86 10.00
N GLU A 114 10.24 -10.04 9.02
CA GLU A 114 9.72 -8.93 8.23
C GLU A 114 8.47 -8.29 8.84
N GLN A 115 7.77 -9.01 9.73
CA GLN A 115 6.75 -8.36 10.56
C GLN A 115 7.38 -7.30 11.45
N PHE A 116 8.53 -7.60 12.03
CA PHE A 116 9.18 -6.72 12.99
C PHE A 116 10.09 -5.69 12.34
N LYS A 117 10.13 -5.63 11.00
CA LYS A 117 10.67 -4.46 10.34
C LYS A 117 9.78 -3.24 10.55
N ARG A 118 8.53 -3.45 10.95
CA ARG A 118 7.65 -2.37 11.34
C ARG A 118 7.98 -1.91 12.76
N ALA A 119 8.04 -0.60 12.95
CA ALA A 119 8.43 -0.06 14.24
C ALA A 119 7.43 -0.43 15.33
N ALA A 120 6.14 -0.41 15.00
CA ALA A 120 5.13 -0.63 16.03
C ALA A 120 5.20 -2.03 16.62
N ASN A 121 5.58 -3.03 15.81
CA ASN A 121 5.63 -4.39 16.31
C ASN A 121 6.66 -4.53 17.43
N LEU A 122 7.80 -3.87 17.29
CA LEU A 122 8.76 -3.82 18.38
C LEU A 122 8.22 -3.03 19.56
N TYR A 123 7.42 -2.00 19.28
CA TYR A 123 6.82 -1.20 20.35
C TYR A 123 5.75 -2.00 21.08
N PHE A 124 4.94 -2.77 20.36
CA PHE A 124 3.97 -3.64 21.01
C PHE A 124 4.67 -4.71 21.83
N LEU A 125 5.75 -5.27 21.31
CA LEU A 125 6.50 -6.28 22.06
C LEU A 125 7.04 -5.71 23.36
N ALA A 126 7.41 -4.42 23.36
CA ALA A 126 7.89 -3.78 24.57
C ALA A 126 6.78 -3.74 25.63
N LEU A 127 5.54 -3.51 25.21
CA LEU A 127 4.43 -3.52 26.14
C LEU A 127 4.25 -4.90 26.77
N LEU A 128 4.44 -5.96 25.98
CA LEU A 128 4.36 -7.30 26.53
C LEU A 128 5.41 -7.52 27.61
N ILE A 129 6.65 -7.09 27.36
CA ILE A 129 7.69 -7.20 28.37
C ILE A 129 7.36 -6.33 29.56
N LEU A 130 6.78 -5.14 29.31
CA LEU A 130 6.47 -4.23 30.39
C LEU A 130 5.27 -4.69 31.20
N GLN A 131 4.33 -5.39 30.58
CA GLN A 131 3.17 -5.92 31.29
C GLN A 131 3.47 -7.21 32.05
N ALA A 132 4.66 -7.79 31.85
CA ALA A 132 5.05 -8.99 32.57
C ALA A 132 5.80 -8.70 33.87
N VAL A 133 6.09 -7.44 34.15
CA VAL A 133 6.82 -7.06 35.36
C VAL A 133 5.80 -6.90 36.49
N PRO A 134 5.87 -7.72 37.55
CA PRO A 134 4.76 -7.70 38.53
C PRO A 134 4.53 -6.35 39.18
N GLN A 135 5.59 -5.59 39.46
CA GLN A 135 5.44 -4.36 40.24
C GLN A 135 4.87 -3.20 39.42
N ILE A 136 4.72 -3.36 38.10
CA ILE A 136 4.08 -2.37 37.26
C ILE A 136 3.02 -3.01 36.38
N SER A 137 2.95 -4.34 36.40
CA SER A 137 2.00 -5.05 35.54
C SER A 137 0.58 -4.64 35.86
N THR A 138 -0.19 -4.35 34.80
CA THR A 138 -1.60 -4.01 34.93
C THR A 138 -2.53 -5.12 34.45
N LEU A 139 -2.04 -6.04 33.63
CA LEU A 139 -2.85 -7.10 33.06
C LEU A 139 -2.20 -8.44 33.36
N ALA A 140 -2.99 -9.51 33.19
CA ALA A 140 -2.56 -10.85 33.58
C ALA A 140 -1.39 -11.38 32.76
N TRP A 141 -1.06 -10.73 31.63
CA TRP A 141 0.04 -11.12 30.75
C TRP A 141 -0.28 -12.38 29.93
N TYR A 142 -1.40 -13.03 30.22
CA TYR A 142 -1.89 -14.14 29.40
C TYR A 142 -2.95 -13.69 28.41
N THR A 143 -3.38 -12.42 28.48
CA THR A 143 -4.31 -11.85 27.52
C THR A 143 -3.78 -10.58 26.89
N THR A 144 -2.50 -10.24 27.13
CA THR A 144 -1.82 -9.22 26.35
C THR A 144 -0.98 -9.83 25.23
N LEU A 145 -0.57 -11.08 25.39
CA LEU A 145 0.14 -11.77 24.31
C LEU A 145 -0.81 -12.19 23.20
N VAL A 146 -1.98 -12.72 23.56
CA VAL A 146 -2.92 -13.20 22.54
C VAL A 146 -3.33 -12.09 21.59
N PRO A 147 -3.64 -10.88 22.05
CA PRO A 147 -3.87 -9.77 21.09
C PRO A 147 -2.76 -9.58 20.09
N LEU A 148 -1.50 -9.68 20.52
CA LEU A 148 -0.39 -9.47 19.60
C LEU A 148 -0.27 -10.61 18.61
N LEU A 149 -0.43 -11.85 19.08
CA LEU A 149 -0.32 -13.01 18.19
C LEU A 149 -1.40 -12.99 17.12
N VAL A 150 -2.63 -12.61 17.49
CA VAL A 150 -3.71 -12.54 16.51
C VAL A 150 -3.39 -11.48 15.46
N VAL A 151 -2.88 -10.33 15.89
CA VAL A 151 -2.50 -9.29 14.95
C VAL A 151 -1.36 -9.76 14.06
N LEU A 152 -0.36 -10.42 14.66
CA LEU A 152 0.70 -11.02 13.86
C LEU A 152 0.16 -12.13 12.97
N GLY A 153 -0.76 -12.93 13.50
CA GLY A 153 -1.32 -14.02 12.72
C GLY A 153 -2.11 -13.54 11.53
N VAL A 154 -2.79 -12.39 11.65
CA VAL A 154 -3.59 -11.87 10.56
C VAL A 154 -2.70 -11.55 9.36
N THR A 155 -1.54 -10.93 9.61
CA THR A 155 -0.61 -10.67 8.51
C THR A 155 0.08 -11.95 8.06
N ALA A 156 0.30 -12.89 8.96
CA ALA A 156 0.90 -14.16 8.58
C ALA A 156 0.02 -14.92 7.61
N ILE A 157 -1.29 -14.98 7.90
CA ILE A 157 -2.21 -15.65 6.98
C ILE A 157 -2.29 -14.90 5.67
N LYS A 158 -2.33 -13.56 5.73
CA LYS A 158 -2.42 -12.77 4.51
C LYS A 158 -1.19 -12.94 3.65
N ASP A 159 -0.01 -13.04 4.27
CA ASP A 159 1.22 -13.28 3.52
C ASP A 159 1.35 -14.72 3.08
N LEU A 160 0.53 -15.63 3.62
CA LEU A 160 0.58 -17.03 3.24
C LEU A 160 -0.32 -17.34 2.05
N VAL A 161 -1.49 -16.71 1.97
CA VAL A 161 -2.35 -16.88 0.80
C VAL A 161 -1.69 -16.27 -0.43
N ASP A 162 -0.97 -15.16 -0.26
CA ASP A 162 -0.22 -14.59 -1.37
C ASP A 162 0.89 -15.54 -1.82
N ASP A 163 1.58 -16.16 -0.86
CA ASP A 163 2.67 -17.06 -1.20
C ASP A 163 2.17 -18.40 -1.74
N VAL A 164 1.00 -18.86 -1.27
CA VAL A 164 0.43 -20.09 -1.81
C VAL A 164 0.09 -19.89 -3.28
N ALA A 165 -0.26 -18.68 -3.68
CA ALA A 165 -0.57 -18.42 -5.08
C ALA A 165 0.65 -18.66 -5.97
N ARG A 166 1.83 -18.21 -5.52
CA ARG A 166 3.05 -18.42 -6.28
C ARG A 166 3.71 -19.76 -5.97
N HIS A 167 3.16 -20.54 -5.05
CA HIS A 167 3.52 -21.95 -4.97
C HIS A 167 2.86 -22.73 -6.10
N LYS A 168 1.65 -22.32 -6.50
CA LYS A 168 0.98 -22.96 -7.62
C LYS A 168 1.59 -22.53 -8.95
N MET A 169 2.11 -21.31 -9.01
CA MET A 169 2.74 -20.85 -10.24
C MET A 169 3.97 -21.70 -10.57
N ASP A 170 4.72 -22.10 -9.56
CA ASP A 170 5.88 -22.97 -9.79
C ASP A 170 5.45 -24.32 -10.33
N LYS A 171 4.31 -24.86 -9.87
CA LYS A 171 3.91 -26.19 -10.29
C LYS A 171 3.66 -26.25 -11.80
N GLU A 172 2.97 -25.26 -12.35
CA GLU A 172 2.63 -25.30 -13.77
C GLU A 172 3.86 -25.16 -14.65
N ILE A 173 4.96 -24.63 -14.11
CA ILE A 173 6.21 -24.53 -14.85
C ILE A 173 7.19 -25.65 -14.51
N ASN A 174 7.04 -26.29 -13.36
CA ASN A 174 7.87 -27.43 -13.00
C ASN A 174 7.32 -28.75 -13.50
N ASN A 175 6.13 -28.75 -14.11
CA ASN A 175 5.49 -29.96 -14.62
C ASN A 175 5.31 -29.89 -16.14
N ARG A 176 6.24 -29.21 -16.83
CA ARG A 176 6.08 -28.98 -18.26
C ARG A 176 6.36 -30.22 -19.11
N THR A 177 6.64 -31.38 -18.50
CA THR A 177 6.61 -32.68 -19.15
C THR A 177 7.37 -32.71 -20.48
N CYS A 178 8.68 -32.49 -20.39
CA CYS A 178 9.57 -32.72 -21.52
C CYS A 178 9.88 -34.22 -21.64
N GLU A 179 10.84 -34.56 -22.49
CA GLU A 179 11.19 -35.94 -22.79
C GLU A 179 12.67 -36.17 -22.48
N VAL A 180 12.98 -37.29 -21.82
CA VAL A 180 14.30 -37.54 -21.29
C VAL A 180 14.70 -38.99 -21.56
N ILE A 181 16.02 -39.21 -21.62
CA ILE A 181 16.60 -40.55 -21.61
C ILE A 181 16.94 -40.85 -20.16
N LYS A 182 16.09 -41.64 -19.50
CA LYS A 182 16.38 -42.18 -18.17
C LYS A 182 16.51 -43.69 -18.19
N ASP A 183 16.36 -44.31 -19.36
CA ASP A 183 16.46 -45.75 -19.52
C ASP A 183 16.98 -46.00 -20.93
N GLY A 184 16.81 -47.23 -21.43
CA GLY A 184 17.28 -47.55 -22.77
C GLY A 184 16.77 -46.59 -23.82
N ARG A 185 15.52 -46.14 -23.70
CA ARG A 185 14.90 -45.23 -24.64
C ARG A 185 14.27 -44.05 -23.90
N PHE A 186 13.78 -43.08 -24.67
CA PHE A 186 13.22 -41.86 -24.09
C PHE A 186 11.97 -42.17 -23.28
N LYS A 187 11.80 -41.43 -22.19
CA LYS A 187 10.58 -41.47 -21.38
C LYS A 187 10.19 -40.06 -20.99
N VAL A 188 8.88 -39.84 -20.85
CA VAL A 188 8.37 -38.52 -20.50
C VAL A 188 8.76 -38.20 -19.06
N ALA A 189 9.22 -36.97 -18.84
CA ALA A 189 9.61 -36.53 -17.50
C ALA A 189 9.34 -35.05 -17.36
N LYS A 190 8.94 -34.64 -16.16
CA LYS A 190 8.69 -33.24 -15.89
C LYS A 190 9.99 -32.45 -15.91
N TRP A 191 9.86 -31.12 -15.93
CA TRP A 191 11.04 -30.26 -15.90
C TRP A 191 11.81 -30.46 -14.61
N LYS A 192 11.11 -30.48 -13.48
CA LYS A 192 11.77 -30.67 -12.19
C LYS A 192 12.54 -31.97 -12.12
N GLU A 193 12.21 -32.94 -12.96
CA GLU A 193 12.90 -34.22 -13.01
C GLU A 193 14.19 -34.16 -13.84
N ILE A 194 14.51 -33.02 -14.43
CA ILE A 194 15.71 -32.89 -15.24
C ILE A 194 16.92 -32.69 -14.32
N GLN A 195 18.02 -33.37 -14.64
CA GLN A 195 19.26 -33.26 -13.92
C GLN A 195 20.39 -33.03 -14.91
N VAL A 196 21.44 -32.35 -14.46
CA VAL A 196 22.59 -32.09 -15.32
C VAL A 196 23.16 -33.40 -15.82
N GLY A 197 23.43 -33.47 -17.11
CA GLY A 197 23.90 -34.69 -17.73
C GLY A 197 22.84 -35.54 -18.38
N ASP A 198 21.59 -35.08 -18.40
CA ASP A 198 20.51 -35.79 -19.06
C ASP A 198 20.50 -35.49 -20.55
N VAL A 199 20.05 -36.47 -21.33
CA VAL A 199 19.85 -36.31 -22.77
C VAL A 199 18.35 -36.25 -23.01
N ILE A 200 17.88 -35.16 -23.60
CA ILE A 200 16.46 -34.86 -23.72
C ILE A 200 16.09 -34.72 -25.19
N ARG A 201 14.78 -34.76 -25.46
CA ARG A 201 14.23 -34.54 -26.79
C ARG A 201 13.12 -33.51 -26.70
N LEU A 202 13.11 -32.58 -27.64
CA LEU A 202 12.10 -31.53 -27.71
C LEU A 202 11.41 -31.59 -29.07
N LYS A 203 10.22 -30.96 -29.15
CA LYS A 203 9.44 -30.92 -30.38
C LYS A 203 9.20 -29.46 -30.78
N LYS A 204 8.37 -29.26 -31.80
CA LYS A 204 8.02 -27.91 -32.23
C LYS A 204 7.38 -27.14 -31.09
N ASN A 205 7.75 -25.87 -30.96
CA ASN A 205 7.09 -24.93 -30.05
C ASN A 205 7.26 -25.32 -28.59
N ASP A 206 8.19 -26.21 -28.29
CA ASP A 206 8.46 -26.61 -26.90
C ASP A 206 9.46 -25.65 -26.27
N PHE A 207 9.19 -25.26 -25.03
CA PHE A 207 10.17 -24.50 -24.26
C PHE A 207 11.38 -25.38 -23.95
N VAL A 208 12.54 -24.75 -23.85
CA VAL A 208 13.77 -25.46 -23.51
C VAL A 208 13.80 -25.63 -21.99
N PRO A 209 13.89 -26.86 -21.47
CA PRO A 209 13.85 -27.02 -20.01
C PRO A 209 15.04 -26.43 -19.28
N ALA A 210 16.19 -26.33 -19.93
CA ALA A 210 17.39 -25.81 -19.30
C ALA A 210 18.45 -25.59 -20.39
N ASP A 211 19.63 -25.16 -19.97
CA ASP A 211 20.71 -24.89 -20.90
C ASP A 211 21.25 -26.22 -21.43
N ILE A 212 20.95 -26.52 -22.69
CA ILE A 212 21.31 -27.79 -23.29
C ILE A 212 22.28 -27.53 -24.44
N LEU A 213 22.91 -28.61 -24.91
CA LEU A 213 23.83 -28.58 -26.04
C LEU A 213 23.21 -29.38 -27.17
N LEU A 214 23.09 -28.77 -28.35
CA LEU A 214 22.53 -29.47 -29.50
C LEU A 214 23.27 -30.77 -29.76
N LEU A 215 22.52 -31.85 -29.91
CA LEU A 215 23.07 -33.13 -30.31
C LEU A 215 22.57 -33.60 -31.67
N SER A 216 21.36 -33.22 -32.06
CA SER A 216 20.83 -33.59 -33.37
C SER A 216 19.47 -32.92 -33.54
N SER A 217 18.96 -32.98 -34.76
CA SER A 217 17.63 -32.50 -35.08
C SER A 217 17.28 -33.02 -36.46
N SER A 218 15.99 -33.00 -36.79
CA SER A 218 15.55 -33.49 -38.08
C SER A 218 16.07 -32.62 -39.22
N GLU A 219 16.25 -31.33 -38.98
CA GLU A 219 16.67 -30.43 -40.04
C GLU A 219 18.08 -30.81 -40.52
N PRO A 220 18.42 -30.51 -41.77
CA PRO A 220 19.77 -30.84 -42.25
C PRO A 220 20.84 -30.16 -41.41
N ASN A 221 21.97 -30.85 -41.28
CA ASN A 221 23.12 -30.36 -40.51
C ASN A 221 22.77 -30.13 -39.05
N SER A 222 21.74 -30.84 -38.54
CA SER A 222 21.27 -30.66 -37.17
C SER A 222 20.92 -29.20 -36.89
N LEU A 223 20.35 -28.54 -37.88
CA LEU A 223 19.98 -27.15 -37.73
C LEU A 223 18.80 -27.03 -36.77
N CYS A 224 18.71 -25.89 -36.09
CA CYS A 224 17.63 -25.65 -35.15
C CYS A 224 17.39 -24.16 -35.03
N TYR A 225 16.12 -23.76 -35.03
CA TYR A 225 15.72 -22.37 -34.88
C TYR A 225 14.99 -22.21 -33.55
N VAL A 226 15.35 -21.18 -32.80
CA VAL A 226 14.74 -20.88 -31.52
C VAL A 226 14.52 -19.38 -31.42
N GLU A 227 13.37 -18.98 -30.88
CA GLU A 227 13.09 -17.57 -30.65
C GLU A 227 13.53 -17.19 -29.23
N THR A 228 14.25 -16.09 -29.12
CA THR A 228 14.79 -15.63 -27.84
C THR A 228 14.03 -14.43 -27.29
N ALA A 229 12.78 -14.22 -27.71
CA ALA A 229 12.01 -13.10 -27.19
C ALA A 229 11.94 -13.13 -25.68
N GLU A 230 11.96 -14.33 -25.09
CA GLU A 230 12.04 -14.46 -23.63
C GLU A 230 13.35 -13.92 -23.10
N LEU A 231 14.46 -14.24 -23.78
CA LEU A 231 15.80 -13.95 -23.28
C LEU A 231 16.28 -12.55 -23.66
N ASP A 232 15.90 -12.06 -24.84
CA ASP A 232 16.11 -10.67 -25.22
C ASP A 232 14.86 -10.21 -25.96
N GLY A 233 14.85 -8.95 -26.36
CA GLY A 233 13.69 -8.42 -27.04
C GLY A 233 13.57 -8.79 -28.50
N GLU A 234 14.52 -9.56 -29.02
CA GLU A 234 14.55 -9.85 -30.43
C GLU A 234 13.33 -10.66 -30.85
N THR A 235 12.81 -10.36 -32.04
CA THR A 235 11.62 -11.03 -32.57
C THR A 235 11.94 -12.05 -33.66
N ASN A 236 13.19 -12.13 -34.12
CA ASN A 236 13.59 -13.10 -35.14
C ASN A 236 14.20 -14.33 -34.48
N LEU A 237 14.36 -15.37 -35.29
CA LEU A 237 14.86 -16.65 -34.81
C LEU A 237 16.37 -16.74 -34.98
N LYS A 238 17.02 -17.38 -34.01
CA LYS A 238 18.45 -17.66 -34.07
C LYS A 238 18.64 -19.09 -34.54
N PHE A 239 19.57 -19.28 -35.47
CA PHE A 239 19.90 -20.61 -35.97
C PHE A 239 20.97 -21.22 -35.08
N LYS A 240 20.69 -22.42 -34.56
CA LYS A 240 21.62 -23.16 -33.73
C LYS A 240 22.00 -24.43 -34.46
N MET A 241 23.29 -24.79 -34.40
CA MET A 241 23.81 -25.95 -35.10
C MET A 241 24.64 -26.79 -34.14
N SER A 242 24.67 -28.09 -34.41
CA SER A 242 25.42 -29.03 -33.59
C SER A 242 26.79 -29.31 -34.21
N LEU A 243 27.63 -29.99 -33.46
CA LEU A 243 28.94 -30.37 -33.96
C LEU A 243 28.80 -31.37 -35.11
N GLU A 244 29.78 -31.34 -36.02
CA GLU A 244 29.73 -32.21 -37.18
C GLU A 244 29.73 -33.69 -36.77
N ILE A 245 30.63 -34.06 -35.86
CA ILE A 245 30.72 -35.45 -35.43
C ILE A 245 29.45 -35.85 -34.67
N THR A 246 29.00 -34.99 -33.76
CA THR A 246 27.78 -35.29 -33.03
C THR A 246 26.57 -35.30 -33.94
N ASP A 247 26.61 -34.53 -35.03
CA ASP A 247 25.50 -34.49 -35.96
C ASP A 247 25.23 -35.85 -36.58
N GLN A 248 26.28 -36.52 -37.05
CA GLN A 248 26.14 -37.73 -37.85
C GLN A 248 26.11 -39.01 -37.04
N TYR A 249 26.37 -38.96 -35.73
CA TYR A 249 26.43 -40.15 -34.91
C TYR A 249 25.41 -40.20 -33.79
N LEU A 250 24.61 -39.14 -33.59
CA LEU A 250 23.58 -39.10 -32.57
C LEU A 250 22.24 -38.72 -33.19
N GLN A 251 21.89 -39.39 -34.29
CA GLN A 251 20.64 -39.13 -34.98
C GLN A 251 19.54 -40.06 -34.50
N ARG A 252 19.75 -41.37 -34.63
CA ARG A 252 18.74 -42.35 -34.25
C ARG A 252 18.59 -42.36 -32.74
N GLU A 253 17.35 -42.52 -32.28
CA GLU A 253 17.07 -42.41 -30.85
C GLU A 253 17.88 -43.41 -30.03
N ASP A 254 18.09 -44.61 -30.56
CA ASP A 254 18.78 -45.65 -29.80
C ASP A 254 20.22 -45.24 -29.48
N THR A 255 20.91 -44.60 -30.43
CA THR A 255 22.30 -44.22 -30.21
C THR A 255 22.45 -43.09 -29.19
N LEU A 256 21.42 -42.27 -28.98
CA LEU A 256 21.51 -41.24 -27.96
C LEU A 256 21.68 -41.85 -26.58
N ALA A 257 21.01 -42.98 -26.32
CA ALA A 257 21.06 -43.59 -24.99
C ALA A 257 22.48 -44.02 -24.62
N THR A 258 23.21 -44.59 -25.58
CA THR A 258 24.57 -45.03 -25.32
C THR A 258 25.60 -43.92 -25.42
N PHE A 259 25.19 -42.71 -25.79
CA PHE A 259 26.12 -41.59 -25.87
C PHE A 259 26.73 -41.32 -24.51
N ASP A 260 28.06 -41.31 -24.46
CA ASP A 260 28.81 -41.06 -23.22
C ASP A 260 29.89 -40.04 -23.54
N GLY A 261 29.53 -38.76 -23.44
CA GLY A 261 30.44 -37.67 -23.71
C GLY A 261 30.63 -36.83 -22.46
N PHE A 262 31.87 -36.36 -22.26
CA PHE A 262 32.25 -35.61 -21.07
C PHE A 262 32.50 -34.17 -21.48
N ILE A 263 31.78 -33.24 -20.85
CA ILE A 263 31.83 -31.83 -21.20
C ILE A 263 32.43 -31.06 -20.04
N GLU A 264 33.51 -30.33 -20.33
CA GLU A 264 34.10 -29.40 -19.38
C GLU A 264 33.86 -27.99 -19.89
N CYS A 265 32.98 -27.25 -19.21
CA CYS A 265 32.57 -25.94 -19.65
C CYS A 265 32.73 -24.95 -18.50
N GLU A 266 32.46 -23.68 -18.79
CA GLU A 266 32.57 -22.63 -17.80
C GLU A 266 31.58 -22.86 -16.66
N GLU A 267 31.88 -22.25 -15.52
CA GLU A 267 30.95 -22.29 -14.41
C GLU A 267 29.70 -21.48 -14.75
N PRO A 268 28.58 -21.72 -14.07
CA PRO A 268 27.36 -20.99 -14.39
C PRO A 268 27.57 -19.49 -14.30
N ASN A 269 26.99 -18.77 -15.25
CA ASN A 269 27.19 -17.34 -15.38
C ASN A 269 25.89 -16.71 -15.86
N ASN A 270 25.94 -15.42 -16.20
CA ASN A 270 24.79 -14.69 -16.73
C ASN A 270 25.08 -14.11 -18.11
N ARG A 271 26.10 -14.63 -18.80
CA ARG A 271 26.53 -14.07 -20.08
C ARG A 271 25.82 -14.82 -21.21
N LEU A 272 24.59 -14.39 -21.49
CA LEU A 272 23.79 -15.03 -22.52
C LEU A 272 24.48 -14.99 -23.89
N ASP A 273 25.28 -13.94 -24.13
CA ASP A 273 25.82 -13.74 -25.48
C ASP A 273 26.83 -14.83 -25.85
N LYS A 274 27.71 -15.21 -24.93
CA LYS A 274 28.82 -16.10 -25.24
C LYS A 274 28.85 -17.28 -24.26
N PHE A 275 29.47 -18.36 -24.72
CA PHE A 275 29.62 -19.58 -23.94
C PHE A 275 30.95 -20.22 -24.31
N THR A 276 31.57 -20.86 -23.33
CA THR A 276 32.88 -21.49 -23.51
C THR A 276 32.85 -22.90 -22.93
N GLY A 277 33.53 -23.82 -23.59
CA GLY A 277 33.61 -25.17 -23.10
C GLY A 277 34.20 -26.10 -24.14
N THR A 278 34.19 -27.38 -23.82
CA THR A 278 34.72 -28.41 -24.71
C THR A 278 33.92 -29.69 -24.50
N LEU A 279 33.93 -30.54 -25.53
CA LEU A 279 33.29 -31.84 -25.47
C LEU A 279 34.31 -32.91 -25.84
N PHE A 280 34.42 -33.93 -25.00
CA PHE A 280 35.31 -35.06 -25.24
C PHE A 280 34.44 -36.28 -25.54
N TRP A 281 34.68 -36.91 -26.68
CA TRP A 281 33.84 -38.03 -27.10
C TRP A 281 34.53 -38.74 -28.25
N ARG A 282 34.34 -40.06 -28.31
CA ARG A 282 34.95 -40.90 -29.35
C ARG A 282 36.46 -40.67 -29.41
N ASN A 283 37.08 -40.56 -28.24
CA ASN A 283 38.53 -40.40 -28.14
C ASN A 283 39.00 -39.15 -28.88
N THR A 284 38.16 -38.11 -28.88
CA THR A 284 38.48 -36.85 -29.55
C THR A 284 37.83 -35.71 -28.79
N SER A 285 38.43 -34.54 -28.90
CA SER A 285 37.96 -33.33 -28.21
C SER A 285 37.44 -32.32 -29.22
N PHE A 286 36.27 -31.76 -28.95
CA PHE A 286 35.63 -30.78 -29.82
C PHE A 286 35.27 -29.54 -29.00
N PRO A 287 35.66 -28.34 -29.42
CA PRO A 287 35.29 -27.15 -28.68
C PRO A 287 33.84 -26.76 -28.90
N LEU A 288 33.33 -25.93 -28.00
CA LEU A 288 31.94 -25.48 -28.03
C LEU A 288 31.88 -23.96 -27.94
N ASP A 289 30.76 -23.42 -28.41
CA ASP A 289 30.50 -21.98 -28.35
C ASP A 289 29.02 -21.77 -28.12
N ALA A 290 28.62 -20.51 -28.02
CA ALA A 290 27.22 -20.17 -27.74
C ALA A 290 26.29 -20.56 -28.87
N ASP A 291 26.82 -20.83 -30.06
CA ASP A 291 25.98 -21.20 -31.20
C ASP A 291 25.44 -22.62 -31.09
N LYS A 292 25.89 -23.41 -30.12
CA LYS A 292 25.46 -24.79 -29.94
C LYS A 292 24.62 -24.98 -28.68
N ILE A 293 24.27 -23.90 -27.98
CA ILE A 293 23.64 -23.98 -26.68
C ILE A 293 22.27 -23.31 -26.75
N LEU A 294 21.24 -24.01 -26.29
CA LEU A 294 19.90 -23.47 -26.17
C LEU A 294 19.63 -23.15 -24.70
N LEU A 295 19.35 -21.89 -24.41
CA LEU A 295 19.11 -21.48 -23.03
C LEU A 295 17.67 -21.79 -22.64
N ARG A 296 17.38 -21.65 -21.33
CA ARG A 296 16.12 -22.13 -20.79
C ARG A 296 14.93 -21.37 -21.35
N GLY A 297 15.06 -20.06 -21.56
CA GLY A 297 13.93 -19.26 -21.99
C GLY A 297 13.56 -19.41 -23.45
N CYS A 298 14.36 -20.14 -24.24
CA CYS A 298 14.10 -20.27 -25.66
C CYS A 298 12.87 -21.13 -25.92
N VAL A 299 12.37 -21.04 -27.16
CA VAL A 299 11.27 -21.86 -27.64
C VAL A 299 11.68 -22.42 -29.00
N ILE A 300 11.48 -23.71 -29.19
CA ILE A 300 11.88 -24.37 -30.43
C ILE A 300 10.87 -24.01 -31.53
N ARG A 301 11.37 -23.54 -32.66
CA ARG A 301 10.54 -23.14 -33.79
C ARG A 301 11.07 -23.77 -35.06
N ASN A 302 10.16 -24.05 -36.00
CA ASN A 302 10.52 -24.50 -37.34
C ASN A 302 11.41 -25.74 -37.28
N THR A 303 11.15 -26.61 -36.32
CA THR A 303 11.91 -27.85 -36.17
C THR A 303 11.02 -28.87 -35.49
N ASP A 304 10.74 -29.97 -36.19
CA ASP A 304 9.81 -30.97 -35.65
C ASP A 304 10.34 -31.58 -34.35
N PHE A 305 11.65 -31.81 -34.27
CA PHE A 305 12.24 -32.28 -33.01
C PHE A 305 13.74 -32.01 -33.02
N CYS A 306 14.32 -32.03 -31.82
CA CYS A 306 15.75 -31.82 -31.63
C CYS A 306 16.19 -32.53 -30.36
N HIS A 307 17.49 -32.78 -30.26
CA HIS A 307 18.06 -33.52 -29.15
C HIS A 307 19.14 -32.68 -28.47
N GLY A 308 19.18 -32.73 -27.14
CA GLY A 308 20.12 -31.94 -26.39
C GLY A 308 20.69 -32.69 -25.20
N LEU A 309 21.72 -32.10 -24.60
CA LEU A 309 22.37 -32.62 -23.40
C LEU A 309 22.38 -31.49 -22.38
N VAL A 310 21.79 -31.75 -21.21
CA VAL A 310 21.64 -30.71 -20.21
C VAL A 310 23.00 -30.37 -19.60
N ILE A 311 23.36 -29.08 -19.65
CA ILE A 311 24.61 -28.59 -19.07
C ILE A 311 24.35 -27.89 -17.74
N PHE A 312 23.54 -26.84 -17.75
CA PHE A 312 23.08 -26.18 -16.54
C PHE A 312 21.61 -26.48 -16.34
N ALA A 313 21.12 -26.26 -15.12
CA ALA A 313 19.74 -26.57 -14.80
C ALA A 313 19.30 -25.74 -13.60
N GLY A 314 18.03 -25.36 -13.61
CA GLY A 314 17.45 -24.67 -12.46
C GLY A 314 18.09 -23.31 -12.24
N ALA A 315 18.57 -23.09 -11.02
CA ALA A 315 19.19 -21.81 -10.69
C ALA A 315 20.49 -21.59 -11.46
N ASP A 316 21.13 -22.67 -11.93
CA ASP A 316 22.37 -22.53 -12.67
C ASP A 316 22.14 -22.15 -14.13
N THR A 317 20.91 -22.19 -14.62
CA THR A 317 20.66 -21.85 -16.01
C THR A 317 21.06 -20.40 -16.27
N LYS A 318 21.49 -20.14 -17.50
CA LYS A 318 22.12 -18.88 -17.82
C LYS A 318 21.12 -17.72 -17.81
N ILE A 319 19.82 -18.01 -17.83
CA ILE A 319 18.80 -16.98 -17.68
C ILE A 319 18.40 -16.79 -16.22
N MET A 320 18.41 -17.87 -15.42
CA MET A 320 18.06 -17.73 -14.01
C MET A 320 19.15 -17.01 -13.23
N LYS A 321 20.39 -17.07 -13.71
CA LYS A 321 21.45 -16.26 -13.12
C LYS A 321 21.32 -14.78 -13.46
N ASN A 322 20.46 -14.44 -14.42
CA ASN A 322 20.20 -13.05 -14.75
C ASN A 322 19.08 -12.44 -13.93
N SER A 323 18.20 -13.26 -13.36
CA SER A 323 17.23 -12.75 -12.41
C SER A 323 17.94 -12.16 -11.20
N GLY A 324 17.43 -11.06 -10.70
CA GLY A 324 18.06 -10.36 -9.60
C GLY A 324 17.82 -11.07 -8.28
N LYS A 325 18.17 -10.37 -7.21
CA LYS A 325 17.93 -10.85 -5.85
C LYS A 325 16.55 -10.40 -5.41
N THR A 326 15.72 -11.34 -4.99
CA THR A 326 14.40 -11.01 -4.46
C THR A 326 14.58 -10.25 -3.15
N ARG A 327 13.99 -9.06 -3.06
CA ARG A 327 14.12 -8.19 -1.91
C ARG A 327 12.75 -7.91 -1.33
N PHE A 328 12.71 -7.64 -0.02
CA PHE A 328 11.48 -7.31 0.66
C PHE A 328 11.09 -5.87 0.28
N LYS A 329 10.02 -5.74 -0.50
CA LYS A 329 9.61 -4.43 -1.00
C LYS A 329 8.69 -3.76 0.01
N ARG A 330 9.01 -2.51 0.34
CA ARG A 330 8.23 -1.73 1.29
C ARG A 330 7.82 -0.42 0.63
N THR A 331 6.64 0.07 1.02
CA THR A 331 6.10 1.30 0.45
C THR A 331 6.79 2.52 1.05
N LYS A 332 6.71 3.63 0.33
CA LYS A 332 7.22 4.90 0.87
C LYS A 332 6.47 5.31 2.12
N ILE A 333 5.18 5.00 2.19
CA ILE A 333 4.43 5.27 3.42
C ILE A 333 4.78 4.25 4.50
N ASP A 334 5.16 3.03 4.13
CA ASP A 334 5.60 2.07 5.14
C ASP A 334 6.81 2.59 5.88
N TYR A 335 7.78 3.17 5.16
CA TYR A 335 8.90 3.84 5.82
C TYR A 335 8.41 5.04 6.63
N LEU A 336 7.42 5.76 6.11
CA LEU A 336 6.89 6.90 6.85
C LEU A 336 6.27 6.45 8.17
N MET A 337 5.47 5.39 8.15
CA MET A 337 4.85 4.90 9.38
C MET A 337 5.89 4.65 10.47
N ASN A 338 7.06 4.15 10.08
CA ASN A 338 8.11 3.92 11.07
C ASN A 338 8.53 5.22 11.73
N TYR A 339 8.68 6.29 10.96
CA TYR A 339 9.08 7.57 11.53
C TYR A 339 8.00 8.15 12.43
N MET A 340 6.73 7.86 12.15
CA MET A 340 5.66 8.33 13.03
C MET A 340 5.61 7.53 14.32
N VAL A 341 5.86 6.22 14.24
CA VAL A 341 5.91 5.41 15.46
C VAL A 341 7.13 5.77 16.30
N TYR A 342 8.26 6.05 15.64
CA TYR A 342 9.44 6.49 16.38
C TYR A 342 9.17 7.80 17.10
N THR A 343 8.50 8.74 16.43
CA THR A 343 8.18 10.02 17.07
C THR A 343 7.23 9.82 18.25
N ILE A 344 6.21 8.98 18.07
CA ILE A 344 5.25 8.76 19.14
C ILE A 344 5.91 8.08 20.32
N PHE A 345 6.87 7.19 20.06
CA PHE A 345 7.61 6.55 21.14
C PHE A 345 8.39 7.59 21.94
N VAL A 346 9.01 8.56 21.26
CA VAL A 346 9.71 9.63 21.95
C VAL A 346 8.74 10.51 22.71
N VAL A 347 7.60 10.83 22.09
CA VAL A 347 6.57 11.61 22.77
C VAL A 347 6.04 10.84 23.98
N LEU A 348 5.80 9.54 23.81
CA LEU A 348 5.29 8.73 24.90
C LEU A 348 6.27 8.70 26.06
N ILE A 349 7.57 8.59 25.78
CA ILE A 349 8.57 8.54 26.84
C ILE A 349 8.69 9.90 27.52
N LEU A 350 8.58 10.98 26.77
CA LEU A 350 8.72 12.31 27.36
C LEU A 350 7.52 12.67 28.22
N LEU A 351 6.31 12.37 27.74
CA LEU A 351 5.12 12.64 28.54
C LEU A 351 5.12 11.82 29.83
N SER A 352 5.47 10.53 29.73
CA SER A 352 5.49 9.67 30.91
C SER A 352 6.56 10.13 31.91
N ALA A 353 7.73 10.50 31.41
CA ALA A 353 8.78 10.99 32.30
C ALA A 353 8.41 12.34 32.90
N GLY A 354 7.74 13.20 32.14
CA GLY A 354 7.28 14.46 32.67
C GLY A 354 6.22 14.28 33.74
N LEU A 355 5.26 13.40 33.49
CA LEU A 355 4.23 13.12 34.49
C LEU A 355 4.80 12.37 35.68
N ALA A 356 5.81 11.54 35.47
CA ALA A 356 6.47 10.85 36.58
C ALA A 356 7.13 11.84 37.52
N ILE A 357 7.77 12.87 36.98
CA ILE A 357 8.38 13.89 37.82
C ILE A 357 7.31 14.65 38.59
N GLY A 358 6.14 14.85 37.96
CA GLY A 358 5.04 15.47 38.67
C GLY A 358 4.54 14.62 39.82
N HIS A 359 4.43 13.31 39.60
CA HIS A 359 3.99 12.42 40.68
C HIS A 359 5.01 12.38 41.81
N ALA A 360 6.31 12.39 41.47
CA ALA A 360 7.32 12.45 42.51
C ALA A 360 7.20 13.73 43.33
N TYR A 361 6.96 14.85 42.66
CA TYR A 361 6.79 16.11 43.37
C TYR A 361 5.45 16.16 44.09
N TRP A 362 4.39 15.64 43.46
CA TRP A 362 3.09 15.63 44.11
C TRP A 362 3.12 14.78 45.38
N GLU A 363 3.76 13.62 45.33
CA GLU A 363 3.86 12.77 46.51
C GLU A 363 4.71 13.39 47.61
N ALA A 364 5.53 14.40 47.28
CA ALA A 364 6.42 14.98 48.27
C ALA A 364 5.64 15.71 49.36
N GLN A 365 4.71 16.60 48.97
CA GLN A 365 3.99 17.42 49.94
C GLN A 365 2.51 17.03 50.06
N VAL A 366 1.87 16.61 48.97
CA VAL A 366 0.45 16.26 49.04
C VAL A 366 0.29 14.78 49.39
N GLY A 367 0.98 13.91 48.67
CA GLY A 367 0.79 12.48 48.87
C GLY A 367 1.21 12.00 50.24
N ASN A 368 2.31 12.56 50.77
CA ASN A 368 2.80 12.12 52.06
C ASN A 368 1.93 12.62 53.20
N SER A 369 1.31 13.78 53.04
CA SER A 369 0.42 14.31 54.07
C SER A 369 -0.97 13.69 54.03
N SER A 370 -1.34 13.04 52.93
CA SER A 370 -2.68 12.49 52.77
C SER A 370 -2.77 11.17 53.53
N TRP A 371 -3.46 11.19 54.67
CA TRP A 371 -3.60 9.96 55.45
C TRP A 371 -4.45 8.94 54.71
N TYR A 372 -5.47 9.39 53.98
CA TYR A 372 -6.32 8.48 53.22
C TYR A 372 -5.56 7.81 52.08
N LEU A 373 -4.47 8.40 51.61
CA LEU A 373 -3.61 7.78 50.60
C LEU A 373 -2.45 7.04 51.25
N TYR A 374 -2.76 6.15 52.18
CA TYR A 374 -1.76 5.36 52.87
C TYR A 374 -1.89 3.91 52.42
N ASP A 375 -0.82 3.36 51.86
CA ASP A 375 -0.81 2.00 51.34
C ASP A 375 0.16 1.09 52.08
N GLY A 376 0.66 1.51 53.24
CA GLY A 376 1.55 0.66 54.01
C GLY A 376 2.80 0.27 53.29
N GLU A 377 3.36 1.16 52.47
CA GLU A 377 4.59 0.92 51.75
C GLU A 377 5.51 2.12 51.96
N ASP A 378 6.74 1.87 52.40
CA ASP A 378 7.71 2.94 52.64
C ASP A 378 8.42 3.30 51.33
N ASP A 379 7.61 3.70 50.35
CA ASP A 379 8.12 4.13 49.05
C ASP A 379 8.35 5.63 49.09
N THR A 380 9.59 6.04 48.86
CA THR A 380 9.90 7.46 48.80
C THR A 380 9.24 8.06 47.56
N PRO A 381 9.00 9.38 47.57
CA PRO A 381 8.39 10.00 46.39
C PRO A 381 9.18 9.78 45.11
N SER A 382 10.51 9.67 45.22
CA SER A 382 11.33 9.40 44.03
C SER A 382 11.02 8.02 43.47
N TYR A 383 10.86 7.02 44.33
CA TYR A 383 10.54 5.67 43.86
C TYR A 383 9.12 5.61 43.31
N ARG A 384 8.18 6.29 43.96
CA ARG A 384 6.82 6.33 43.43
C ARG A 384 6.77 7.00 42.06
N GLY A 385 7.54 8.08 41.89
CA GLY A 385 7.63 8.70 40.58
C GLY A 385 8.28 7.80 39.55
N PHE A 386 9.33 7.09 39.94
CA PHE A 386 9.94 6.13 39.02
C PHE A 386 8.98 5.01 38.69
N LEU A 387 8.23 4.53 39.68
CA LEU A 387 7.35 3.39 39.48
C LEU A 387 6.09 3.76 38.71
N ILE A 388 5.75 5.05 38.64
CA ILE A 388 4.59 5.48 37.85
C ILE A 388 4.98 5.86 36.43
N PHE A 389 6.26 6.04 36.15
CA PHE A 389 6.70 6.28 34.78
C PHE A 389 6.30 5.11 33.88
N TRP A 390 6.45 3.88 34.38
CA TRP A 390 5.98 2.72 33.63
C TRP A 390 4.46 2.62 33.67
N GLY A 391 3.84 3.16 34.71
CA GLY A 391 2.38 3.17 34.75
C GLY A 391 1.78 4.05 33.67
N TYR A 392 2.46 5.16 33.36
CA TYR A 392 1.99 6.04 32.29
C TYR A 392 2.40 5.56 30.91
N ILE A 393 3.45 4.74 30.81
CA ILE A 393 3.74 4.08 29.54
C ILE A 393 2.59 3.17 29.15
N ILE A 394 2.06 2.41 30.12
CA ILE A 394 0.95 1.51 29.84
C ILE A 394 -0.32 2.29 29.57
N VAL A 395 -0.58 3.34 30.36
CA VAL A 395 -1.82 4.10 30.21
C VAL A 395 -1.87 4.80 28.87
N LEU A 396 -0.77 5.42 28.46
CA LEU A 396 -0.72 6.22 27.25
C LEU A 396 -0.26 5.43 26.03
N ASN A 397 -0.14 4.10 26.13
CA ASN A 397 0.36 3.32 25.01
C ASN A 397 -0.57 3.35 23.80
N THR A 398 -1.84 3.69 24.00
CA THR A 398 -2.83 3.61 22.93
C THR A 398 -2.65 4.66 21.85
N MET A 399 -1.62 5.50 21.93
CA MET A 399 -1.36 6.42 20.83
C MET A 399 -1.01 5.66 19.56
N VAL A 400 -0.41 4.49 19.68
CA VAL A 400 -0.22 3.55 18.60
C VAL A 400 -0.88 2.23 19.00
N PRO A 401 -2.12 1.99 18.60
CA PRO A 401 -2.81 0.78 19.04
C PRO A 401 -2.43 -0.42 18.18
N ILE A 402 -2.85 -1.60 18.66
CA ILE A 402 -2.55 -2.86 17.98
C ILE A 402 -3.35 -3.00 16.69
N SER A 403 -4.34 -2.14 16.45
CA SER A 403 -5.14 -2.16 15.23
C SER A 403 -4.49 -1.39 14.10
N LEU A 404 -3.31 -0.82 14.31
CA LEU A 404 -2.68 -0.01 13.27
C LEU A 404 -2.44 -0.84 12.02
N TYR A 405 -1.93 -2.06 12.17
CA TYR A 405 -1.57 -2.88 11.03
C TYR A 405 -2.64 -3.91 10.67
N VAL A 406 -3.55 -4.23 11.58
CA VAL A 406 -4.70 -5.03 11.20
C VAL A 406 -5.60 -4.23 10.26
N SER A 407 -5.72 -2.93 10.50
CA SER A 407 -6.52 -2.07 9.63
C SER A 407 -5.80 -1.80 8.32
N VAL A 408 -4.48 -1.60 8.36
CA VAL A 408 -3.73 -1.35 7.14
C VAL A 408 -3.79 -2.57 6.22
N GLU A 409 -3.66 -3.76 6.78
CA GLU A 409 -3.69 -4.97 5.95
C GLU A 409 -5.10 -5.30 5.50
N VAL A 410 -6.13 -4.96 6.28
CA VAL A 410 -7.49 -5.12 5.80
C VAL A 410 -7.76 -4.15 4.66
N ILE A 411 -7.21 -2.94 4.75
CA ILE A 411 -7.39 -1.96 3.68
C ILE A 411 -6.65 -2.40 2.43
N ARG A 412 -5.40 -2.83 2.60
CA ARG A 412 -4.59 -3.23 1.44
C ARG A 412 -5.15 -4.49 0.78
N LEU A 413 -5.62 -5.45 1.58
CA LEU A 413 -6.16 -6.67 1.00
C LEU A 413 -7.38 -6.37 0.13
N GLY A 414 -8.30 -5.53 0.64
CA GLY A 414 -9.45 -5.15 -0.16
C GLY A 414 -9.09 -4.33 -1.38
N GLN A 415 -8.16 -3.38 -1.20
CA GLN A 415 -7.74 -2.55 -2.32
C GLN A 415 -7.06 -3.36 -3.41
N SER A 416 -6.40 -4.44 -3.03
CA SER A 416 -5.73 -5.29 -4.02
C SER A 416 -6.74 -6.14 -4.79
N HIS A 417 -7.84 -6.50 -4.15
CA HIS A 417 -8.86 -7.30 -4.81
C HIS A 417 -9.72 -6.49 -5.77
N PHE A 418 -9.72 -5.17 -5.64
CA PHE A 418 -10.36 -4.33 -6.65
C PHE A 418 -9.56 -4.35 -7.95
N ILE A 419 -8.25 -4.55 -7.87
CA ILE A 419 -7.44 -4.74 -9.07
C ILE A 419 -7.80 -6.07 -9.73
N ASN A 420 -7.91 -7.13 -8.93
CA ASN A 420 -8.27 -8.44 -9.48
C ASN A 420 -9.68 -8.43 -10.05
N TRP A 421 -10.60 -7.74 -9.38
CA TRP A 421 -12.00 -7.74 -9.78
C TRP A 421 -12.31 -6.78 -10.93
N ASP A 422 -11.35 -5.93 -11.31
CA ASP A 422 -11.64 -4.89 -12.29
C ASP A 422 -11.97 -5.50 -13.64
N LEU A 423 -13.15 -5.19 -14.16
CA LEU A 423 -13.53 -5.60 -15.50
C LEU A 423 -12.90 -4.73 -16.58
N GLN A 424 -12.43 -3.53 -16.21
CA GLN A 424 -11.74 -2.66 -17.14
C GLN A 424 -10.27 -3.02 -17.30
N MET A 425 -9.73 -3.85 -16.40
CA MET A 425 -8.39 -4.40 -16.53
C MET A 425 -8.42 -5.89 -16.87
N TYR A 426 -9.54 -6.36 -17.39
CA TYR A 426 -9.71 -7.76 -17.77
C TYR A 426 -9.64 -7.87 -19.28
N TYR A 427 -8.74 -8.71 -19.77
CA TYR A 427 -8.50 -8.88 -21.20
C TYR A 427 -9.32 -10.08 -21.66
N ALA A 428 -10.45 -9.80 -22.32
CA ALA A 428 -11.39 -10.86 -22.67
C ALA A 428 -10.82 -11.79 -23.74
N GLU A 429 -10.03 -11.25 -24.67
CA GLU A 429 -9.54 -12.06 -25.79
C GLU A 429 -8.66 -13.20 -25.30
N LYS A 430 -7.78 -12.95 -24.34
CA LYS A 430 -6.97 -13.99 -23.72
C LYS A 430 -7.54 -14.45 -22.38
N ASP A 431 -8.69 -13.93 -21.97
CA ASP A 431 -9.33 -14.34 -20.73
C ASP A 431 -8.40 -14.16 -19.53
N THR A 432 -7.70 -13.03 -19.51
CA THR A 432 -6.67 -12.77 -18.49
C THR A 432 -7.08 -11.59 -17.63
N PRO A 433 -7.64 -11.80 -16.45
CA PRO A 433 -7.91 -10.68 -15.55
C PRO A 433 -6.64 -10.17 -14.89
N ALA A 434 -6.71 -8.93 -14.42
CA ALA A 434 -5.59 -8.39 -13.66
C ALA A 434 -5.40 -9.22 -12.39
N LYS A 435 -4.25 -9.05 -11.76
CA LYS A 435 -3.92 -9.85 -10.58
C LYS A 435 -2.93 -9.06 -9.74
N ALA A 436 -3.36 -8.65 -8.55
CA ALA A 436 -2.46 -8.09 -7.55
C ALA A 436 -1.91 -9.26 -6.75
N ARG A 437 -0.76 -9.76 -7.19
CA ARG A 437 -0.17 -10.95 -6.59
C ARG A 437 0.66 -10.64 -5.35
N THR A 438 0.82 -9.37 -4.99
CA THR A 438 1.29 -8.97 -3.67
C THR A 438 0.29 -7.96 -3.12
N THR A 439 -0.19 -8.21 -1.91
CA THR A 439 -1.22 -7.38 -1.29
C THR A 439 -0.62 -6.38 -0.30
N THR A 440 0.59 -5.91 -0.57
CA THR A 440 1.32 -5.05 0.36
C THR A 440 1.83 -3.75 -0.25
N LEU A 441 1.78 -3.59 -1.56
CA LEU A 441 2.26 -2.38 -2.24
C LEU A 441 1.11 -1.84 -3.08
N ASN A 442 0.23 -1.07 -2.45
CA ASN A 442 -0.94 -0.52 -3.11
C ASN A 442 -0.90 1.00 -3.21
N GLU A 443 -0.65 1.69 -2.09
CA GLU A 443 -0.55 3.14 -2.12
C GLU A 443 0.70 3.61 -2.85
N GLN A 444 1.66 2.72 -3.10
CA GLN A 444 2.83 3.09 -3.89
C GLN A 444 2.49 3.22 -5.36
N LEU A 445 1.42 2.56 -5.83
CA LEU A 445 0.96 2.76 -7.19
C LEU A 445 0.51 4.20 -7.42
N GLY A 446 0.18 4.92 -6.35
CA GLY A 446 -0.19 6.32 -6.42
C GLY A 446 0.96 7.29 -6.31
N GLN A 447 2.20 6.79 -6.38
CA GLN A 447 3.38 7.63 -6.17
C GLN A 447 4.47 7.38 -7.20
N ILE A 448 4.16 6.71 -8.31
CA ILE A 448 5.17 6.34 -9.28
C ILE A 448 5.74 7.60 -9.94
N HIS A 449 7.06 7.68 -10.01
CA HIS A 449 7.76 8.76 -10.67
C HIS A 449 8.27 8.38 -12.05
N TYR A 450 8.74 7.14 -12.21
CA TYR A 450 9.28 6.65 -13.47
C TYR A 450 8.67 5.30 -13.79
N ILE A 451 8.46 5.06 -15.08
CA ILE A 451 8.05 3.77 -15.59
C ILE A 451 9.14 3.29 -16.54
N PHE A 452 9.67 2.11 -16.28
CA PHE A 452 10.66 1.47 -17.14
C PHE A 452 9.99 0.29 -17.83
N SER A 453 9.89 0.36 -19.14
CA SER A 453 9.06 -0.55 -19.90
C SER A 453 9.90 -1.38 -20.87
N ASP A 454 9.58 -2.67 -20.94
CA ASP A 454 10.05 -3.49 -22.04
C ASP A 454 9.33 -3.08 -23.31
N LYS A 455 9.90 -3.48 -24.45
CA LYS A 455 9.33 -3.14 -25.76
C LYS A 455 8.65 -4.36 -26.39
N THR A 456 9.38 -5.45 -26.57
CA THR A 456 8.85 -6.62 -27.26
C THR A 456 7.89 -7.36 -26.35
N GLY A 457 6.61 -7.42 -26.73
CA GLY A 457 5.61 -8.11 -25.97
C GLY A 457 4.91 -7.26 -24.93
N THR A 458 5.49 -6.12 -24.55
CA THR A 458 4.86 -5.20 -23.62
C THR A 458 4.20 -4.03 -24.36
N LEU A 459 4.97 -3.30 -25.16
CA LEU A 459 4.42 -2.26 -26.01
C LEU A 459 3.99 -2.77 -27.38
N THR A 460 4.30 -4.03 -27.71
CA THR A 460 4.03 -4.58 -29.03
C THR A 460 3.34 -5.93 -28.89
N GLN A 461 2.58 -6.29 -29.91
CA GLN A 461 1.87 -7.57 -29.95
C GLN A 461 2.67 -8.68 -30.59
N ASN A 462 3.90 -8.41 -31.03
CA ASN A 462 4.69 -9.37 -31.79
C ASN A 462 3.94 -9.81 -33.04
N ILE A 463 3.21 -8.88 -33.65
CA ILE A 463 2.49 -9.10 -34.89
C ILE A 463 3.01 -8.07 -35.89
N MET A 464 3.28 -8.52 -37.12
CA MET A 464 3.94 -7.71 -38.12
C MET A 464 3.23 -7.90 -39.46
N THR A 465 2.64 -6.83 -39.98
CA THR A 465 1.68 -6.92 -41.08
C THR A 465 2.08 -6.00 -42.21
N PHE A 466 1.80 -6.45 -43.43
CA PHE A 466 1.99 -5.65 -44.64
C PHE A 466 0.90 -4.59 -44.73
N LYS A 467 1.30 -3.33 -44.94
CA LYS A 467 0.36 -2.21 -44.98
C LYS A 467 0.29 -1.55 -46.36
N LYS A 468 1.42 -1.09 -46.90
CA LYS A 468 1.42 -0.30 -48.13
C LYS A 468 2.61 -0.72 -48.98
N CYS A 469 2.81 -0.01 -50.08
CA CYS A 469 3.91 -0.26 -51.00
C CYS A 469 3.99 0.88 -52.00
N CYS A 470 5.21 1.25 -52.37
CA CYS A 470 5.46 2.32 -53.32
C CYS A 470 6.11 1.77 -54.58
N ILE A 471 5.67 2.26 -55.74
CA ILE A 471 6.20 1.84 -57.03
C ILE A 471 6.31 3.06 -57.93
N ASN A 472 7.52 3.37 -58.38
CA ASN A 472 7.77 4.47 -59.31
C ASN A 472 7.20 5.79 -58.79
N GLY A 473 7.37 6.03 -57.49
CA GLY A 473 6.91 7.26 -56.88
C GLY A 473 5.44 7.29 -56.53
N GLN A 474 4.69 6.24 -56.86
CA GLN A 474 3.26 6.15 -56.54
C GLN A 474 3.09 5.27 -55.32
N ILE A 475 2.39 5.80 -54.31
CA ILE A 475 2.19 5.08 -53.05
C ILE A 475 0.89 4.29 -53.17
N TYR A 476 0.99 2.98 -53.01
CA TYR A 476 -0.15 2.07 -53.09
C TYR A 476 -0.42 1.50 -51.70
N GLY A 477 -1.69 1.51 -51.30
CA GLY A 477 -2.07 1.01 -49.99
C GLY A 477 -3.13 1.86 -49.33
N ASP A 478 -3.22 3.13 -49.71
CA ASP A 478 -4.24 4.00 -49.17
C ASP A 478 -5.62 3.56 -49.62
N HIS A 479 -6.64 3.98 -48.87
CA HIS A 479 -8.02 3.64 -49.20
C HIS A 479 -8.39 4.22 -50.57
N ARG A 480 -8.60 3.35 -51.56
CA ARG A 480 -8.87 3.80 -52.91
C ARG A 480 -9.75 2.76 -53.60
N ASP A 481 -10.40 3.21 -54.68
CA ASP A 481 -11.23 2.34 -55.50
C ASP A 481 -11.12 2.78 -56.94
N ALA A 482 -11.33 1.84 -57.86
CA ALA A 482 -11.28 2.11 -59.30
C ALA A 482 -9.90 2.68 -59.63
N SER A 483 -9.78 3.63 -60.55
CA SER A 483 -8.50 4.20 -60.95
C SER A 483 -8.19 5.52 -60.26
N GLN A 484 -9.04 5.98 -59.35
CA GLN A 484 -8.80 7.24 -58.66
C GLN A 484 -9.52 7.22 -57.32
N HIS A 485 -8.97 7.98 -56.37
CA HIS A 485 -9.57 8.05 -55.04
C HIS A 485 -10.98 8.63 -55.12
N ASN A 486 -11.92 7.97 -54.47
CA ASN A 486 -13.31 8.41 -54.44
C ASN A 486 -13.78 8.78 -53.03
N HIS A 487 -13.58 7.88 -52.07
CA HIS A 487 -13.99 8.15 -50.70
C HIS A 487 -13.08 7.38 -49.75
N ASN A 488 -13.03 7.85 -48.50
CA ASN A 488 -12.21 7.18 -47.49
C ASN A 488 -12.76 5.81 -47.14
N LYS A 489 -14.08 5.66 -47.14
CA LYS A 489 -14.73 4.40 -46.80
C LYS A 489 -14.60 3.45 -47.98
N ILE A 490 -13.72 2.46 -47.86
CA ILE A 490 -13.46 1.48 -48.90
C ILE A 490 -13.61 0.09 -48.32
N GLU A 491 -14.30 -0.79 -49.06
CA GLU A 491 -14.50 -2.15 -48.62
C GLU A 491 -13.21 -2.95 -48.73
N GLN A 492 -13.19 -4.10 -48.07
CA GLN A 492 -12.00 -4.95 -48.06
C GLN A 492 -11.70 -5.47 -49.46
N VAL A 493 -10.41 -5.51 -49.81
CA VAL A 493 -10.01 -5.98 -51.12
C VAL A 493 -10.35 -7.45 -51.29
N ASP A 494 -10.74 -7.83 -52.50
CA ASP A 494 -11.07 -9.20 -52.83
C ASP A 494 -9.81 -9.92 -53.32
N PHE A 495 -9.41 -10.97 -52.62
CA PHE A 495 -8.23 -11.76 -52.97
C PHE A 495 -8.59 -13.10 -53.59
N SER A 496 -9.87 -13.34 -53.89
CA SER A 496 -10.27 -14.62 -54.45
C SER A 496 -9.64 -14.86 -55.82
N TRP A 497 -9.26 -13.80 -56.54
CA TRP A 497 -8.66 -13.97 -57.86
C TRP A 497 -7.37 -14.76 -57.78
N ASN A 498 -6.65 -14.68 -56.66
CA ASN A 498 -5.43 -15.45 -56.46
C ASN A 498 -5.77 -16.77 -55.78
N THR A 499 -5.28 -17.86 -56.36
CA THR A 499 -5.60 -19.18 -55.84
C THR A 499 -5.04 -19.39 -54.43
N TYR A 500 -3.80 -18.96 -54.19
CA TYR A 500 -3.13 -19.22 -52.93
C TYR A 500 -3.49 -18.22 -51.84
N ALA A 501 -4.13 -17.10 -52.18
CA ALA A 501 -4.35 -16.04 -51.21
C ALA A 501 -5.30 -16.48 -50.12
N ASP A 502 -5.14 -15.86 -48.94
CA ASP A 502 -6.01 -16.10 -47.79
C ASP A 502 -6.34 -14.75 -47.16
N GLY A 503 -7.15 -14.79 -46.11
CA GLY A 503 -7.73 -13.60 -45.51
C GLY A 503 -6.90 -12.92 -44.44
N LYS A 504 -5.66 -13.36 -44.19
CA LYS A 504 -4.87 -12.74 -43.13
C LYS A 504 -4.57 -11.28 -43.44
N LEU A 505 -4.29 -10.96 -44.71
CA LEU A 505 -3.88 -9.61 -45.10
C LEU A 505 -5.12 -8.73 -45.23
N ALA A 506 -5.20 -7.71 -44.37
CA ALA A 506 -6.25 -6.70 -44.45
C ALA A 506 -5.73 -5.54 -45.27
N PHE A 507 -6.11 -5.50 -46.54
CA PHE A 507 -5.60 -4.52 -47.50
C PHE A 507 -6.77 -3.73 -48.07
N TYR A 508 -6.64 -2.40 -48.09
CA TYR A 508 -7.64 -1.50 -48.67
C TYR A 508 -6.96 -0.66 -49.74
N ASP A 509 -6.83 -1.24 -50.93
CA ASP A 509 -6.35 -0.50 -52.10
C ASP A 509 -6.65 -1.29 -53.36
N HIS A 510 -7.53 -0.76 -54.23
CA HIS A 510 -7.88 -1.42 -55.47
C HIS A 510 -7.16 -0.85 -56.68
N TYR A 511 -6.60 0.36 -56.56
CA TYR A 511 -5.80 0.90 -57.66
C TYR A 511 -4.59 0.02 -57.94
N LEU A 512 -4.02 -0.59 -56.90
CA LEU A 512 -2.88 -1.49 -57.11
C LEU A 512 -3.30 -2.79 -57.78
N ILE A 513 -4.49 -3.29 -57.46
CA ILE A 513 -4.94 -4.57 -57.99
C ILE A 513 -5.05 -4.49 -59.52
N GLU A 514 -5.61 -3.40 -60.04
CA GLU A 514 -5.75 -3.27 -61.49
C GLU A 514 -4.39 -3.15 -62.16
N GLN A 515 -3.45 -2.42 -61.55
CA GLN A 515 -2.14 -2.24 -62.17
C GLN A 515 -1.43 -3.57 -62.35
N ILE A 516 -1.46 -4.42 -61.32
CA ILE A 516 -0.78 -5.72 -61.43
C ILE A 516 -1.46 -6.58 -62.49
N GLN A 517 -2.79 -6.61 -62.51
CA GLN A 517 -3.50 -7.43 -63.48
C GLN A 517 -3.45 -6.82 -64.88
N SER A 518 -3.61 -5.50 -64.98
CA SER A 518 -3.58 -4.86 -66.29
C SER A 518 -2.22 -5.02 -66.95
N GLY A 519 -1.15 -4.85 -66.19
CA GLY A 519 0.19 -4.99 -66.73
C GLY A 519 0.71 -3.80 -67.51
N LYS A 520 -0.03 -2.69 -67.51
CA LYS A 520 0.44 -1.50 -68.23
C LYS A 520 1.73 -0.94 -67.64
N GLU A 521 2.05 -1.30 -66.40
CA GLU A 521 3.28 -0.88 -65.73
C GLU A 521 4.06 -2.15 -65.40
N PRO A 522 4.94 -2.62 -66.29
CA PRO A 522 5.67 -3.86 -65.99
C PRO A 522 6.53 -3.79 -64.74
N GLU A 523 6.99 -2.58 -64.38
CA GLU A 523 7.80 -2.45 -63.17
C GLU A 523 7.01 -2.85 -61.93
N VAL A 524 5.68 -2.73 -61.96
CA VAL A 524 4.87 -3.13 -60.82
C VAL A 524 4.99 -4.64 -60.59
N ARG A 525 4.90 -5.43 -61.66
CA ARG A 525 5.01 -6.87 -61.52
C ARG A 525 6.40 -7.29 -61.03
N GLN A 526 7.45 -6.67 -61.59
CA GLN A 526 8.80 -6.98 -61.14
C GLN A 526 9.02 -6.57 -59.69
N PHE A 527 8.31 -5.54 -59.22
CA PHE A 527 8.45 -5.09 -57.84
C PHE A 527 8.01 -6.19 -56.87
N PHE A 528 6.83 -6.77 -57.10
CA PHE A 528 6.33 -7.81 -56.21
C PHE A 528 7.02 -9.14 -56.45
N PHE A 529 7.48 -9.42 -57.67
CA PHE A 529 8.29 -10.61 -57.90
C PHE A 529 9.56 -10.58 -57.07
N LEU A 530 10.08 -9.39 -56.79
CA LEU A 530 11.27 -9.27 -55.96
C LEU A 530 11.02 -9.83 -54.57
N LEU A 531 9.85 -9.54 -53.99
CA LEU A 531 9.54 -10.01 -52.65
C LEU A 531 9.48 -11.53 -52.57
N ALA A 532 9.24 -12.22 -53.68
CA ALA A 532 9.12 -13.67 -53.69
C ALA A 532 10.45 -14.38 -53.94
N VAL A 533 11.51 -13.64 -54.28
CA VAL A 533 12.80 -14.22 -54.60
C VAL A 533 13.89 -13.74 -53.65
N CYS A 534 13.91 -12.44 -53.36
CA CYS A 534 14.97 -11.85 -52.56
C CYS A 534 14.93 -12.30 -51.10
N HIS A 535 13.85 -12.93 -50.66
CA HIS A 535 13.80 -13.46 -49.30
C HIS A 535 14.67 -14.72 -49.20
N THR A 536 14.79 -15.21 -47.96
CA THR A 536 15.63 -16.38 -47.70
C THR A 536 14.94 -17.38 -46.77
N VAL A 537 13.62 -17.41 -46.73
CA VAL A 537 12.90 -18.28 -45.82
C VAL A 537 12.53 -19.57 -46.55
N MET A 538 12.35 -20.63 -45.77
CA MET A 538 11.90 -21.92 -46.28
C MET A 538 10.39 -22.03 -46.16
N VAL A 539 9.81 -22.93 -46.96
CA VAL A 539 8.37 -23.11 -47.06
C VAL A 539 8.03 -24.57 -46.82
N ASP A 540 6.92 -24.79 -46.12
CA ASP A 540 6.43 -26.13 -45.82
C ASP A 540 5.23 -26.43 -46.69
N ARG A 541 5.32 -27.49 -47.49
CA ARG A 541 4.24 -27.97 -48.35
C ARG A 541 3.79 -29.35 -47.89
N THR A 542 3.67 -29.54 -46.58
CA THR A 542 3.36 -30.85 -46.03
C THR A 542 2.00 -31.34 -46.50
N ASP A 543 1.00 -30.45 -46.55
CA ASP A 543 -0.35 -30.81 -46.96
C ASP A 543 -0.88 -29.91 -48.06
N GLY A 544 0.00 -29.19 -48.76
CA GLY A 544 -0.41 -28.28 -49.80
C GLY A 544 -0.88 -26.94 -49.32
N GLN A 545 -0.90 -26.69 -48.01
CA GLN A 545 -1.30 -25.39 -47.49
C GLN A 545 -0.28 -24.29 -47.77
N LEU A 546 0.94 -24.66 -48.18
CA LEU A 546 1.98 -23.68 -48.46
C LEU A 546 2.25 -22.81 -47.25
N ASN A 547 2.27 -23.43 -46.06
CA ASN A 547 2.58 -22.69 -44.85
C ASN A 547 4.03 -22.23 -44.88
N TYR A 548 4.25 -20.99 -44.47
CA TYR A 548 5.56 -20.35 -44.53
C TYR A 548 6.17 -20.29 -43.14
N GLN A 549 7.43 -20.69 -43.04
CA GLN A 549 8.19 -20.63 -41.79
C GLN A 549 9.35 -19.66 -42.01
N ALA A 550 9.21 -18.45 -41.49
CA ALA A 550 10.19 -17.39 -41.69
C ALA A 550 11.01 -17.18 -40.42
N ALA A 551 12.33 -17.18 -40.57
CA ALA A 551 13.19 -16.87 -39.44
C ALA A 551 12.97 -15.43 -38.97
N SER A 552 12.82 -14.51 -39.92
CA SER A 552 12.55 -13.10 -39.63
C SER A 552 11.09 -12.81 -39.94
N PRO A 553 10.29 -12.28 -39.00
CA PRO A 553 8.88 -11.98 -39.33
C PRO A 553 8.74 -10.95 -40.44
N ASP A 554 9.75 -10.12 -40.68
CA ASP A 554 9.68 -9.18 -41.80
C ASP A 554 9.53 -9.92 -43.12
N GLU A 555 10.34 -10.96 -43.34
CA GLU A 555 10.22 -11.76 -44.55
C GLU A 555 8.97 -12.63 -44.52
N GLY A 556 8.56 -13.08 -43.34
CA GLY A 556 7.34 -13.86 -43.24
C GLY A 556 6.11 -13.08 -43.68
N ALA A 557 6.02 -11.81 -43.25
CA ALA A 557 4.90 -10.97 -43.67
C ALA A 557 5.00 -10.63 -45.15
N LEU A 558 6.19 -10.30 -45.63
CA LEU A 558 6.37 -9.96 -47.04
C LEU A 558 6.04 -11.15 -47.94
N VAL A 559 6.51 -12.34 -47.55
CA VAL A 559 6.20 -13.54 -48.34
C VAL A 559 4.70 -13.81 -48.33
N ASN A 560 4.07 -13.67 -47.17
CA ASN A 560 2.63 -13.85 -47.08
C ASN A 560 1.89 -12.79 -47.89
N ALA A 561 2.33 -11.54 -47.79
CA ALA A 561 1.70 -10.47 -48.56
C ALA A 561 1.93 -10.66 -50.05
N ALA A 562 3.19 -10.87 -50.45
CA ALA A 562 3.48 -11.10 -51.87
C ALA A 562 2.77 -12.34 -52.39
N ARG A 563 2.49 -13.30 -51.52
CA ARG A 563 1.73 -14.48 -51.94
C ARG A 563 0.32 -14.10 -52.35
N ASN A 564 -0.31 -13.18 -51.62
CA ASN A 564 -1.67 -12.77 -51.93
C ASN A 564 -1.75 -11.85 -53.15
N PHE A 565 -0.62 -11.31 -53.61
CA PHE A 565 -0.60 -10.46 -54.80
C PHE A 565 -0.35 -11.24 -56.08
N GLY A 566 -0.25 -12.57 -56.01
CA GLY A 566 -0.03 -13.40 -57.17
C GLY A 566 1.41 -13.86 -57.35
N PHE A 567 2.36 -13.17 -56.73
CA PHE A 567 3.77 -13.57 -56.79
C PHE A 567 4.09 -14.45 -55.59
N ALA A 568 3.55 -15.67 -55.63
CA ALA A 568 3.66 -16.61 -54.53
C ALA A 568 4.89 -17.48 -54.69
N PHE A 569 5.61 -17.68 -53.58
CA PHE A 569 6.80 -18.52 -53.55
C PHE A 569 6.40 -19.93 -53.10
N LEU A 570 6.70 -20.92 -53.94
CA LEU A 570 6.19 -22.27 -53.77
C LEU A 570 7.22 -23.22 -53.14
N ALA A 571 8.43 -23.28 -53.70
CA ALA A 571 9.44 -24.21 -53.21
C ALA A 571 10.82 -23.62 -53.46
N ARG A 572 11.80 -24.15 -52.73
CA ARG A 572 13.18 -23.70 -52.80
C ARG A 572 14.12 -24.88 -53.05
N THR A 573 15.18 -24.60 -53.79
CA THR A 573 16.20 -25.60 -54.10
C THR A 573 17.56 -24.93 -54.01
N GLN A 574 18.60 -25.74 -53.83
CA GLN A 574 19.95 -25.22 -53.68
C GLN A 574 20.38 -24.37 -54.87
N ASN A 575 19.80 -24.60 -56.05
CA ASN A 575 20.16 -23.85 -57.24
C ASN A 575 18.96 -23.31 -58.02
N THR A 576 17.73 -23.55 -57.57
CA THR A 576 16.54 -23.09 -58.28
C THR A 576 15.46 -22.74 -57.26
N ILE A 577 14.47 -21.98 -57.74
CA ILE A 577 13.31 -21.58 -56.95
C ILE A 577 12.07 -21.79 -57.80
N THR A 578 10.92 -21.86 -57.13
CA THR A 578 9.66 -22.20 -57.81
C THR A 578 8.60 -21.12 -57.57
N ILE A 579 8.98 -19.86 -57.76
CA ILE A 579 8.02 -18.76 -57.61
C ILE A 579 6.99 -18.83 -58.73
N SER A 580 5.74 -18.51 -58.38
CA SER A 580 4.64 -18.44 -59.34
C SER A 580 4.22 -16.99 -59.50
N GLU A 581 4.22 -16.50 -60.74
CA GLU A 581 3.92 -15.11 -61.05
C GLU A 581 2.52 -15.03 -61.63
N LEU A 582 1.56 -14.60 -60.81
CA LEU A 582 0.18 -14.44 -61.25
C LEU A 582 -0.37 -15.73 -61.84
N GLY A 583 -0.03 -16.85 -61.21
CA GLY A 583 -0.43 -18.16 -61.68
C GLY A 583 0.47 -18.75 -62.75
N THR A 584 1.51 -18.04 -63.17
CA THR A 584 2.44 -18.54 -64.18
C THR A 584 3.60 -19.22 -63.47
N GLU A 585 3.87 -20.48 -63.83
CA GLU A 585 4.92 -21.26 -63.19
C GLU A 585 6.25 -20.94 -63.88
N ARG A 586 7.09 -20.17 -63.20
CA ARG A 586 8.41 -19.82 -63.70
C ARG A 586 9.44 -20.24 -62.66
N THR A 587 10.35 -21.13 -63.05
CA THR A 587 11.39 -21.65 -62.15
C THR A 587 12.71 -20.98 -62.51
N TYR A 588 13.19 -20.11 -61.63
CA TYR A 588 14.45 -19.42 -61.82
C TYR A 588 15.61 -20.27 -61.31
N ASN A 589 16.82 -19.83 -61.62
CA ASN A 589 18.05 -20.50 -61.20
C ASN A 589 18.83 -19.59 -60.26
N VAL A 590 19.17 -20.10 -59.09
CA VAL A 590 19.92 -19.33 -58.11
C VAL A 590 21.41 -19.46 -58.43
N LEU A 591 22.06 -18.32 -58.67
CA LEU A 591 23.48 -18.29 -59.00
C LEU A 591 24.34 -17.86 -57.82
N ALA A 592 23.86 -16.93 -57.00
CA ALA A 592 24.59 -16.48 -55.83
C ALA A 592 23.70 -15.68 -54.90
N ILE A 593 23.71 -16.03 -53.61
CA ILE A 593 22.91 -15.33 -52.59
C ILE A 593 23.87 -14.52 -51.74
N LEU A 594 23.65 -13.21 -51.69
CA LEU A 594 24.46 -12.32 -50.87
C LEU A 594 23.90 -12.31 -49.44
N ASP A 595 24.74 -12.62 -48.47
CA ASP A 595 24.29 -12.81 -47.11
C ASP A 595 23.82 -11.48 -46.50
N PHE A 596 22.99 -11.61 -45.46
CA PHE A 596 22.48 -10.47 -44.72
C PHE A 596 23.25 -10.33 -43.41
N ASN A 597 23.70 -9.11 -43.11
CA ASN A 597 24.43 -8.85 -41.88
C ASN A 597 24.17 -7.41 -41.46
N SER A 598 24.45 -7.14 -40.18
CA SER A 598 24.10 -5.85 -39.60
C SER A 598 24.86 -4.71 -40.27
N ASP A 599 26.18 -4.86 -40.42
CA ASP A 599 26.97 -3.77 -40.97
C ASP A 599 26.57 -3.46 -42.42
N ARG A 600 26.32 -4.50 -43.21
CA ARG A 600 25.93 -4.29 -44.60
C ARG A 600 24.57 -3.59 -44.69
N LYS A 601 23.64 -3.96 -43.80
CA LYS A 601 22.30 -3.39 -43.76
C LYS A 601 21.51 -3.64 -45.04
N ARG A 602 21.89 -4.66 -45.80
CA ARG A 602 21.20 -5.00 -47.04
C ARG A 602 21.68 -6.37 -47.50
N MET A 603 20.80 -7.10 -48.18
CA MET A 603 21.14 -8.38 -48.77
C MET A 603 20.58 -8.46 -50.17
N SER A 604 21.22 -9.28 -51.00
CA SER A 604 20.88 -9.36 -52.43
C SER A 604 20.90 -10.81 -52.86
N ILE A 605 20.33 -11.06 -54.04
CA ILE A 605 20.31 -12.38 -54.65
C ILE A 605 20.61 -12.23 -56.14
N ILE A 606 21.43 -13.14 -56.67
CA ILE A 606 21.78 -13.17 -58.08
C ILE A 606 21.17 -14.43 -58.68
N VAL A 607 20.33 -14.26 -59.70
CA VAL A 607 19.64 -15.36 -60.35
C VAL A 607 19.73 -15.18 -61.86
N ARG A 608 19.49 -16.26 -62.58
CA ARG A 608 19.42 -16.26 -64.03
C ARG A 608 17.98 -16.54 -64.45
N THR A 609 17.43 -15.66 -65.29
CA THR A 609 16.05 -15.82 -65.72
C THR A 609 15.92 -17.06 -66.60
N PRO A 610 14.70 -17.60 -66.72
CA PRO A 610 14.51 -18.74 -67.65
C PRO A 610 14.94 -18.42 -69.06
N GLU A 611 14.77 -17.17 -69.50
CA GLU A 611 15.24 -16.78 -70.82
C GLU A 611 16.75 -16.90 -70.92
N GLY A 612 17.47 -16.48 -69.88
CA GLY A 612 18.92 -16.54 -69.87
C GLY A 612 19.55 -15.32 -69.23
N ASN A 613 18.79 -14.23 -69.12
CA ASN A 613 19.32 -13.01 -68.54
C ASN A 613 19.64 -13.20 -67.06
N ILE A 614 20.67 -12.48 -66.61
CA ILE A 614 21.10 -12.47 -65.21
C ILE A 614 20.74 -11.12 -64.61
N LYS A 615 20.01 -11.15 -63.50
CA LYS A 615 19.58 -9.93 -62.83
C LYS A 615 19.84 -10.05 -61.33
N LEU A 616 20.28 -8.95 -60.73
CA LEU A 616 20.57 -8.88 -59.31
C LEU A 616 19.40 -8.21 -58.61
N TYR A 617 18.82 -8.90 -57.62
CA TYR A 617 17.71 -8.38 -56.83
C TYR A 617 18.20 -8.09 -55.42
N CYS A 618 18.04 -6.86 -54.97
CA CYS A 618 18.54 -6.41 -53.69
C CYS A 618 17.43 -5.67 -52.94
N LYS A 619 17.39 -5.85 -51.62
CA LYS A 619 16.45 -5.14 -50.78
C LYS A 619 17.09 -4.92 -49.42
N GLY A 620 16.90 -3.72 -48.87
CA GLY A 620 17.51 -3.39 -47.60
C GLY A 620 17.28 -1.93 -47.25
N ALA A 621 18.16 -1.41 -46.40
CA ALA A 621 18.02 -0.04 -45.92
C ALA A 621 18.14 0.95 -47.07
N ASP A 622 17.38 2.04 -46.97
CA ASP A 622 17.39 3.05 -48.02
C ASP A 622 18.75 3.75 -48.11
N THR A 623 19.36 4.04 -46.96
CA THR A 623 20.59 4.83 -46.96
C THR A 623 21.70 4.14 -47.73
N VAL A 624 21.91 2.86 -47.47
CA VAL A 624 22.98 2.13 -48.14
C VAL A 624 22.70 2.03 -49.64
N ILE A 625 21.46 1.78 -50.01
CA ILE A 625 21.13 1.61 -51.42
C ILE A 625 21.35 2.90 -52.19
N TYR A 626 20.98 4.04 -51.60
CA TYR A 626 21.10 5.32 -52.30
C TYR A 626 22.55 5.67 -52.61
N GLU A 627 23.52 5.04 -51.94
CA GLU A 627 24.92 5.21 -52.28
C GLU A 627 25.37 4.29 -53.41
N ARG A 628 24.49 3.45 -53.93
CA ARG A 628 24.81 2.48 -54.97
C ARG A 628 23.77 2.52 -56.08
N LEU A 629 23.32 3.72 -56.46
CA LEU A 629 22.33 3.89 -57.50
C LEU A 629 22.97 4.41 -58.78
N HIS A 630 22.37 4.06 -59.92
CA HIS A 630 22.83 4.57 -61.20
C HIS A 630 22.58 6.06 -61.29
N ARG A 631 23.42 6.74 -62.08
CA ARG A 631 23.26 8.18 -62.27
C ARG A 631 21.88 8.51 -62.83
N MET A 632 21.39 7.67 -63.75
CA MET A 632 20.07 7.84 -64.33
C MET A 632 19.06 7.10 -63.46
N ASN A 633 18.24 7.86 -62.73
CA ASN A 633 17.22 7.29 -61.86
C ASN A 633 16.13 8.33 -61.60
N PRO A 634 15.16 8.49 -62.50
CA PRO A 634 14.13 9.51 -62.28
C PRO A 634 13.31 9.29 -61.02
N THR A 635 13.17 8.04 -60.58
CA THR A 635 12.37 7.73 -59.40
C THR A 635 13.14 7.90 -58.09
N LYS A 636 14.42 8.28 -58.16
CA LYS A 636 15.20 8.45 -56.94
C LYS A 636 14.60 9.53 -56.04
N GLN A 637 14.22 10.67 -56.62
CA GLN A 637 13.66 11.75 -55.83
C GLN A 637 12.24 11.42 -55.38
N GLU A 638 11.42 10.87 -56.28
CA GLU A 638 10.05 10.54 -55.92
C GLU A 638 10.01 9.46 -54.86
N THR A 639 10.86 8.44 -54.97
CA THR A 639 10.89 7.37 -53.98
C THR A 639 11.31 7.91 -52.62
N GLN A 640 12.27 8.83 -52.60
CA GLN A 640 12.69 9.44 -51.34
C GLN A 640 11.52 10.11 -50.64
N ASP A 641 10.66 10.80 -51.41
CA ASP A 641 9.48 11.42 -50.82
C ASP A 641 8.53 10.37 -50.27
N ALA A 642 8.36 9.25 -51.00
CA ALA A 642 7.46 8.20 -50.54
C ALA A 642 7.95 7.59 -49.23
N LEU A 643 9.26 7.39 -49.10
CA LEU A 643 9.79 6.82 -47.86
C LEU A 643 9.50 7.73 -46.68
N ASP A 644 9.65 9.05 -46.87
CA ASP A 644 9.34 9.97 -45.79
C ASP A 644 7.89 9.86 -45.34
N ILE A 645 6.99 9.56 -46.27
CA ILE A 645 5.59 9.37 -45.90
C ILE A 645 5.42 8.13 -45.04
N PHE A 646 6.05 7.02 -45.45
CA PHE A 646 6.02 5.82 -44.63
C PHE A 646 6.77 6.03 -43.32
N ALA A 647 7.92 6.71 -43.38
CA ALA A 647 8.68 6.97 -42.16
C ALA A 647 7.87 7.83 -41.19
N ASN A 648 7.19 8.85 -41.71
CA ASN A 648 6.31 9.66 -40.86
C ASN A 648 5.14 8.85 -40.32
N GLU A 649 4.77 7.77 -41.00
CA GLU A 649 3.70 6.88 -40.55
C GLU A 649 4.20 5.75 -39.67
N THR A 650 5.50 5.72 -39.34
CA THR A 650 6.09 4.70 -38.49
C THR A 650 5.88 3.30 -39.06
N LEU A 651 6.45 3.09 -40.25
CA LEU A 651 6.44 1.81 -40.92
C LEU A 651 7.85 1.49 -41.38
N ARG A 652 8.20 0.20 -41.35
CA ARG A 652 9.52 -0.24 -41.79
C ARG A 652 9.56 -0.23 -43.30
N THR A 653 10.48 0.53 -43.88
CA THR A 653 10.63 0.65 -45.32
C THR A 653 11.87 -0.11 -45.76
N LEU A 654 11.69 -1.06 -46.68
CA LEU A 654 12.79 -1.79 -47.31
C LEU A 654 12.84 -1.40 -48.77
N CYS A 655 13.82 -0.56 -49.12
CA CYS A 655 13.98 -0.15 -50.51
C CYS A 655 14.29 -1.35 -51.38
N LEU A 656 13.71 -1.37 -52.59
CA LEU A 656 13.91 -2.44 -53.55
C LEU A 656 14.66 -1.87 -54.76
N CYS A 657 15.71 -2.57 -55.18
CA CYS A 657 16.55 -2.09 -56.26
C CYS A 657 17.08 -3.29 -57.05
N TYR A 658 17.55 -3.02 -58.26
CA TYR A 658 18.07 -4.04 -59.13
C TYR A 658 19.02 -3.40 -60.15
N LYS A 659 19.81 -4.23 -60.81
CA LYS A 659 20.68 -3.78 -61.88
C LYS A 659 20.85 -4.89 -62.89
N GLU A 660 21.28 -4.50 -64.10
CA GLU A 660 21.48 -5.44 -65.19
C GLU A 660 22.90 -5.95 -65.17
N ILE A 661 23.05 -7.28 -65.23
CA ILE A 661 24.35 -7.94 -65.22
C ILE A 661 24.50 -8.68 -66.54
N GLU A 662 25.56 -8.38 -67.28
CA GLU A 662 25.82 -9.03 -68.55
C GLU A 662 26.47 -10.39 -68.32
N GLU A 663 26.41 -11.24 -69.34
CA GLU A 663 26.99 -12.57 -69.24
C GLU A 663 28.50 -12.50 -69.00
N LYS A 664 29.19 -11.65 -69.76
CA LYS A 664 30.63 -11.51 -69.57
C LYS A 664 30.95 -10.85 -68.23
N GLU A 665 30.11 -9.90 -67.80
CA GLU A 665 30.33 -9.25 -66.52
C GLU A 665 30.22 -10.23 -65.36
N PHE A 666 29.23 -11.13 -65.42
CA PHE A 666 29.04 -12.09 -64.34
C PHE A 666 30.21 -13.06 -64.24
N THR A 667 30.73 -13.52 -65.38
CA THR A 667 31.76 -14.55 -65.36
C THR A 667 33.02 -14.06 -64.65
N GLU A 668 33.45 -12.83 -64.95
CA GLU A 668 34.63 -12.29 -64.28
C GLU A 668 34.39 -12.12 -62.79
N TRP A 669 33.18 -11.69 -62.41
CA TRP A 669 32.84 -11.60 -61.00
C TRP A 669 32.54 -12.96 -60.39
N ASN A 670 32.00 -13.89 -61.19
CA ASN A 670 31.62 -15.19 -60.65
C ASN A 670 32.84 -15.96 -60.15
N LYS A 671 33.94 -15.92 -60.90
CA LYS A 671 35.15 -16.62 -60.46
C LYS A 671 35.67 -16.05 -59.16
N LYS A 672 35.66 -14.73 -59.01
CA LYS A 672 36.09 -14.12 -57.76
C LYS A 672 35.18 -14.50 -56.60
N PHE A 673 33.87 -14.58 -56.85
CA PHE A 673 32.94 -14.99 -55.81
C PHE A 673 33.24 -16.39 -55.32
N MET A 674 33.51 -17.32 -56.25
CA MET A 674 33.86 -18.67 -55.86
C MET A 674 35.17 -18.68 -55.07
N ALA A 675 36.13 -17.85 -55.48
CA ALA A 675 37.39 -17.77 -54.75
C ALA A 675 37.17 -17.33 -53.31
N ALA A 676 36.30 -16.33 -53.10
CA ALA A 676 35.98 -15.92 -51.73
C ALA A 676 35.28 -17.03 -50.97
N SER A 677 34.35 -17.73 -51.62
CA SER A 677 33.61 -18.79 -50.94
C SER A 677 34.52 -19.94 -50.54
N VAL A 678 35.41 -20.36 -51.45
CA VAL A 678 36.29 -21.49 -51.15
C VAL A 678 37.39 -21.09 -50.16
N ALA A 679 37.63 -19.80 -49.97
CA ALA A 679 38.64 -19.35 -49.03
C ALA A 679 38.30 -19.82 -47.62
N SER A 680 39.34 -20.16 -46.85
CA SER A 680 39.17 -20.65 -45.49
C SER A 680 39.63 -19.66 -44.42
N THR A 681 40.37 -18.62 -44.80
CA THR A 681 40.89 -17.68 -43.80
C THR A 681 39.86 -16.64 -43.41
N ASN A 682 39.43 -15.82 -44.36
CA ASN A 682 38.51 -14.71 -44.10
C ASN A 682 37.42 -14.67 -45.16
N ARG A 683 36.79 -15.81 -45.43
CA ARG A 683 35.77 -15.88 -46.47
C ARG A 683 34.66 -14.86 -46.24
N ASP A 684 34.32 -14.60 -44.97
CA ASP A 684 33.32 -13.58 -44.69
C ASP A 684 33.78 -12.21 -45.18
N GLU A 685 35.03 -11.85 -44.90
CA GLU A 685 35.58 -10.60 -45.45
C GLU A 685 35.72 -10.69 -46.96
N ALA A 686 36.17 -11.83 -47.46
CA ALA A 686 36.32 -11.99 -48.91
C ALA A 686 34.98 -11.89 -49.62
N LEU A 687 33.93 -12.47 -49.02
CA LEU A 687 32.61 -12.39 -49.62
C LEU A 687 32.15 -10.95 -49.73
N ASP A 688 32.36 -10.16 -48.67
CA ASP A 688 31.97 -8.74 -48.72
C ASP A 688 32.74 -7.99 -49.79
N LYS A 689 33.97 -8.42 -50.08
CA LYS A 689 34.76 -7.76 -51.11
C LYS A 689 34.09 -7.88 -52.48
N VAL A 690 33.67 -9.10 -52.84
CA VAL A 690 33.01 -9.28 -54.12
C VAL A 690 31.62 -8.68 -54.11
N TYR A 691 30.96 -8.65 -52.95
CA TYR A 691 29.61 -8.08 -52.87
C TYR A 691 29.62 -6.61 -53.26
N GLU A 692 30.62 -5.85 -52.80
CA GLU A 692 30.69 -4.43 -53.15
C GLU A 692 30.95 -4.24 -54.64
N GLU A 693 31.79 -5.10 -55.23
CA GLU A 693 32.18 -4.90 -56.63
C GLU A 693 30.98 -5.00 -57.57
N ILE A 694 30.11 -5.97 -57.34
CA ILE A 694 28.97 -6.15 -58.25
C ILE A 694 27.97 -5.02 -58.08
N GLU A 695 27.75 -4.56 -56.84
CA GLU A 695 26.76 -3.54 -56.55
C GLU A 695 27.40 -2.16 -56.67
N LYS A 696 27.34 -1.60 -57.88
CA LYS A 696 27.82 -0.24 -58.15
C LYS A 696 26.68 0.69 -58.56
N ASP A 697 25.93 0.33 -59.60
CA ASP A 697 24.81 1.12 -60.09
C ASP A 697 23.56 0.26 -60.02
N LEU A 698 22.62 0.67 -59.16
CA LEU A 698 21.37 -0.06 -58.94
C LEU A 698 20.20 0.82 -59.34
N ILE A 699 19.29 0.26 -60.13
CA ILE A 699 18.08 0.97 -60.54
C ILE A 699 17.04 0.79 -59.44
N LEU A 700 16.75 1.86 -58.72
CA LEU A 700 15.77 1.79 -57.63
C LEU A 700 14.39 1.47 -58.19
N LEU A 701 13.71 0.51 -57.56
CA LEU A 701 12.38 0.08 -57.98
C LEU A 701 11.27 0.65 -57.12
N GLY A 702 11.48 0.75 -55.82
CA GLY A 702 10.45 1.27 -54.92
C GLY A 702 10.77 0.88 -53.50
N ALA A 703 9.70 0.76 -52.70
CA ALA A 703 9.84 0.41 -51.30
C ALA A 703 8.54 -0.24 -50.81
N THR A 704 8.65 -0.94 -49.70
CA THR A 704 7.52 -1.59 -49.05
C THR A 704 7.25 -0.91 -47.71
N ALA A 705 6.18 -1.34 -47.05
CA ALA A 705 5.79 -0.78 -45.77
C ALA A 705 5.21 -1.87 -44.90
N ILE A 706 5.80 -2.06 -43.72
CA ILE A 706 5.39 -3.09 -42.78
C ILE A 706 5.22 -2.43 -41.41
N GLU A 707 4.14 -2.79 -40.72
CA GLU A 707 3.79 -2.17 -39.43
C GLU A 707 4.12 -3.16 -38.32
N ASP A 708 4.93 -2.72 -37.36
CA ASP A 708 5.15 -3.47 -36.13
C ASP A 708 3.99 -3.16 -35.19
N LYS A 709 2.98 -4.02 -35.19
CA LYS A 709 1.72 -3.73 -34.53
C LYS A 709 1.94 -3.54 -33.03
N LEU A 710 1.64 -2.34 -32.54
CA LEU A 710 1.65 -2.08 -31.12
C LEU A 710 0.40 -2.67 -30.47
N GLN A 711 0.48 -2.88 -29.15
CA GLN A 711 -0.72 -3.13 -28.39
C GLN A 711 -1.62 -1.91 -28.47
N ASP A 712 -2.91 -2.14 -28.70
CA ASP A 712 -3.83 -1.02 -28.81
C ASP A 712 -3.93 -0.28 -27.47
N GLY A 713 -4.05 1.05 -27.55
CA GLY A 713 -4.09 1.87 -26.37
C GLY A 713 -2.75 2.23 -25.78
N VAL A 714 -1.66 1.89 -26.46
CA VAL A 714 -0.31 2.18 -25.95
C VAL A 714 0.00 3.66 -26.15
N PRO A 715 -0.13 4.22 -27.36
CA PRO A 715 0.13 5.65 -27.51
C PRO A 715 -0.76 6.52 -26.64
N GLU A 716 -2.02 6.11 -26.41
CA GLU A 716 -2.92 6.86 -25.55
C GLU A 716 -2.58 6.71 -24.08
N THR A 717 -1.94 5.61 -23.70
CA THR A 717 -1.53 5.44 -22.32
C THR A 717 -0.30 6.28 -22.00
N ILE A 718 0.66 6.33 -22.91
CA ILE A 718 1.89 7.09 -22.66
C ILE A 718 1.58 8.58 -22.55
N SER A 719 0.62 9.07 -23.34
CA SER A 719 0.24 10.48 -23.23
C SER A 719 -0.41 10.78 -21.90
N LYS A 720 -1.34 9.92 -21.46
CA LYS A 720 -2.03 10.15 -20.20
C LYS A 720 -1.07 10.09 -19.02
N LEU A 721 -0.18 9.08 -19.00
CA LEU A 721 0.78 8.98 -17.91
C LEU A 721 1.80 10.11 -17.99
N ALA A 722 2.06 10.64 -19.19
CA ALA A 722 2.90 11.83 -19.30
C ALA A 722 2.22 13.03 -18.65
N LYS A 723 0.91 13.17 -18.83
CA LYS A 723 0.18 14.26 -18.20
C LYS A 723 0.15 14.12 -16.68
N ALA A 724 0.35 12.91 -16.15
CA ALA A 724 0.50 12.71 -14.72
C ALA A 724 1.92 12.94 -14.25
N ASP A 725 2.81 13.44 -15.12
CA ASP A 725 4.20 13.72 -14.79
C ASP A 725 4.95 12.43 -14.44
N ILE A 726 4.68 11.37 -15.18
CA ILE A 726 5.42 10.11 -15.08
C ILE A 726 6.33 10.00 -16.29
N LYS A 727 7.61 9.74 -16.05
CA LYS A 727 8.59 9.56 -17.11
C LYS A 727 8.61 8.09 -17.51
N ILE A 728 8.53 7.83 -18.81
CA ILE A 728 8.47 6.48 -19.34
C ILE A 728 9.75 6.23 -20.13
N TRP A 729 10.56 5.30 -19.64
CA TRP A 729 11.78 4.84 -20.31
C TRP A 729 11.54 3.45 -20.86
N VAL A 730 12.00 3.22 -22.08
CA VAL A 730 11.88 1.93 -22.73
C VAL A 730 13.23 1.24 -22.65
N LEU A 731 13.31 0.18 -21.84
CA LEU A 731 14.49 -0.65 -21.71
C LEU A 731 14.22 -1.95 -22.45
N THR A 732 14.90 -2.16 -23.57
CA THR A 732 14.65 -3.29 -24.44
C THR A 732 15.96 -3.96 -24.82
N GLY A 733 15.91 -5.27 -24.97
CA GLY A 733 17.01 -6.06 -25.47
C GLY A 733 17.05 -6.18 -26.98
N ASP A 734 16.15 -5.49 -27.68
CA ASP A 734 16.13 -5.53 -29.13
C ASP A 734 17.09 -4.49 -29.71
N LYS A 735 17.30 -4.57 -31.02
CA LYS A 735 18.30 -3.72 -31.67
C LYS A 735 17.82 -2.27 -31.70
N LYS A 736 18.75 -1.38 -32.01
CA LYS A 736 18.47 0.06 -31.92
C LYS A 736 17.39 0.48 -32.92
N GLU A 737 17.48 0.02 -34.17
CA GLU A 737 16.56 0.48 -35.19
C GLU A 737 15.12 0.11 -34.86
N THR A 738 14.91 -1.11 -34.37
CA THR A 738 13.57 -1.50 -33.93
C THR A 738 13.12 -0.69 -32.73
N ALA A 739 14.02 -0.48 -31.76
CA ALA A 739 13.64 0.26 -30.56
C ALA A 739 13.28 1.70 -30.88
N GLU A 740 14.07 2.35 -31.75
CA GLU A 740 13.77 3.72 -32.12
C GLU A 740 12.48 3.82 -32.92
N ASN A 741 12.24 2.85 -33.81
CA ASN A 741 11.02 2.88 -34.61
C ASN A 741 9.78 2.77 -33.74
N ILE A 742 9.81 1.90 -32.73
CA ILE A 742 8.67 1.78 -31.83
C ILE A 742 8.51 3.04 -30.98
N GLY A 743 9.62 3.73 -30.71
CA GLY A 743 9.52 4.98 -29.97
C GLY A 743 8.68 6.01 -30.69
N PHE A 744 8.86 6.13 -32.01
CA PHE A 744 8.04 7.05 -32.78
C PHE A 744 6.60 6.55 -32.86
N ALA A 745 6.40 5.24 -32.98
CA ALA A 745 5.05 4.70 -33.03
C ALA A 745 4.29 4.96 -31.74
N CYS A 746 4.96 4.81 -30.60
CA CYS A 746 4.34 5.08 -29.31
C CYS A 746 4.13 6.56 -29.05
N GLU A 747 4.67 7.44 -29.89
CA GLU A 747 4.66 8.89 -29.77
C GLU A 747 5.63 9.37 -28.70
N LEU A 748 6.48 8.50 -28.16
CA LEU A 748 7.52 8.95 -27.25
C LEU A 748 8.48 9.91 -27.96
N LEU A 749 8.83 9.60 -29.20
CA LEU A 749 9.62 10.48 -30.06
C LEU A 749 8.70 11.10 -31.10
N THR A 750 8.89 12.38 -31.37
CA THR A 750 8.12 13.10 -32.36
C THR A 750 9.08 13.91 -33.23
N GLU A 751 8.52 14.62 -34.21
CA GLU A 751 9.36 15.46 -35.06
C GLU A 751 10.05 16.56 -34.25
N ASP A 752 9.41 17.03 -33.18
CA ASP A 752 10.04 18.05 -32.35
C ASP A 752 11.26 17.51 -31.64
N THR A 753 11.21 16.27 -31.16
CA THR A 753 12.31 15.71 -30.39
C THR A 753 13.58 15.66 -31.23
N THR A 754 14.69 16.09 -30.64
CA THR A 754 16.01 15.94 -31.23
C THR A 754 16.70 14.76 -30.54
N ILE A 755 17.03 13.74 -31.31
CA ILE A 755 17.51 12.47 -30.77
C ILE A 755 19.00 12.58 -30.49
N CYS A 756 19.40 12.22 -29.28
CA CYS A 756 20.80 12.18 -28.88
C CYS A 756 21.21 10.74 -28.61
N TYR A 757 22.29 10.30 -29.26
CA TYR A 757 22.75 8.93 -29.15
C TYR A 757 23.91 8.86 -28.15
N GLY A 758 24.52 7.68 -28.05
CA GLY A 758 25.60 7.50 -27.09
C GLY A 758 26.77 8.44 -27.35
N GLU A 759 27.09 8.67 -28.62
CA GLU A 759 28.20 9.56 -28.95
C GLU A 759 27.91 10.98 -28.48
N ASP A 760 26.69 11.46 -28.68
CA ASP A 760 26.35 12.82 -28.25
C ASP A 760 26.36 12.93 -26.73
N ILE A 761 25.86 11.92 -26.03
CA ILE A 761 25.86 11.95 -24.58
C ILE A 761 27.29 11.93 -24.04
N ASN A 762 28.15 11.12 -24.65
CA ASN A 762 29.51 10.97 -24.16
C ASN A 762 30.25 12.31 -24.18
N SER A 763 30.04 13.11 -25.23
CA SER A 763 30.68 14.41 -25.29
C SER A 763 30.23 15.31 -24.14
N LEU A 764 28.93 15.31 -23.84
CA LEU A 764 28.42 16.17 -22.77
C LEU A 764 28.94 15.73 -21.41
N LEU A 765 28.82 14.44 -21.09
CA LEU A 765 29.25 13.97 -19.77
C LEU A 765 30.75 14.16 -19.59
N HIS A 766 31.53 13.85 -20.62
CA HIS A 766 32.98 14.06 -20.52
C HIS A 766 33.31 15.53 -20.34
N ALA A 767 32.54 16.41 -20.98
CA ALA A 767 32.76 17.84 -20.81
C ALA A 767 32.49 18.26 -19.37
N ARG A 768 31.44 17.70 -18.75
CA ARG A 768 31.12 18.07 -17.37
C ARG A 768 32.24 17.68 -16.42
N MET A 769 32.80 16.49 -16.59
CA MET A 769 33.93 16.10 -15.75
C MET A 769 35.13 17.00 -15.96
N GLU A 770 35.41 17.35 -17.22
CA GLU A 770 36.48 18.30 -17.49
C GLU A 770 36.16 19.68 -16.92
N ASN A 771 34.88 20.06 -16.90
CA ASN A 771 34.50 21.35 -16.33
C ASN A 771 34.87 21.43 -14.86
N GLN A 772 34.59 20.37 -14.09
CA GLN A 772 35.01 20.35 -12.70
C GLN A 772 36.52 20.36 -12.57
N ARG A 773 37.20 19.59 -13.41
CA ARG A 773 38.65 19.50 -13.37
C ARG A 773 39.30 20.85 -13.65
N GLN A 787 23.31 22.09 -10.33
CA GLN A 787 24.31 22.05 -11.38
C GLN A 787 23.70 22.51 -12.72
N GLU A 788 24.56 22.98 -13.62
CA GLU A 788 24.10 23.44 -14.92
C GLU A 788 23.44 22.29 -15.68
N SER A 789 22.27 22.58 -16.25
CA SER A 789 21.58 21.57 -17.05
C SER A 789 22.35 21.27 -18.32
N PHE A 790 22.31 20.01 -18.75
CA PHE A 790 23.05 19.60 -19.94
C PHE A 790 22.46 20.17 -21.22
N PHE A 791 21.19 20.57 -21.20
CA PHE A 791 20.49 21.12 -22.36
C PHE A 791 19.77 22.38 -21.95
N PRO A 792 19.42 23.25 -22.91
CA PRO A 792 18.61 24.41 -22.58
C PRO A 792 17.27 23.98 -22.04
N PRO A 793 16.69 24.78 -21.13
CA PRO A 793 15.43 24.34 -20.48
C PRO A 793 14.28 24.13 -21.46
N GLY A 794 14.21 24.91 -22.53
CA GLY A 794 13.07 24.85 -23.43
C GLY A 794 13.14 23.76 -24.49
N GLY A 795 14.23 23.02 -24.58
CA GLY A 795 14.37 22.03 -25.61
C GLY A 795 13.59 20.75 -25.33
N ASN A 796 13.39 19.97 -26.39
CA ASN A 796 12.79 18.65 -26.31
C ASN A 796 13.79 17.64 -26.86
N ARG A 797 14.15 16.65 -26.04
CA ARG A 797 15.21 15.73 -26.38
C ARG A 797 14.88 14.33 -25.90
N ALA A 798 15.51 13.35 -26.54
CA ALA A 798 15.37 11.96 -26.15
C ALA A 798 16.71 11.26 -26.32
N LEU A 799 16.92 10.19 -25.55
CA LEU A 799 18.15 9.41 -25.59
C LEU A 799 17.87 8.02 -26.15
N ILE A 800 18.65 7.65 -27.17
CA ILE A 800 18.66 6.29 -27.69
C ILE A 800 20.05 5.75 -27.45
N ILE A 801 20.25 5.09 -26.31
CA ILE A 801 21.57 4.64 -25.87
C ILE A 801 21.62 3.12 -25.96
N THR A 802 22.61 2.61 -26.68
CA THR A 802 22.80 1.18 -26.82
C THR A 802 23.42 0.62 -25.54
N GLY A 803 23.12 -0.65 -25.26
CA GLY A 803 23.64 -1.27 -24.05
C GLY A 803 25.15 -1.29 -24.02
N SER A 804 25.78 -1.45 -25.18
CA SER A 804 27.24 -1.36 -25.25
C SER A 804 27.72 0.03 -24.84
N TRP A 805 27.04 1.07 -25.30
CA TRP A 805 27.41 2.42 -24.91
C TRP A 805 27.10 2.69 -23.44
N LEU A 806 26.10 2.02 -22.89
CA LEU A 806 25.74 2.25 -21.50
C LEU A 806 26.89 1.91 -20.56
N ASN A 807 27.59 0.80 -20.85
CA ASN A 807 28.75 0.45 -20.04
C ASN A 807 29.85 1.51 -20.14
N GLU A 808 30.09 2.02 -21.34
CA GLU A 808 31.18 2.98 -21.53
C GLU A 808 30.90 4.28 -20.77
N ILE A 809 29.71 4.85 -20.95
CA ILE A 809 29.41 6.14 -20.33
C ILE A 809 29.36 6.02 -18.81
N LEU A 810 29.02 4.83 -18.29
CA LEU A 810 28.97 4.60 -16.85
C LEU A 810 30.27 4.01 -16.31
N LEU A 811 31.30 3.83 -17.15
CA LEU A 811 32.59 3.29 -16.72
C LEU A 811 32.44 1.89 -16.12
N GLU A 812 31.42 1.15 -16.56
CA GLU A 812 31.18 -0.18 -16.04
C GLU A 812 31.95 -1.27 -16.77
N LYS A 813 32.74 -0.91 -17.79
CA LYS A 813 33.58 -1.88 -18.49
C LYS A 813 34.54 -2.55 -17.53
N ARG A 833 48.09 -0.22 1.47
CA ARG A 833 48.90 -0.27 0.25
C ARG A 833 48.20 0.45 -0.90
N MET A 834 48.97 0.78 -1.94
CA MET A 834 48.42 1.57 -3.04
C MET A 834 47.24 0.89 -3.70
N ARG A 835 47.16 -0.44 -3.63
CA ARG A 835 46.03 -1.14 -4.22
C ARG A 835 44.72 -0.71 -3.57
N THR A 836 44.72 -0.57 -2.24
CA THR A 836 43.53 -0.08 -1.55
C THR A 836 43.34 1.42 -1.73
N GLN A 837 44.44 2.18 -1.83
CA GLN A 837 44.33 3.63 -1.98
C GLN A 837 43.61 3.99 -3.28
N SER A 838 44.04 3.40 -4.39
CA SER A 838 43.49 3.78 -5.70
C SER A 838 42.02 3.41 -5.81
N LYS A 839 41.56 2.40 -5.08
CA LYS A 839 40.17 1.97 -5.19
C LYS A 839 39.21 3.08 -4.78
N ARG A 840 39.56 3.84 -3.73
CA ARG A 840 38.69 4.91 -3.28
C ARG A 840 38.48 5.95 -4.37
N ARG A 841 39.55 6.34 -5.06
CA ARG A 841 39.39 7.24 -6.20
C ARG A 841 38.63 6.56 -7.33
N LEU A 842 38.83 5.26 -7.52
CA LEU A 842 38.10 4.55 -8.56
C LEU A 842 36.60 4.60 -8.29
N GLU A 843 36.19 4.42 -7.03
CA GLU A 843 34.79 4.60 -6.67
C GLU A 843 34.40 6.07 -6.67
N ALA A 844 35.36 6.97 -6.48
CA ALA A 844 35.05 8.39 -6.42
C ALA A 844 34.52 8.91 -7.75
N LYS A 845 35.24 8.63 -8.83
CA LYS A 845 34.79 9.09 -10.14
C LYS A 845 33.63 8.27 -10.68
N LYS A 846 33.60 6.97 -10.36
CA LYS A 846 32.49 6.14 -10.81
C LYS A 846 31.16 6.63 -10.21
N GLU A 847 31.17 7.02 -8.95
CA GLU A 847 29.97 7.61 -8.35
C GLU A 847 29.61 8.91 -9.05
N GLN A 848 30.61 9.74 -9.35
CA GLN A 848 30.35 10.99 -10.06
C GLN A 848 29.83 10.74 -11.48
N ARG A 849 30.44 9.77 -12.18
CA ARG A 849 30.03 9.53 -13.56
C ARG A 849 28.60 9.01 -13.64
N GLN A 850 28.22 8.13 -12.71
CA GLN A 850 26.85 7.63 -12.70
C GLN A 850 25.86 8.75 -12.42
N LYS A 851 26.19 9.64 -11.49
CA LYS A 851 25.28 10.74 -11.17
C LYS A 851 25.07 11.66 -12.37
N ASN A 852 26.14 11.95 -13.11
CA ASN A 852 26.01 12.85 -14.24
C ASN A 852 25.08 12.28 -15.30
N PHE A 853 25.17 10.97 -15.56
CA PHE A 853 24.29 10.35 -16.55
C PHE A 853 22.83 10.44 -16.13
N VAL A 854 22.54 10.18 -14.86
CA VAL A 854 21.16 10.23 -14.40
C VAL A 854 20.63 11.65 -14.46
N ASP A 855 21.47 12.64 -14.14
CA ASP A 855 21.07 14.03 -14.31
C ASP A 855 20.77 14.34 -15.77
N LEU A 856 21.62 13.86 -16.68
CA LEU A 856 21.37 14.05 -18.11
C LEU A 856 20.14 13.27 -18.55
N ALA A 857 20.03 12.01 -18.14
CA ALA A 857 18.95 11.16 -18.63
C ALA A 857 17.59 11.67 -18.20
N CYS A 858 17.49 12.17 -16.97
CA CYS A 858 16.21 12.64 -16.44
C CYS A 858 15.82 14.01 -16.95
N GLU A 859 16.73 14.73 -17.62
CA GLU A 859 16.37 15.98 -18.28
C GLU A 859 15.63 15.75 -19.60
N CYS A 860 15.68 14.54 -20.14
CA CYS A 860 15.11 14.25 -21.45
C CYS A 860 13.66 13.80 -21.33
N SER A 861 12.89 14.12 -22.37
CA SER A 861 11.47 13.75 -22.37
C SER A 861 11.30 12.23 -22.36
N ALA A 862 12.10 11.52 -23.15
CA ALA A 862 12.04 10.07 -23.20
C ALA A 862 13.45 9.51 -23.33
N VAL A 863 13.64 8.31 -22.79
CA VAL A 863 14.91 7.59 -22.90
C VAL A 863 14.60 6.18 -23.37
N ILE A 864 15.31 5.73 -24.39
CA ILE A 864 15.17 4.39 -24.93
C ILE A 864 16.54 3.72 -24.82
N CYS A 865 16.61 2.65 -24.03
CA CYS A 865 17.82 1.86 -23.86
C CYS A 865 17.66 0.57 -24.64
N CYS A 866 18.53 0.36 -25.62
CA CYS A 866 18.45 -0.76 -26.54
C CYS A 866 19.66 -1.66 -26.39
N ARG A 867 19.47 -2.95 -26.66
CA ARG A 867 20.53 -3.94 -26.56
C ARG A 867 21.09 -4.04 -25.15
N VAL A 868 20.26 -3.77 -24.15
CA VAL A 868 20.68 -3.85 -22.75
C VAL A 868 20.41 -5.25 -22.23
N THR A 869 21.40 -5.81 -21.53
CA THR A 869 21.24 -7.12 -20.93
C THR A 869 20.31 -7.03 -19.73
N PRO A 870 19.75 -8.17 -19.27
CA PRO A 870 18.86 -8.11 -18.10
C PRO A 870 19.51 -7.49 -16.89
N LYS A 871 20.81 -7.67 -16.70
CA LYS A 871 21.51 -7.00 -15.60
C LYS A 871 21.50 -5.49 -15.80
N GLN A 872 21.66 -5.03 -17.05
CA GLN A 872 21.66 -3.60 -17.31
C GLN A 872 20.28 -2.98 -17.15
N LYS A 873 19.22 -3.76 -17.39
CA LYS A 873 17.88 -3.25 -17.18
C LYS A 873 17.65 -2.88 -15.72
N ALA A 874 18.10 -3.75 -14.80
CA ALA A 874 17.98 -3.43 -13.37
C ALA A 874 18.99 -2.39 -12.96
N MET A 875 20.13 -2.32 -13.64
CA MET A 875 21.12 -1.29 -13.33
C MET A 875 20.57 0.11 -13.60
N VAL A 876 19.80 0.26 -14.67
CA VAL A 876 19.23 1.56 -15.01
C VAL A 876 18.15 1.95 -14.00
N VAL A 877 17.31 0.99 -13.61
CA VAL A 877 16.29 1.26 -12.59
C VAL A 877 16.95 1.61 -11.27
N ASP A 878 18.07 0.95 -10.95
CA ASP A 878 18.76 1.23 -9.70
C ASP A 878 19.32 2.65 -9.70
N LEU A 879 19.86 3.10 -10.83
CA LEU A 879 20.43 4.44 -10.89
C LEU A 879 19.38 5.50 -10.60
N VAL A 880 18.18 5.35 -11.17
CA VAL A 880 17.11 6.30 -10.89
C VAL A 880 16.68 6.22 -9.45
N LYS A 881 16.60 5.00 -8.90
CA LYS A 881 16.24 4.85 -7.49
C LYS A 881 17.28 5.51 -6.59
N ARG A 882 18.56 5.39 -6.94
CA ARG A 882 19.62 5.83 -6.05
C ARG A 882 19.91 7.32 -6.21
N TYR A 883 20.14 7.78 -7.44
CA TYR A 883 20.59 9.14 -7.67
C TYR A 883 19.45 10.14 -7.83
N LYS A 884 18.20 9.68 -7.91
CA LYS A 884 17.05 10.56 -7.96
C LYS A 884 16.06 10.33 -6.82
N LYS A 885 16.21 9.26 -6.05
CA LYS A 885 15.30 8.95 -4.95
C LYS A 885 13.86 8.92 -5.45
N ALA A 886 13.66 8.35 -6.63
CA ALA A 886 12.36 8.29 -7.28
C ALA A 886 11.72 6.94 -7.05
N ILE A 887 10.39 6.93 -7.03
CA ILE A 887 9.61 5.70 -7.00
C ILE A 887 9.46 5.21 -8.43
N THR A 888 9.94 4.01 -8.68
CA THR A 888 10.07 3.47 -10.02
C THR A 888 9.11 2.31 -10.22
N LEU A 889 8.52 2.23 -11.41
CA LEU A 889 7.71 1.11 -11.83
C LEU A 889 8.39 0.43 -13.01
N ALA A 890 8.38 -0.90 -13.02
CA ALA A 890 8.97 -1.68 -14.10
C ALA A 890 7.90 -2.61 -14.65
N ILE A 891 7.62 -2.48 -15.95
CA ILE A 891 6.63 -3.29 -16.64
C ILE A 891 7.32 -4.01 -17.78
N GLY A 892 7.07 -5.30 -17.91
CA GLY A 892 7.73 -6.06 -18.95
C GLY A 892 7.17 -7.46 -19.02
N ASP A 893 7.75 -8.24 -19.92
CA ASP A 893 7.40 -9.63 -20.11
C ASP A 893 8.66 -10.41 -20.46
N GLY A 894 8.64 -11.70 -20.14
CA GLY A 894 9.77 -12.56 -20.39
C GLY A 894 10.81 -12.49 -19.29
N ALA A 895 11.81 -13.37 -19.42
CA ALA A 895 12.79 -13.53 -18.35
C ALA A 895 13.80 -12.38 -18.30
N ASN A 896 13.96 -11.62 -19.39
CA ASN A 896 14.91 -10.51 -19.37
C ASN A 896 14.42 -9.32 -18.56
N ASP A 897 13.15 -9.30 -18.18
CA ASP A 897 12.59 -8.22 -17.36
C ASP A 897 12.46 -8.61 -15.90
N VAL A 898 12.83 -9.84 -15.53
CA VAL A 898 12.67 -10.27 -14.14
C VAL A 898 13.59 -9.46 -13.24
N ASN A 899 14.81 -9.17 -13.68
CA ASN A 899 15.76 -8.45 -12.84
C ASN A 899 15.24 -7.05 -12.49
N MET A 900 14.75 -6.32 -13.49
CA MET A 900 14.27 -4.97 -13.23
C MET A 900 12.90 -4.97 -12.57
N ILE A 901 12.07 -5.99 -12.85
CA ILE A 901 10.79 -6.11 -12.16
C ILE A 901 11.02 -6.33 -10.68
N LYS A 902 12.05 -7.10 -10.32
CA LYS A 902 12.37 -7.33 -8.92
C LYS A 902 13.17 -6.19 -8.30
N THR A 903 13.79 -5.34 -9.12
CA THR A 903 14.57 -4.22 -8.60
C THR A 903 13.73 -2.96 -8.43
N ALA A 904 12.71 -2.77 -9.25
CA ALA A 904 11.89 -1.57 -9.15
C ALA A 904 11.04 -1.60 -7.89
N HIS A 905 10.55 -0.42 -7.51
CA HIS A 905 9.65 -0.33 -6.36
C HIS A 905 8.37 -1.11 -6.61
N ILE A 906 7.82 -1.00 -7.81
CA ILE A 906 6.66 -1.76 -8.25
C ILE A 906 7.03 -2.49 -9.52
N GLY A 907 6.75 -3.79 -9.58
CA GLY A 907 7.07 -4.59 -10.74
C GLY A 907 5.82 -5.19 -11.36
N VAL A 908 5.64 -4.99 -12.66
CA VAL A 908 4.45 -5.44 -13.38
C VAL A 908 4.91 -6.44 -14.44
N GLY A 909 4.21 -7.56 -14.52
CA GLY A 909 4.42 -8.55 -15.56
C GLY A 909 3.21 -8.62 -16.47
N ILE A 910 3.48 -8.82 -17.76
CA ILE A 910 2.42 -8.91 -18.76
C ILE A 910 2.04 -10.37 -18.92
N SER A 911 0.81 -10.71 -18.58
CA SER A 911 0.34 -12.08 -18.56
C SER A 911 -0.49 -12.37 -19.81
N GLY A 912 -1.06 -13.56 -19.86
CA GLY A 912 -1.91 -13.98 -20.96
C GLY A 912 -1.19 -14.69 -22.09
N GLN A 913 0.13 -14.59 -22.14
CA GLN A 913 0.91 -15.20 -23.22
C GLN A 913 1.44 -16.56 -22.78
N GLU A 914 2.18 -17.21 -23.67
CA GLU A 914 2.74 -18.52 -23.37
C GLU A 914 3.78 -18.44 -22.25
N GLY A 915 4.62 -17.41 -22.28
CA GLY A 915 5.65 -17.25 -21.28
C GLY A 915 5.15 -16.52 -20.06
N MET A 916 5.69 -16.89 -18.90
CA MET A 916 5.22 -16.33 -17.63
C MET A 916 6.37 -16.07 -16.66
N GLN A 917 7.60 -15.93 -17.17
CA GLN A 917 8.73 -15.72 -16.28
C GLN A 917 8.60 -14.41 -15.51
N ALA A 918 8.17 -13.35 -16.19
CA ALA A 918 8.03 -12.05 -15.53
C ALA A 918 6.82 -12.01 -14.60
N VAL A 919 5.74 -12.70 -14.96
CA VAL A 919 4.53 -12.65 -14.15
C VAL A 919 4.75 -13.28 -12.79
N MET A 920 5.57 -14.34 -12.73
CA MET A 920 5.80 -15.00 -11.45
C MET A 920 6.53 -14.10 -10.46
N SER A 921 7.47 -13.30 -10.96
CA SER A 921 8.29 -12.44 -10.11
C SER A 921 7.71 -11.05 -9.93
N SER A 922 6.54 -10.76 -10.49
CA SER A 922 6.00 -9.41 -10.48
C SER A 922 5.11 -9.19 -9.25
N ASP A 923 4.81 -7.91 -9.01
CA ASP A 923 3.89 -7.51 -7.95
C ASP A 923 2.45 -7.45 -8.45
N TYR A 924 2.25 -6.98 -9.68
CA TYR A 924 0.95 -6.93 -10.32
C TYR A 924 1.06 -7.54 -11.70
N SER A 925 -0.07 -8.03 -12.21
CA SER A 925 -0.08 -8.75 -13.47
C SER A 925 -1.36 -8.45 -14.21
N PHE A 926 -1.22 -7.94 -15.44
CA PHE A 926 -2.33 -7.76 -16.36
C PHE A 926 -1.82 -7.88 -17.77
N ALA A 927 -2.74 -8.18 -18.69
CA ALA A 927 -2.35 -8.65 -20.02
C ALA A 927 -2.00 -7.53 -21.00
N GLN A 928 -2.60 -6.36 -20.86
CA GLN A 928 -2.43 -5.28 -21.83
C GLN A 928 -1.78 -4.08 -21.18
N PHE A 929 -0.84 -3.46 -21.92
CA PHE A 929 -0.16 -2.27 -21.42
C PHE A 929 -1.14 -1.15 -21.09
N ARG A 930 -2.25 -1.06 -21.83
CA ARG A 930 -3.18 0.05 -21.65
C ARG A 930 -3.86 0.03 -20.28
N TYR A 931 -3.84 -1.10 -19.58
CA TYR A 931 -4.41 -1.14 -18.23
C TYR A 931 -3.52 -0.46 -17.21
N LEU A 932 -2.34 0.01 -17.62
CA LEU A 932 -1.50 0.79 -16.73
C LEU A 932 -2.13 2.14 -16.39
N GLN A 933 -3.10 2.59 -17.18
CA GLN A 933 -3.83 3.81 -16.84
C GLN A 933 -4.65 3.63 -15.58
N ARG A 934 -5.43 2.55 -15.51
CA ARG A 934 -6.30 2.33 -14.36
C ARG A 934 -5.52 1.89 -13.14
N LEU A 935 -4.42 1.17 -13.32
CA LEU A 935 -3.62 0.75 -12.17
C LEU A 935 -3.07 1.94 -11.42
N LEU A 936 -2.63 2.97 -12.15
CA LEU A 936 -2.03 4.15 -11.54
C LEU A 936 -3.06 5.25 -11.28
N LEU A 937 -3.78 5.66 -12.32
CA LEU A 937 -4.66 6.82 -12.23
C LEU A 937 -5.99 6.53 -11.57
N VAL A 938 -6.32 5.28 -11.29
CA VAL A 938 -7.55 4.94 -10.59
C VAL A 938 -7.23 4.16 -9.33
N HIS A 939 -6.64 2.98 -9.50
CA HIS A 939 -6.37 2.11 -8.34
C HIS A 939 -5.25 2.68 -7.49
N GLY A 940 -4.13 3.05 -8.12
CA GLY A 940 -3.02 3.60 -7.36
C GLY A 940 -3.33 4.97 -6.78
N ARG A 941 -4.01 5.81 -7.55
CA ARG A 941 -4.35 7.15 -7.08
C ARG A 941 -5.28 7.08 -5.89
N TRP A 942 -6.34 6.29 -5.99
CA TRP A 942 -7.27 6.14 -4.87
C TRP A 942 -6.60 5.48 -3.68
N SER A 943 -5.80 4.43 -3.93
CA SER A 943 -5.14 3.74 -2.84
C SER A 943 -4.26 4.68 -2.03
N TYR A 944 -3.62 5.64 -2.70
CA TYR A 944 -2.82 6.63 -1.97
C TYR A 944 -3.71 7.55 -1.16
N ILE A 945 -4.83 8.00 -1.75
CA ILE A 945 -5.75 8.87 -1.02
C ILE A 945 -6.35 8.13 0.16
N ARG A 946 -6.81 6.90 -0.07
CA ARG A 946 -7.49 6.15 0.98
C ARG A 946 -6.54 5.76 2.09
N MET A 947 -5.26 5.54 1.79
CA MET A 947 -4.29 5.21 2.83
C MET A 947 -3.89 6.45 3.61
N CYS A 948 -3.82 7.61 2.96
CA CYS A 948 -3.44 8.83 3.66
C CYS A 948 -4.57 9.33 4.55
N LYS A 949 -5.81 9.20 4.10
CA LYS A 949 -6.94 9.58 4.93
C LYS A 949 -7.09 8.65 6.12
N PHE A 950 -6.77 7.38 5.94
CA PHE A 950 -6.79 6.44 7.06
C PHE A 950 -5.76 6.83 8.11
N LEU A 951 -4.53 7.10 7.69
CA LEU A 951 -3.48 7.44 8.65
C LEU A 951 -3.77 8.76 9.34
N ARG A 952 -4.31 9.73 8.61
CA ARG A 952 -4.65 11.01 9.20
C ARG A 952 -5.69 10.85 10.30
N TYR A 953 -6.73 10.06 10.05
CA TYR A 953 -7.79 9.88 11.03
C TYR A 953 -7.38 8.92 12.14
N PHE A 954 -6.64 7.86 11.80
CA PHE A 954 -6.30 6.84 12.80
C PHE A 954 -5.47 7.43 13.92
N PHE A 955 -4.50 8.28 13.59
CA PHE A 955 -3.68 8.89 14.63
C PHE A 955 -4.38 10.08 15.28
N TYR A 956 -5.32 10.71 14.57
CA TYR A 956 -6.17 11.69 15.21
C TYR A 956 -7.03 11.06 16.30
N LYS A 957 -7.73 9.99 15.97
CA LYS A 957 -8.70 9.42 16.88
C LYS A 957 -8.06 8.64 18.02
N ASN A 958 -6.76 8.36 17.95
CA ASN A 958 -6.05 7.70 19.03
C ASN A 958 -5.37 8.70 19.98
N PHE A 959 -4.93 9.84 19.46
CA PHE A 959 -4.44 10.89 20.35
C PHE A 959 -5.57 11.57 21.07
N ALA A 960 -6.70 11.79 20.39
CA ALA A 960 -7.87 12.37 21.05
C ALA A 960 -8.35 11.47 22.18
N PHE A 961 -8.28 10.15 21.97
CA PHE A 961 -8.72 9.20 22.98
C PHE A 961 -7.72 9.10 24.13
N THR A 962 -6.43 9.08 23.81
CA THR A 962 -5.40 8.78 24.80
C THR A 962 -4.94 10.01 25.59
N LEU A 963 -4.88 11.18 24.96
CA LEU A 963 -4.37 12.37 25.63
C LEU A 963 -5.28 12.84 26.75
N VAL A 964 -6.51 12.32 26.85
CA VAL A 964 -7.37 12.66 27.97
C VAL A 964 -6.75 12.18 29.28
N HIS A 965 -6.06 11.04 29.25
CA HIS A 965 -5.35 10.58 30.43
C HIS A 965 -4.24 11.54 30.83
N PHE A 966 -3.66 12.24 29.87
CA PHE A 966 -2.60 13.19 30.19
C PHE A 966 -3.16 14.41 30.89
N TRP A 967 -4.29 14.94 30.42
CA TRP A 967 -4.87 16.11 31.05
C TRP A 967 -5.50 15.78 32.39
N TYR A 968 -6.03 14.57 32.54
CA TYR A 968 -6.57 14.13 33.82
C TYR A 968 -5.47 13.97 34.86
N SER A 969 -4.21 13.89 34.44
CA SER A 969 -3.12 13.69 35.39
C SER A 969 -3.02 14.85 36.37
N PHE A 970 -3.25 16.07 35.89
CA PHE A 970 -3.14 17.25 36.74
C PHE A 970 -4.27 17.34 37.76
N PHE A 971 -5.32 16.51 37.63
CA PHE A 971 -6.45 16.54 38.53
C PHE A 971 -6.63 15.25 39.31
N ASN A 972 -5.63 14.36 39.28
CA ASN A 972 -5.68 13.14 40.08
C ASN A 972 -4.35 12.82 40.75
N GLY A 973 -3.42 13.77 40.81
CA GLY A 973 -2.14 13.54 41.43
C GLY A 973 -1.09 12.95 40.53
N TYR A 974 -1.31 12.96 39.21
CA TYR A 974 -0.40 12.30 38.27
C TYR A 974 -0.25 10.83 38.62
N SER A 975 -1.35 10.21 39.04
CA SER A 975 -1.35 8.86 39.56
C SER A 975 -1.67 7.81 38.50
N ALA A 976 -1.79 8.20 37.24
CA ALA A 976 -2.01 7.27 36.13
C ALA A 976 -3.40 6.65 36.16
N GLN A 977 -4.37 7.35 36.76
CA GLN A 977 -5.76 6.93 36.67
C GLN A 977 -6.30 7.25 35.27
N THR A 978 -7.14 6.35 34.76
CA THR A 978 -7.70 6.52 33.42
C THR A 978 -9.00 7.30 33.50
N ALA A 979 -9.20 8.18 32.51
CA ALA A 979 -10.41 8.99 32.45
C ALA A 979 -11.63 8.20 32.00
N TYR A 980 -11.44 7.03 31.39
CA TYR A 980 -12.53 6.21 30.90
C TYR A 980 -12.69 4.97 31.78
N GLU A 981 -13.82 4.30 31.61
CA GLU A 981 -14.01 3.01 32.24
C GLU A 981 -13.03 2.01 31.63
N ASP A 982 -12.58 1.07 32.46
CA ASP A 982 -11.59 0.10 32.01
C ASP A 982 -12.11 -0.75 30.86
N TRP A 983 -13.43 -0.87 30.70
CA TRP A 983 -14.03 -1.70 29.67
C TRP A 983 -14.34 -0.91 28.40
N PHE A 984 -14.26 0.42 28.44
CA PHE A 984 -14.38 1.22 27.22
C PHE A 984 -13.05 1.32 26.50
N ILE A 985 -11.94 1.27 27.23
CA ILE A 985 -10.62 1.38 26.61
C ILE A 985 -10.37 0.19 25.69
N THR A 986 -10.81 -1.00 26.11
CA THR A 986 -10.59 -2.20 25.31
C THR A 986 -11.39 -2.16 24.02
N LEU A 987 -12.64 -1.74 24.09
CA LEU A 987 -13.54 -1.79 22.95
C LEU A 987 -13.42 -0.59 22.02
N TYR A 988 -12.73 0.47 22.44
CA TYR A 988 -12.71 1.69 21.64
C TYR A 988 -12.06 1.45 20.28
N ASN A 989 -10.93 0.75 20.27
CA ASN A 989 -10.20 0.56 19.02
C ASN A 989 -10.71 -0.63 18.21
N VAL A 990 -11.60 -1.44 18.77
CA VAL A 990 -12.13 -2.60 18.06
C VAL A 990 -13.57 -2.42 17.63
N LEU A 991 -14.36 -1.60 18.33
CA LEU A 991 -15.81 -1.66 18.23
C LEU A 991 -16.43 -0.30 17.94
N TYR A 992 -15.77 0.78 18.39
CA TYR A 992 -16.35 2.11 18.31
C TYR A 992 -15.70 3.01 17.27
N THR A 993 -14.47 2.73 16.87
CA THR A 993 -13.80 3.55 15.86
C THR A 993 -13.03 2.69 14.85
N SER A 994 -13.38 1.42 14.71
CA SER A 994 -12.64 0.53 13.82
C SER A 994 -13.25 0.49 12.42
N LEU A 995 -14.54 0.12 12.33
CA LEU A 995 -15.15 -0.08 11.02
C LEU A 995 -15.20 1.18 10.16
N PRO A 996 -15.62 2.34 10.67
CA PRO A 996 -15.83 3.49 9.76
C PRO A 996 -14.59 3.89 8.97
N VAL A 997 -13.40 3.79 9.55
CA VAL A 997 -12.20 4.15 8.81
C VAL A 997 -11.82 3.06 7.82
N LEU A 998 -12.12 1.80 8.14
CA LEU A 998 -11.83 0.71 7.21
C LEU A 998 -12.63 0.85 5.93
N LEU A 999 -13.94 1.13 6.04
CA LEU A 999 -14.76 1.30 4.85
C LEU A 999 -14.32 2.53 4.06
N MET A 1000 -13.97 3.62 4.75
CA MET A 1000 -13.43 4.78 4.06
C MET A 1000 -12.11 4.45 3.39
N GLY A 1001 -11.32 3.59 4.01
CA GLY A 1001 -10.09 3.14 3.38
C GLY A 1001 -10.29 2.17 2.24
N LEU A 1002 -11.52 1.71 2.02
CA LEU A 1002 -11.83 0.78 0.95
C LEU A 1002 -12.76 1.34 -0.12
N LEU A 1003 -13.53 2.39 0.19
CA LEU A 1003 -14.58 2.86 -0.71
C LEU A 1003 -14.49 4.34 -1.04
N ASP A 1004 -13.61 5.10 -0.42
CA ASP A 1004 -13.57 6.54 -0.68
C ASP A 1004 -13.10 6.82 -2.11
N GLN A 1005 -13.70 7.84 -2.73
CA GLN A 1005 -13.34 8.26 -4.07
C GLN A 1005 -13.49 9.77 -4.14
N ASP A 1006 -12.37 10.47 -4.33
CA ASP A 1006 -12.45 11.92 -4.50
C ASP A 1006 -13.16 12.27 -5.79
N VAL A 1007 -12.87 11.54 -6.87
CA VAL A 1007 -13.56 11.70 -8.15
C VAL A 1007 -13.81 10.32 -8.73
N SER A 1008 -14.68 10.27 -9.73
CA SER A 1008 -15.01 9.02 -10.39
C SER A 1008 -13.80 8.49 -11.16
N ASP A 1009 -13.80 7.17 -11.39
CA ASP A 1009 -12.75 6.58 -12.21
C ASP A 1009 -12.80 7.11 -13.63
N LYS A 1010 -14.01 7.32 -14.16
CA LYS A 1010 -14.16 7.94 -15.46
C LYS A 1010 -13.60 9.35 -15.47
N LEU A 1011 -13.67 10.03 -14.32
CA LEU A 1011 -13.22 11.41 -14.19
C LEU A 1011 -11.78 11.52 -13.71
N SER A 1012 -11.25 10.49 -13.07
CA SER A 1012 -9.84 10.45 -12.70
C SER A 1012 -8.95 10.08 -13.87
N LEU A 1013 -9.46 9.36 -14.85
CA LEU A 1013 -8.73 9.13 -16.09
C LEU A 1013 -8.77 10.35 -17.00
N ARG A 1014 -9.88 11.10 -16.98
CA ARG A 1014 -9.98 12.31 -17.77
C ARG A 1014 -9.05 13.41 -17.28
N PHE A 1015 -8.65 13.36 -16.00
CA PHE A 1015 -7.79 14.38 -15.39
C PHE A 1015 -6.60 13.69 -14.78
N PRO A 1016 -5.62 13.29 -15.60
CA PRO A 1016 -4.43 12.61 -15.03
C PRO A 1016 -3.63 13.49 -14.10
N GLY A 1017 -3.77 14.81 -14.18
CA GLY A 1017 -3.05 15.70 -13.29
C GLY A 1017 -3.37 15.49 -11.83
N LEU A 1018 -4.52 14.89 -11.53
CA LEU A 1018 -4.84 14.55 -10.14
C LEU A 1018 -3.84 13.56 -9.56
N TYR A 1019 -3.20 12.76 -10.40
CA TYR A 1019 -2.20 11.81 -9.91
C TYR A 1019 -1.00 12.54 -9.34
N ILE A 1020 -0.72 13.76 -9.81
CA ILE A 1020 0.48 14.47 -9.43
C ILE A 1020 0.51 14.78 -7.94
N VAL A 1021 -0.63 14.70 -7.26
CA VAL A 1021 -0.66 14.96 -5.83
C VAL A 1021 0.10 13.87 -5.08
N GLY A 1022 0.02 12.63 -5.57
CA GLY A 1022 0.78 11.55 -4.96
C GLY A 1022 2.24 11.54 -5.34
N GLN A 1023 2.58 12.01 -6.55
CA GLN A 1023 3.97 12.25 -6.92
C GLN A 1023 4.71 13.00 -5.81
N ARG A 1024 4.26 14.22 -5.52
CA ARG A 1024 4.96 15.06 -4.56
C ARG A 1024 4.65 14.71 -3.12
N ASP A 1025 3.76 13.75 -2.87
CA ASP A 1025 3.47 13.30 -1.51
C ASP A 1025 2.89 14.44 -0.68
N LEU A 1026 1.76 14.98 -1.16
CA LEU A 1026 1.16 16.16 -0.56
C LEU A 1026 0.09 15.86 0.48
N LEU A 1027 -0.67 14.77 0.31
CA LEU A 1027 -1.74 14.48 1.26
C LEU A 1027 -1.20 14.23 2.66
N PHE A 1028 -0.10 13.47 2.77
CA PHE A 1028 0.39 13.03 4.08
C PHE A 1028 1.90 13.15 4.09
N ASN A 1029 2.38 14.27 4.64
CA ASN A 1029 3.79 14.51 4.84
C ASN A 1029 4.18 14.02 6.23
N TYR A 1030 5.39 14.37 6.67
CA TYR A 1030 5.68 14.37 8.09
C TYR A 1030 5.07 15.57 8.77
N LYS A 1031 4.87 16.67 8.03
CA LYS A 1031 4.18 17.83 8.58
C LYS A 1031 2.71 17.56 8.80
N ARG A 1032 2.04 16.91 7.84
CA ARG A 1032 0.64 16.58 8.01
C ARG A 1032 0.44 15.60 9.14
N PHE A 1033 1.46 14.79 9.46
CA PHE A 1033 1.37 13.90 10.61
C PHE A 1033 1.25 14.69 11.91
N PHE A 1034 2.02 15.77 12.04
CA PHE A 1034 1.95 16.57 13.25
C PHE A 1034 0.70 17.41 13.33
N VAL A 1035 0.12 17.77 12.18
CA VAL A 1035 -1.15 18.48 12.18
C VAL A 1035 -2.26 17.60 12.71
N SER A 1036 -2.20 16.30 12.44
CA SER A 1036 -3.17 15.37 13.01
C SER A 1036 -2.91 15.12 14.49
N LEU A 1037 -1.65 15.22 14.92
CA LEU A 1037 -1.35 15.17 16.35
C LEU A 1037 -1.83 16.42 17.06
N LEU A 1038 -1.62 17.60 16.45
CA LEU A 1038 -2.18 18.81 17.01
C LEU A 1038 -3.70 18.76 17.02
N HIS A 1039 -4.29 18.20 15.96
CA HIS A 1039 -5.73 18.03 15.93
C HIS A 1039 -6.22 17.13 17.05
N GLY A 1040 -5.52 16.02 17.28
CA GLY A 1040 -5.92 15.12 18.35
C GLY A 1040 -5.53 15.62 19.73
N VAL A 1041 -4.47 16.42 19.82
CA VAL A 1041 -4.10 17.01 21.10
C VAL A 1041 -5.11 18.07 21.52
N LEU A 1042 -5.58 18.88 20.57
CA LEU A 1042 -6.57 19.90 20.89
C LEU A 1042 -7.95 19.29 21.09
N THR A 1043 -8.25 18.20 20.39
CA THR A 1043 -9.52 17.52 20.61
C THR A 1043 -9.59 16.94 22.01
N SER A 1044 -8.51 16.32 22.48
CA SER A 1044 -8.48 15.80 23.85
C SER A 1044 -8.54 16.93 24.87
N MET A 1045 -8.02 18.11 24.52
CA MET A 1045 -8.17 19.26 25.38
C MET A 1045 -9.64 19.63 25.56
N ILE A 1046 -10.38 19.68 24.45
CA ILE A 1046 -11.79 20.02 24.52
C ILE A 1046 -12.58 18.87 25.13
N LEU A 1047 -12.25 17.63 24.77
CA LEU A 1047 -13.00 16.48 25.26
C LEU A 1047 -12.91 16.34 26.77
N PHE A 1048 -11.90 16.94 27.40
CA PHE A 1048 -11.72 16.83 28.85
C PHE A 1048 -12.09 18.09 29.60
N PHE A 1049 -11.76 19.26 29.06
CA PHE A 1049 -11.92 20.51 29.80
C PHE A 1049 -13.29 21.13 29.66
N ILE A 1050 -14.11 20.72 28.70
CA ILE A 1050 -15.50 21.17 28.65
C ILE A 1050 -16.29 20.35 29.67
N PRO A 1051 -16.17 19.02 29.69
CA PRO A 1051 -16.79 18.27 30.80
C PRO A 1051 -16.25 18.67 32.17
N LEU A 1052 -14.96 18.95 32.29
CA LEU A 1052 -14.41 19.29 33.60
C LEU A 1052 -15.00 20.59 34.13
N GLY A 1053 -15.19 21.58 33.26
CA GLY A 1053 -15.85 22.80 33.71
C GLY A 1053 -17.25 22.54 34.20
N ALA A 1054 -17.95 21.62 33.56
CA ALA A 1054 -19.31 21.29 33.97
C ALA A 1054 -19.35 20.43 35.24
N TYR A 1055 -18.33 19.62 35.47
CA TYR A 1055 -18.27 18.80 36.67
C TYR A 1055 -17.66 19.51 37.87
N LEU A 1056 -16.86 20.54 37.65
CA LEU A 1056 -16.42 21.36 38.78
C LEU A 1056 -17.58 22.07 39.44
N GLN A 1057 -18.70 22.22 38.74
CA GLN A 1057 -19.90 22.87 39.24
C GLN A 1057 -21.01 21.84 39.39
N THR A 1058 -22.19 22.32 39.76
CA THR A 1058 -23.34 21.44 39.92
C THR A 1058 -23.74 20.86 38.57
N VAL A 1059 -23.90 19.55 38.51
CA VAL A 1059 -24.34 18.85 37.29
C VAL A 1059 -25.44 17.88 37.72
N GLY A 1060 -26.69 18.34 37.64
CA GLY A 1060 -27.82 17.50 38.00
C GLY A 1060 -27.76 16.95 39.40
N GLN A 1061 -27.38 17.77 40.37
CA GLN A 1061 -27.23 17.30 41.75
C GLN A 1061 -28.59 16.96 42.33
N ASP A 1062 -28.89 15.68 42.41
CA ASP A 1062 -30.15 15.16 42.92
C ASP A 1062 -29.78 13.81 43.58
N GLY A 1063 -30.78 13.07 44.05
CA GLY A 1063 -30.49 11.71 44.51
C GLY A 1063 -29.73 10.90 43.47
N GLU A 1064 -30.11 11.03 42.20
CA GLU A 1064 -29.42 10.37 41.10
C GLU A 1064 -28.43 11.33 40.44
N ALA A 1065 -27.48 11.82 41.22
CA ALA A 1065 -26.52 12.81 40.74
C ALA A 1065 -25.38 12.13 39.99
N PRO A 1066 -25.17 12.44 38.70
CA PRO A 1066 -23.95 11.94 38.02
C PRO A 1066 -22.80 12.94 38.11
N SER A 1067 -22.27 13.11 39.33
CA SER A 1067 -21.16 14.01 39.59
C SER A 1067 -19.90 13.25 40.01
N ASP A 1068 -19.84 11.96 39.74
CA ASP A 1068 -18.76 11.09 40.21
C ASP A 1068 -17.84 10.72 39.05
N TYR A 1069 -16.85 9.89 39.36
CA TYR A 1069 -15.86 9.51 38.34
C TYR A 1069 -16.51 8.72 37.21
N GLN A 1070 -17.40 7.78 37.53
CA GLN A 1070 -17.99 6.94 36.50
C GLN A 1070 -18.80 7.77 35.52
N SER A 1071 -19.61 8.70 36.03
CA SER A 1071 -20.37 9.57 35.14
C SER A 1071 -19.45 10.53 34.40
N PHE A 1072 -18.41 11.02 35.07
CA PHE A 1072 -17.40 11.81 34.37
C PHE A 1072 -16.73 11.01 33.26
N ALA A 1073 -16.60 9.70 33.46
CA ALA A 1073 -15.94 8.86 32.46
C ALA A 1073 -16.84 8.62 31.26
N VAL A 1074 -18.13 8.38 31.47
CA VAL A 1074 -19.03 8.11 30.35
C VAL A 1074 -19.41 9.36 29.58
N THR A 1075 -19.12 10.55 30.12
CA THR A 1075 -19.40 11.78 29.39
C THR A 1075 -18.31 12.10 28.38
N ILE A 1076 -17.05 11.90 28.77
CA ILE A 1076 -15.96 12.09 27.82
C ILE A 1076 -15.99 11.00 26.76
N ALA A 1077 -16.31 9.77 27.16
CA ALA A 1077 -16.40 8.68 26.20
C ALA A 1077 -17.54 8.92 25.22
N SER A 1078 -18.68 9.40 25.70
CA SER A 1078 -19.80 9.69 24.80
C SER A 1078 -19.44 10.81 23.85
N ALA A 1079 -18.82 11.88 24.34
CA ALA A 1079 -18.39 12.96 23.48
C ALA A 1079 -17.28 12.51 22.54
N LEU A 1080 -16.37 11.66 23.03
CA LEU A 1080 -15.29 11.18 22.19
C LEU A 1080 -15.82 10.31 21.05
N VAL A 1081 -16.75 9.41 21.36
CA VAL A 1081 -17.27 8.50 20.34
C VAL A 1081 -18.02 9.27 19.27
N ILE A 1082 -18.86 10.23 19.67
CA ILE A 1082 -19.59 11.04 18.70
C ILE A 1082 -18.64 11.92 17.91
N THR A 1083 -17.68 12.54 18.59
CA THR A 1083 -16.78 13.49 17.92
C THR A 1083 -15.97 12.81 16.84
N VAL A 1084 -15.37 11.65 17.16
CA VAL A 1084 -14.51 10.99 16.19
C VAL A 1084 -15.33 10.40 15.06
N ASN A 1085 -16.51 9.87 15.36
CA ASN A 1085 -17.36 9.28 14.32
C ASN A 1085 -18.03 10.35 13.47
N PHE A 1086 -18.16 11.58 13.97
CA PHE A 1086 -18.55 12.69 13.10
C PHE A 1086 -17.37 13.19 12.27
N GLN A 1087 -16.15 13.05 12.79
CA GLN A 1087 -14.98 13.48 12.04
C GLN A 1087 -14.76 12.61 10.81
N ILE A 1088 -14.91 11.29 10.94
CA ILE A 1088 -14.75 10.42 9.79
C ILE A 1088 -15.84 10.70 8.77
N GLY A 1089 -17.05 11.05 9.23
CA GLY A 1089 -18.07 11.48 8.30
C GLY A 1089 -17.68 12.72 7.53
N LEU A 1090 -16.93 13.63 8.17
CA LEU A 1090 -16.42 14.80 7.46
C LEU A 1090 -15.25 14.43 6.56
N ASP A 1091 -14.48 13.41 6.92
CA ASP A 1091 -13.39 12.96 6.05
C ASP A 1091 -13.92 12.21 4.85
N THR A 1092 -14.96 11.41 5.04
CA THR A 1092 -15.54 10.65 3.94
C THR A 1092 -16.06 11.58 2.86
N SER A 1093 -15.72 11.27 1.60
CA SER A 1093 -16.24 11.98 0.45
C SER A 1093 -17.10 11.10 -0.45
N TYR A 1094 -17.18 9.80 -0.19
CA TYR A 1094 -17.98 8.85 -0.96
C TYR A 1094 -18.89 8.15 0.05
N TRP A 1095 -20.07 8.72 0.28
CA TRP A 1095 -20.96 8.23 1.34
C TRP A 1095 -21.83 7.10 0.79
N THR A 1096 -21.23 5.92 0.73
CA THR A 1096 -22.00 4.73 0.42
C THR A 1096 -22.91 4.38 1.60
N PHE A 1097 -23.91 3.55 1.33
CA PHE A 1097 -24.82 3.15 2.40
C PHE A 1097 -24.09 2.47 3.53
N VAL A 1098 -23.07 1.66 3.21
CA VAL A 1098 -22.28 1.01 4.26
C VAL A 1098 -21.49 2.04 5.06
N ASN A 1099 -21.00 3.09 4.39
CA ASN A 1099 -20.30 4.15 5.12
C ASN A 1099 -21.23 4.84 6.10
N ALA A 1100 -22.45 5.17 5.66
CA ALA A 1100 -23.42 5.76 6.57
C ALA A 1100 -23.78 4.79 7.69
N PHE A 1101 -23.99 3.52 7.35
CA PHE A 1101 -24.37 2.53 8.34
C PHE A 1101 -23.28 2.34 9.38
N SER A 1102 -22.01 2.30 8.95
CA SER A 1102 -20.92 2.11 9.89
C SER A 1102 -20.76 3.31 10.82
N ILE A 1103 -20.87 4.52 10.28
CA ILE A 1103 -20.65 5.71 11.10
C ILE A 1103 -21.74 5.84 12.15
N PHE A 1104 -23.01 5.70 11.74
CA PHE A 1104 -24.10 5.73 12.70
C PHE A 1104 -24.22 4.42 13.46
N GLY A 1105 -23.81 3.31 12.85
CA GLY A 1105 -23.78 2.06 13.58
C GLY A 1105 -22.75 2.05 14.69
N SER A 1106 -21.59 2.65 14.44
CA SER A 1106 -20.57 2.74 15.47
C SER A 1106 -21.06 3.56 16.66
N ILE A 1107 -21.73 4.67 16.40
CA ILE A 1107 -22.28 5.48 17.49
C ILE A 1107 -23.44 4.77 18.16
N ALA A 1108 -24.33 4.16 17.37
CA ALA A 1108 -25.46 3.45 17.94
C ALA A 1108 -25.01 2.24 18.74
N LEU A 1109 -23.97 1.55 18.26
CA LEU A 1109 -23.45 0.40 19.00
C LEU A 1109 -22.91 0.83 20.36
N TYR A 1110 -22.19 1.97 20.40
CA TYR A 1110 -21.70 2.47 21.68
C TYR A 1110 -22.84 2.81 22.62
N PHE A 1111 -23.85 3.51 22.12
CA PHE A 1111 -25.00 3.88 22.94
C PHE A 1111 -26.00 2.76 23.07
N GLY A 1112 -25.76 1.61 22.46
CA GLY A 1112 -26.57 0.44 22.68
C GLY A 1112 -25.93 -0.45 23.70
N ILE A 1113 -24.60 -0.56 23.64
CA ILE A 1113 -23.87 -1.35 24.62
C ILE A 1113 -24.08 -0.75 26.01
N MET A 1114 -23.97 0.56 26.13
CA MET A 1114 -24.14 1.22 27.43
C MET A 1114 -25.57 1.65 27.69
N PHE A 1115 -26.51 0.77 27.37
CA PHE A 1115 -27.86 0.82 27.92
C PHE A 1115 -28.38 -0.57 28.24
N ASP A 1116 -27.48 -1.54 28.40
CA ASP A 1116 -27.82 -2.92 28.74
C ASP A 1116 -28.57 -3.64 27.62
N PHE A 1117 -28.50 -3.12 26.39
CA PHE A 1117 -29.10 -3.84 25.27
C PHE A 1117 -28.27 -5.08 24.92
N HIS A 1118 -26.95 -4.97 24.99
CA HIS A 1118 -26.09 -6.13 24.71
C HIS A 1118 -26.30 -7.22 25.74
N SER A 1119 -26.44 -6.85 27.01
CA SER A 1119 -26.68 -7.85 28.05
C SER A 1119 -28.05 -8.49 27.89
N ALA A 1120 -29.05 -7.70 27.49
CA ALA A 1120 -30.39 -8.26 27.28
C ALA A 1120 -30.38 -9.32 26.19
N GLY A 1121 -29.66 -9.06 25.09
CA GLY A 1121 -29.58 -10.04 24.03
C GLY A 1121 -28.91 -11.32 24.47
N ILE A 1122 -27.83 -11.21 25.26
CA ILE A 1122 -27.14 -12.39 25.75
C ILE A 1122 -28.05 -13.20 26.66
N HIS A 1123 -28.77 -12.51 27.56
CA HIS A 1123 -29.68 -13.21 28.45
C HIS A 1123 -30.79 -13.92 27.68
N VAL A 1124 -31.34 -13.25 26.65
CA VAL A 1124 -32.38 -13.87 25.84
C VAL A 1124 -31.83 -15.11 25.13
N LEU A 1125 -30.62 -15.00 24.58
CA LEU A 1125 -29.99 -16.12 23.90
C LEU A 1125 -29.76 -17.28 24.87
N THR A 1133 -21.48 -0.19 36.46
CA THR A 1133 -22.72 -0.91 36.79
C THR A 1133 -23.88 0.07 36.90
N GLY A 1134 -24.61 0.25 35.81
CA GLY A 1134 -25.74 1.16 35.78
C GLY A 1134 -25.37 2.62 35.64
N THR A 1135 -24.09 2.93 35.40
CA THR A 1135 -23.68 4.33 35.30
C THR A 1135 -24.32 5.00 34.09
N ALA A 1136 -24.36 4.31 32.95
CA ALA A 1136 -24.85 4.93 31.73
C ALA A 1136 -26.31 5.34 31.86
N SER A 1137 -27.11 4.52 32.54
CA SER A 1137 -28.53 4.83 32.71
C SER A 1137 -28.76 6.04 33.60
N ASN A 1138 -27.74 6.53 34.29
CA ASN A 1138 -27.85 7.72 35.13
C ASN A 1138 -27.23 8.95 34.49
N ALA A 1139 -25.99 8.83 33.99
CA ALA A 1139 -25.33 9.99 33.40
C ALA A 1139 -26.05 10.48 32.15
N LEU A 1140 -26.50 9.57 31.31
CA LEU A 1140 -27.02 9.92 30.00
C LEU A 1140 -28.51 10.25 30.01
N ARG A 1141 -29.14 10.29 31.18
CA ARG A 1141 -30.53 10.71 31.30
C ARG A 1141 -30.70 12.12 31.82
N GLN A 1142 -29.60 12.86 32.05
CA GLN A 1142 -29.71 14.22 32.55
C GLN A 1142 -29.53 15.23 31.42
N PRO A 1143 -30.31 16.31 31.38
CA PRO A 1143 -30.10 17.31 30.31
C PRO A 1143 -28.73 17.95 30.32
N TYR A 1144 -28.15 18.23 31.50
CA TYR A 1144 -26.83 18.86 31.53
C TYR A 1144 -25.77 17.94 30.95
N ILE A 1145 -25.83 16.65 31.25
CA ILE A 1145 -24.85 15.72 30.70
C ILE A 1145 -24.93 15.69 29.19
N TRP A 1146 -26.14 15.77 28.65
CA TRP A 1146 -26.30 15.81 27.20
C TRP A 1146 -25.96 17.19 26.63
N LEU A 1147 -26.26 18.25 27.38
CA LEU A 1147 -25.83 19.58 26.95
C LEU A 1147 -24.31 19.67 26.97
N THR A 1148 -23.67 19.05 27.97
CA THR A 1148 -22.22 18.98 27.99
C THR A 1148 -21.69 18.21 26.79
N ILE A 1149 -22.31 17.08 26.46
CA ILE A 1149 -21.88 16.29 25.32
C ILE A 1149 -22.08 17.06 24.03
N ILE A 1150 -23.24 17.71 23.89
CA ILE A 1150 -23.51 18.47 22.66
C ILE A 1150 -22.52 19.62 22.53
N LEU A 1151 -22.27 20.35 23.62
CA LEU A 1151 -21.34 21.46 23.58
C LEU A 1151 -19.92 20.99 23.26
N THR A 1152 -19.51 19.88 23.87
CA THR A 1152 -18.17 19.37 23.63
C THR A 1152 -17.98 18.95 22.17
N VAL A 1153 -18.98 18.27 21.61
CA VAL A 1153 -18.89 17.85 20.21
C VAL A 1153 -18.88 19.07 19.30
N ALA A 1154 -19.71 20.08 19.59
CA ALA A 1154 -19.77 21.26 18.74
C ALA A 1154 -18.44 22.00 18.73
N VAL A 1155 -17.82 22.17 19.90
CA VAL A 1155 -16.55 22.88 19.95
C VAL A 1155 -15.45 22.09 19.25
N CYS A 1156 -15.56 20.77 19.22
CA CYS A 1156 -14.56 19.95 18.55
C CYS A 1156 -14.71 19.99 17.03
N LEU A 1157 -15.95 19.99 16.54
CA LEU A 1157 -16.21 19.81 15.12
C LEU A 1157 -16.35 21.12 14.37
N LEU A 1158 -17.00 22.13 14.98
CA LEU A 1158 -17.24 23.37 14.26
C LEU A 1158 -15.96 24.05 13.81
N PRO A 1159 -14.91 24.19 14.64
CA PRO A 1159 -13.66 24.74 14.11
C PRO A 1159 -13.07 23.92 12.97
N VAL A 1160 -13.30 22.61 12.96
CA VAL A 1160 -12.79 21.78 11.86
C VAL A 1160 -13.55 22.08 10.58
N VAL A 1161 -14.87 22.26 10.67
CA VAL A 1161 -15.66 22.56 9.47
C VAL A 1161 -15.25 23.92 8.91
N ALA A 1162 -15.02 24.89 9.79
CA ALA A 1162 -14.58 26.21 9.32
C ALA A 1162 -13.22 26.12 8.66
N ILE A 1163 -12.29 25.38 9.26
CA ILE A 1163 -10.95 25.24 8.67
C ILE A 1163 -11.05 24.52 7.33
N ARG A 1164 -11.82 23.44 7.27
CA ARG A 1164 -11.98 22.72 6.02
C ARG A 1164 -12.63 23.60 4.95
N PHE A 1165 -13.66 24.35 5.33
CA PHE A 1165 -14.32 25.23 4.37
C PHE A 1165 -13.40 26.38 3.98
N LEU A 1166 -12.66 26.94 4.94
CA LEU A 1166 -11.76 28.05 4.64
C LEU A 1166 -10.64 27.61 3.71
N SER A 1167 -10.10 26.41 3.93
CA SER A 1167 -9.05 25.91 3.04
C SER A 1167 -9.62 25.55 1.67
N MET A 1168 -10.84 25.01 1.63
CA MET A 1168 -11.43 24.63 0.36
C MET A 1168 -11.78 25.85 -0.48
N THR A 1169 -12.10 26.98 0.15
CA THR A 1169 -12.53 28.17 -0.57
C THR A 1169 -11.39 29.15 -0.87
N ILE A 1170 -10.27 29.07 -0.16
CA ILE A 1170 -9.12 29.92 -0.42
C ILE A 1170 -8.01 29.18 -1.17
N TRP A 1171 -7.79 27.92 -0.82
CA TRP A 1171 -6.76 27.09 -1.46
C TRP A 1171 -7.39 25.78 -1.93
N PRO A 1172 -8.32 25.86 -2.88
CA PRO A 1172 -8.93 24.62 -3.39
C PRO A 1172 -7.89 23.74 -4.06
N SER A 1173 -8.03 22.43 -3.84
CA SER A 1173 -7.14 21.47 -4.47
C SER A 1173 -7.63 21.16 -5.88
N GLU A 1174 -6.85 20.36 -6.61
CA GLU A 1174 -7.25 19.99 -7.96
C GLU A 1174 -8.55 19.20 -7.95
N SER A 1175 -8.70 18.30 -6.97
CA SER A 1175 -9.94 17.54 -6.85
C SER A 1175 -11.11 18.46 -6.56
N ASP A 1176 -10.92 19.41 -5.62
CA ASP A 1176 -12.02 20.27 -5.20
C ASP A 1176 -12.63 21.02 -6.37
N LYS A 1177 -11.78 21.50 -7.29
CA LYS A 1177 -12.30 22.18 -8.47
C LYS A 1177 -13.17 21.25 -9.31
N ILE A 1178 -12.77 19.98 -9.40
CA ILE A 1178 -13.54 19.03 -10.19
C ILE A 1178 -14.86 18.69 -9.50
N GLN A 1179 -14.86 18.54 -8.18
CA GLN A 1179 -16.09 18.23 -7.46
C GLN A 1179 -17.10 19.37 -7.59
N LYS A 1180 -16.64 20.61 -7.51
CA LYS A 1180 -17.55 21.75 -7.67
C LYS A 1180 -18.20 21.73 -9.05
N HIS A 1181 -17.40 21.52 -10.09
CA HIS A 1181 -17.87 21.49 -11.47
C HIS A 1181 -18.12 20.06 -11.96
N ARG A 1182 -18.45 19.15 -11.06
CA ARG A 1182 -18.61 17.75 -11.45
C ARG A 1182 -19.75 17.58 -12.44
N LYS A 1183 -20.90 18.20 -12.16
CA LYS A 1183 -22.04 18.07 -13.06
C LYS A 1183 -21.75 18.69 -14.43
N ARG A 1184 -21.13 19.88 -14.45
CA ARG A 1184 -20.81 20.52 -15.72
C ARG A 1184 -19.88 19.67 -16.56
N LEU A 1185 -19.05 18.84 -15.95
CA LEU A 1185 -18.12 18.00 -16.69
C LEU A 1185 -18.82 16.78 -17.25
N THR B 29 -7.59 -16.50 -15.37
CA THR B 29 -8.82 -17.13 -14.89
C THR B 29 -10.03 -16.49 -15.58
N ARG B 30 -11.22 -16.76 -15.07
CA ARG B 30 -12.45 -16.37 -15.74
C ARG B 30 -12.76 -14.90 -15.48
N ARG B 31 -13.87 -14.43 -16.05
CA ARG B 31 -14.24 -13.02 -15.98
C ARG B 31 -14.60 -12.64 -14.54
N PRO B 32 -14.25 -11.43 -14.09
CA PRO B 32 -14.72 -10.97 -12.78
C PRO B 32 -16.23 -10.76 -12.78
N ASP B 33 -16.82 -10.93 -11.60
CA ASP B 33 -18.25 -10.70 -11.45
C ASP B 33 -18.56 -9.21 -11.55
N ASN B 34 -19.62 -8.88 -12.25
CA ASN B 34 -20.03 -7.49 -12.46
C ASN B 34 -20.90 -7.01 -11.30
N THR B 35 -20.29 -6.99 -10.12
CA THR B 35 -20.93 -6.53 -8.90
C THR B 35 -20.56 -5.08 -8.63
N ALA B 36 -21.51 -4.32 -8.08
CA ALA B 36 -21.27 -2.92 -7.82
C ALA B 36 -20.12 -2.73 -6.83
N PHE B 37 -20.07 -3.54 -5.77
CA PHE B 37 -18.97 -3.46 -4.82
C PHE B 37 -17.64 -3.84 -5.47
N LYS B 38 -17.64 -4.90 -6.28
CA LYS B 38 -16.40 -5.36 -6.89
C LYS B 38 -15.90 -4.38 -7.95
N GLN B 39 -16.81 -3.71 -8.65
CA GLN B 39 -16.45 -2.76 -9.69
C GLN B 39 -16.34 -1.33 -9.17
N GLN B 40 -16.42 -1.13 -7.85
CA GLN B 40 -16.22 0.18 -7.24
C GLN B 40 -17.19 1.21 -7.80
N ARG B 41 -18.45 0.81 -7.99
CA ARG B 41 -19.50 1.69 -8.48
C ARG B 41 -20.73 1.58 -7.59
N LEU B 42 -20.51 1.46 -6.28
CA LEU B 42 -21.63 1.39 -5.36
C LEU B 42 -22.37 2.74 -5.37
N PRO B 43 -23.69 2.74 -5.25
CA PRO B 43 -24.40 4.01 -5.14
C PRO B 43 -23.91 4.79 -3.94
N ALA B 44 -23.74 6.10 -4.11
CA ALA B 44 -23.12 6.91 -3.07
C ALA B 44 -23.60 8.35 -3.19
N TRP B 45 -23.39 9.07 -2.11
CA TRP B 45 -23.71 10.49 -2.01
C TRP B 45 -22.40 11.25 -1.84
N GLN B 46 -22.17 12.26 -2.68
CA GLN B 46 -20.93 13.00 -2.64
C GLN B 46 -21.17 14.37 -2.00
N PRO B 47 -21.05 14.49 -0.68
CA PRO B 47 -21.24 15.80 -0.06
C PRO B 47 -20.07 16.72 -0.37
N ILE B 48 -20.39 17.96 -0.71
CA ILE B 48 -19.40 19.01 -0.96
C ILE B 48 -19.58 20.08 0.10
N LEU B 49 -18.46 20.49 0.71
CA LEU B 49 -18.48 21.47 1.80
C LEU B 49 -18.69 22.87 1.21
N THR B 50 -19.84 23.06 0.58
CA THR B 50 -20.15 24.28 -0.14
C THR B 50 -20.58 25.39 0.81
N ALA B 51 -20.49 26.63 0.31
CA ALA B 51 -20.82 27.77 1.15
C ALA B 51 -22.29 27.82 1.51
N GLY B 52 -23.17 27.35 0.63
CA GLY B 52 -24.59 27.41 0.90
C GLY B 52 -25.10 26.40 1.91
N THR B 53 -24.25 25.46 2.32
CA THR B 53 -24.64 24.41 3.27
C THR B 53 -23.94 24.52 4.62
N VAL B 54 -22.77 25.16 4.69
CA VAL B 54 -22.02 25.23 5.93
C VAL B 54 -22.27 26.58 6.60
N LEU B 55 -22.57 27.61 5.82
CA LEU B 55 -22.93 28.88 6.43
C LEU B 55 -24.13 28.75 7.35
N PRO B 56 -25.23 28.10 6.94
CA PRO B 56 -26.34 27.90 7.89
C PRO B 56 -25.92 27.25 9.20
N ILE B 57 -25.20 26.14 9.16
CA ILE B 57 -24.90 25.41 10.39
C ILE B 57 -24.04 26.26 11.33
N PHE B 58 -23.40 27.31 10.83
CA PHE B 58 -22.70 28.26 11.68
C PHE B 58 -23.57 29.40 12.16
N PHE B 59 -24.80 29.51 11.64
CA PHE B 59 -25.75 30.52 12.10
C PHE B 59 -26.87 29.90 12.92
N ILE B 60 -27.48 28.81 12.45
CA ILE B 60 -28.52 28.15 13.23
C ILE B 60 -27.95 27.67 14.58
N ILE B 61 -26.70 27.21 14.58
CA ILE B 61 -26.07 26.88 15.85
C ILE B 61 -25.93 28.13 16.71
N GLY B 62 -25.57 29.25 16.11
CA GLY B 62 -25.46 30.49 16.87
C GLY B 62 -26.80 30.95 17.42
N LEU B 63 -27.87 30.76 16.66
CA LEU B 63 -29.20 31.13 17.13
C LEU B 63 -29.80 30.12 18.09
N ILE B 64 -29.22 28.93 18.22
CA ILE B 64 -29.70 27.92 19.15
C ILE B 64 -28.87 27.91 20.42
N PHE B 65 -27.55 28.07 20.30
CA PHE B 65 -26.68 28.01 21.48
C PHE B 65 -26.83 29.25 22.34
N ILE B 66 -27.05 30.41 21.73
CA ILE B 66 -27.19 31.66 22.49
C ILE B 66 -28.41 31.57 23.41
N PRO B 67 -29.62 31.26 22.90
CA PRO B 67 -30.76 31.12 23.83
C PRO B 67 -30.59 30.02 24.85
N ILE B 68 -29.97 28.90 24.47
CA ILE B 68 -29.74 27.82 25.42
C ILE B 68 -28.80 28.29 26.52
N GLY B 69 -27.71 28.97 26.13
CA GLY B 69 -26.78 29.48 27.12
C GLY B 69 -27.41 30.50 28.04
N ILE B 70 -28.25 31.38 27.49
CA ILE B 70 -28.97 32.34 28.32
C ILE B 70 -29.93 31.62 29.26
N GLY B 71 -30.64 30.63 28.75
CA GLY B 71 -31.56 29.88 29.59
C GLY B 71 -30.84 29.18 30.73
N ILE B 72 -29.69 28.56 30.44
CA ILE B 72 -28.92 27.91 31.49
C ILE B 72 -28.38 28.93 32.48
N PHE B 73 -27.80 30.02 31.97
CA PHE B 73 -27.21 31.03 32.85
C PHE B 73 -28.27 31.68 33.72
N VAL B 74 -29.44 32.00 33.16
CA VAL B 74 -30.47 32.68 33.92
C VAL B 74 -31.05 31.75 34.98
N THR B 75 -31.36 30.51 34.61
CA THR B 75 -31.96 29.58 35.55
C THR B 75 -30.97 29.18 36.65
N SER B 76 -29.69 29.04 36.30
CA SER B 76 -28.70 28.70 37.31
C SER B 76 -28.57 29.81 38.35
N ASN B 77 -28.63 31.08 37.91
CA ASN B 77 -28.56 32.19 38.85
C ASN B 77 -29.79 32.22 39.76
N ASN B 78 -30.94 31.75 39.27
CA ASN B 78 -32.14 31.72 40.09
C ASN B 78 -32.05 30.72 41.23
N ILE B 79 -31.09 29.81 41.21
CA ILE B 79 -30.92 28.86 42.30
C ILE B 79 -30.22 29.54 43.45
N ARG B 80 -30.80 29.46 44.64
CA ARG B 80 -30.26 30.07 45.83
C ARG B 80 -29.44 29.05 46.61
N GLU B 81 -28.16 29.39 46.84
CA GLU B 81 -27.20 28.46 47.41
C GLU B 81 -26.38 29.18 48.47
N ILE B 82 -26.11 28.48 49.57
CA ILE B 82 -25.26 28.99 50.64
C ILE B 82 -24.19 27.94 50.90
N GLU B 83 -22.92 28.35 50.79
CA GLU B 83 -21.77 27.48 51.01
C GLU B 83 -21.03 27.96 52.24
N ILE B 84 -20.88 27.08 53.22
CA ILE B 84 -20.32 27.42 54.52
C ILE B 84 -19.13 26.51 54.79
N ASP B 85 -17.96 27.11 54.98
CA ASP B 85 -16.73 26.37 55.22
C ASP B 85 -16.46 26.33 56.71
N TYR B 86 -16.37 25.12 57.27
CA TYR B 86 -16.22 24.92 58.70
C TYR B 86 -14.95 24.17 59.06
N THR B 87 -13.98 24.12 58.15
CA THR B 87 -12.70 23.47 58.47
C THR B 87 -11.99 24.17 59.61
N GLY B 88 -12.18 25.48 59.75
CA GLY B 88 -11.59 26.22 60.84
C GLY B 88 -10.10 26.43 60.74
N THR B 89 -9.53 26.40 59.53
CA THR B 89 -8.09 26.60 59.39
C THR B 89 -7.67 27.98 59.88
N GLU B 90 -8.46 29.01 59.56
CA GLU B 90 -8.12 30.35 60.01
C GLU B 90 -8.52 30.54 61.47
N PRO B 91 -7.77 31.36 62.23
CA PRO B 91 -8.25 31.74 63.57
C PRO B 91 -9.41 32.70 63.48
N SER B 92 -9.93 33.13 64.63
CA SER B 92 -11.08 34.05 64.69
C SER B 92 -12.34 33.43 64.10
N SER B 93 -12.37 32.09 63.99
CA SER B 93 -13.54 31.36 63.54
C SER B 93 -14.00 30.42 64.65
N PRO B 94 -15.30 30.18 64.80
CA PRO B 94 -15.75 29.39 65.95
C PRO B 94 -15.68 27.89 65.69
N CYS B 95 -14.61 27.44 65.06
CA CYS B 95 -14.37 26.01 64.93
C CYS B 95 -12.89 25.65 65.03
N ASN B 96 -12.01 26.62 65.30
CA ASN B 96 -10.58 26.35 65.34
C ASN B 96 -10.22 25.38 66.46
N LYS B 97 -11.05 25.30 67.49
CA LYS B 97 -10.73 24.46 68.65
C LYS B 97 -10.67 22.98 68.27
N CYS B 98 -11.35 22.58 67.21
CA CYS B 98 -11.43 21.17 66.85
C CYS B 98 -10.30 20.73 65.91
N LEU B 99 -9.44 21.64 65.48
CA LEU B 99 -8.28 21.25 64.69
C LEU B 99 -7.29 20.44 65.52
N SER B 100 -7.27 20.66 66.83
CA SER B 100 -6.43 19.91 67.76
C SER B 100 -7.33 19.35 68.85
N PRO B 101 -8.15 18.34 68.52
CA PRO B 101 -9.15 17.88 69.48
C PRO B 101 -8.56 17.06 70.61
N ASP B 102 -8.10 17.73 71.67
CA ASP B 102 -7.62 17.02 72.86
C ASP B 102 -8.67 16.04 73.36
N VAL B 103 -9.95 16.39 73.23
CA VAL B 103 -11.05 15.46 73.48
C VAL B 103 -11.58 15.01 72.13
N THR B 104 -11.76 13.69 71.97
CA THR B 104 -12.17 13.15 70.69
C THR B 104 -13.50 13.73 70.21
N PRO B 105 -14.56 13.82 71.03
CA PRO B 105 -15.80 14.45 70.58
C PRO B 105 -15.68 15.97 70.61
N CYS B 106 -15.56 16.57 69.43
CA CYS B 106 -15.46 18.02 69.31
C CYS B 106 -16.62 18.53 68.46
N PHE B 107 -17.10 19.72 68.81
CA PHE B 107 -18.26 20.31 68.17
C PHE B 107 -17.96 21.75 67.80
N CYS B 108 -18.53 22.20 66.69
CA CYS B 108 -18.37 23.55 66.20
C CYS B 108 -19.75 24.13 65.94
N THR B 109 -19.87 25.45 66.07
CA THR B 109 -21.12 26.16 65.81
C THR B 109 -20.84 27.33 64.88
N ILE B 110 -21.38 27.27 63.66
CA ILE B 110 -21.22 28.30 62.66
C ILE B 110 -22.58 28.92 62.38
N ASN B 111 -22.67 30.23 62.52
CA ASN B 111 -23.93 30.95 62.32
C ASN B 111 -23.98 31.52 60.92
N PHE B 112 -25.14 31.35 60.26
CA PHE B 112 -25.36 31.89 58.94
C PHE B 112 -26.82 32.29 58.80
N THR B 113 -27.09 33.17 57.83
CA THR B 113 -28.41 33.68 57.57
C THR B 113 -28.71 33.62 56.09
N LEU B 114 -29.99 33.40 55.76
CA LEU B 114 -30.45 33.33 54.38
C LEU B 114 -31.19 34.61 54.04
N GLU B 115 -30.80 35.24 52.93
CA GLU B 115 -31.43 36.49 52.53
C GLU B 115 -32.90 36.28 52.20
N LYS B 116 -33.20 35.23 51.44
CA LYS B 116 -34.57 34.90 51.07
C LYS B 116 -34.81 33.42 51.28
N SER B 117 -36.06 33.07 51.60
CA SER B 117 -36.39 31.70 51.96
C SER B 117 -36.19 30.76 50.77
N PHE B 118 -35.79 29.53 51.08
CA PHE B 118 -35.67 28.49 50.07
C PHE B 118 -37.04 27.84 49.84
N GLU B 119 -37.40 27.68 48.57
CA GLU B 119 -38.66 27.07 48.19
C GLU B 119 -38.41 25.73 47.53
N GLY B 120 -39.28 24.77 47.81
CA GLY B 120 -39.14 23.44 47.26
C GLY B 120 -38.12 22.62 48.03
N ASN B 121 -37.86 21.43 47.50
CA ASN B 121 -36.88 20.54 48.11
C ASN B 121 -35.51 21.21 48.15
N VAL B 122 -34.85 21.10 49.30
CA VAL B 122 -33.51 21.66 49.50
C VAL B 122 -32.56 20.52 49.81
N PHE B 123 -31.44 20.49 49.09
CA PHE B 123 -30.47 19.40 49.21
C PHE B 123 -29.29 19.85 50.05
N MET B 124 -28.98 19.10 51.09
CA MET B 124 -27.85 19.36 51.98
C MET B 124 -26.70 18.45 51.57
N TYR B 125 -25.58 19.06 51.18
CA TYR B 125 -24.38 18.34 50.78
C TYR B 125 -23.26 18.61 51.79
N TYR B 126 -22.16 17.88 51.61
CA TYR B 126 -20.90 18.23 52.22
C TYR B 126 -19.82 18.21 51.15
N GLY B 127 -18.95 19.21 51.16
CA GLY B 127 -17.93 19.38 50.15
C GLY B 127 -16.55 19.18 50.75
N LEU B 128 -15.72 18.42 50.03
CA LEU B 128 -14.33 18.20 50.41
C LEU B 128 -13.44 18.72 49.30
N SER B 129 -12.50 19.59 49.66
CA SER B 129 -11.56 20.18 48.72
C SER B 129 -10.18 19.58 48.92
N ASN B 130 -9.43 19.51 47.82
CA ASN B 130 -8.08 18.94 47.84
C ASN B 130 -8.10 17.52 48.41
N PHE B 131 -9.14 16.77 48.06
CA PHE B 131 -9.31 15.39 48.49
C PHE B 131 -9.36 14.53 47.23
N TYR B 132 -8.23 13.92 46.90
CA TYR B 132 -8.10 13.16 45.66
C TYR B 132 -8.74 11.78 45.85
N GLN B 133 -10.06 11.76 45.75
CA GLN B 133 -10.79 10.50 45.71
C GLN B 133 -10.63 9.79 44.38
N ASN B 134 -10.00 10.43 43.39
CA ASN B 134 -9.75 9.86 42.08
C ASN B 134 -8.33 9.33 41.93
N HIS B 135 -7.55 9.31 43.00
CA HIS B 135 -6.19 8.79 42.92
C HIS B 135 -6.23 7.30 42.57
N ARG B 136 -5.30 6.89 41.70
CA ARG B 136 -5.30 5.50 41.24
C ARG B 136 -5.10 4.54 42.40
N ARG B 137 -4.16 4.84 43.30
CA ARG B 137 -3.94 3.97 44.45
C ARG B 137 -5.14 3.95 45.39
N TYR B 138 -6.06 4.90 45.25
CA TYR B 138 -7.24 5.03 46.10
C TYR B 138 -8.48 4.42 45.47
N VAL B 139 -8.70 4.68 44.17
CA VAL B 139 -9.92 4.22 43.51
C VAL B 139 -9.98 2.71 43.47
N LYS B 140 -8.84 2.06 43.29
CA LYS B 140 -8.83 0.60 43.20
C LYS B 140 -9.08 -0.07 44.54
N SER B 141 -8.85 0.63 45.65
CA SER B 141 -8.87 0.01 46.97
C SER B 141 -10.31 -0.26 47.41
N ARG B 142 -10.92 -1.24 46.75
CA ARG B 142 -12.25 -1.69 47.11
C ARG B 142 -12.45 -3.10 46.58
N ASP B 143 -13.41 -3.80 47.16
CA ASP B 143 -13.77 -5.16 46.73
C ASP B 143 -15.23 -5.14 46.31
N ASP B 144 -15.46 -4.98 45.00
CA ASP B 144 -16.82 -4.91 44.49
C ASP B 144 -17.58 -6.20 44.78
N SER B 145 -16.90 -7.34 44.72
CA SER B 145 -17.54 -8.61 45.03
C SER B 145 -18.02 -8.64 46.48
N GLN B 146 -17.19 -8.14 47.40
CA GLN B 146 -17.57 -8.12 48.81
C GLN B 146 -18.73 -7.18 49.07
N LEU B 147 -18.71 -6.00 48.45
CA LEU B 147 -19.81 -5.05 48.64
C LEU B 147 -21.10 -5.52 47.99
N ASN B 148 -21.03 -6.50 47.08
CA ASN B 148 -22.21 -7.08 46.46
C ASN B 148 -22.82 -8.19 47.29
N GLY B 149 -22.23 -8.53 48.44
CA GLY B 149 -22.78 -9.55 49.30
C GLY B 149 -22.38 -10.95 48.90
N ASP B 150 -21.10 -11.14 48.62
CA ASP B 150 -20.56 -12.45 48.27
C ASP B 150 -19.95 -13.07 49.51
N SER B 151 -20.50 -14.20 49.95
CA SER B 151 -19.99 -14.87 51.14
C SER B 151 -18.52 -15.25 50.98
N SER B 152 -18.12 -15.63 49.76
CA SER B 152 -16.72 -15.94 49.52
C SER B 152 -15.84 -14.71 49.73
N ALA B 153 -16.27 -13.55 49.24
CA ALA B 153 -15.49 -12.33 49.38
C ALA B 153 -15.65 -11.67 50.75
N LEU B 154 -16.66 -12.08 51.54
CA LEU B 154 -16.84 -11.48 52.85
C LEU B 154 -15.64 -11.77 53.76
N LEU B 155 -15.16 -13.01 53.74
CA LEU B 155 -14.02 -13.42 54.55
C LEU B 155 -12.72 -13.52 53.75
N ASN B 156 -12.76 -13.26 52.44
CA ASN B 156 -11.59 -13.30 51.58
C ASN B 156 -11.55 -12.04 50.74
N PRO B 157 -11.31 -10.88 51.35
CA PRO B 157 -11.23 -9.63 50.57
C PRO B 157 -10.13 -9.71 49.53
N SER B 158 -10.38 -9.08 48.39
CA SER B 158 -9.44 -9.14 47.29
C SER B 158 -8.15 -8.38 47.66
N LYS B 159 -7.10 -8.65 46.90
CA LYS B 159 -5.82 -7.98 47.12
C LYS B 159 -5.83 -6.53 46.69
N GLU B 160 -6.89 -6.07 46.00
CA GLU B 160 -6.97 -4.66 45.64
C GLU B 160 -7.01 -3.78 46.89
N CYS B 161 -7.77 -4.20 47.90
CA CYS B 161 -7.78 -3.52 49.19
C CYS B 161 -6.66 -4.03 50.08
N GLU B 162 -5.43 -4.01 49.56
CA GLU B 162 -4.30 -4.64 50.24
C GLU B 162 -3.99 -4.03 51.60
N PRO B 163 -3.80 -2.71 51.74
CA PRO B 163 -3.39 -2.18 53.04
C PRO B 163 -4.42 -2.37 54.14
N TYR B 164 -5.67 -2.64 53.79
CA TYR B 164 -6.76 -2.82 54.75
C TYR B 164 -7.48 -4.14 54.50
N ARG B 165 -6.72 -5.21 54.35
CA ARG B 165 -7.31 -6.54 54.25
C ARG B 165 -7.73 -7.06 55.62
N ARG B 166 -6.75 -7.21 56.52
CA ARG B 166 -6.99 -7.74 57.87
C ARG B 166 -6.51 -6.73 58.90
N ASN B 167 -7.31 -6.53 59.93
CA ASN B 167 -6.96 -5.56 60.99
C ASN B 167 -5.99 -6.20 61.98
N GLU B 168 -6.42 -7.29 62.62
CA GLU B 168 -5.58 -8.01 63.58
C GLU B 168 -5.37 -9.46 63.15
N ASP B 169 -6.45 -10.24 63.08
CA ASP B 169 -6.38 -11.61 62.60
C ASP B 169 -7.50 -11.93 61.60
N LYS B 170 -8.54 -11.12 61.51
CA LYS B 170 -9.69 -11.34 60.67
C LYS B 170 -9.87 -10.19 59.69
N PRO B 171 -10.53 -10.42 58.56
CA PRO B 171 -10.59 -9.38 57.52
C PRO B 171 -11.57 -8.28 57.85
N ILE B 172 -11.24 -7.07 57.40
CA ILE B 172 -12.16 -5.95 57.50
C ILE B 172 -13.35 -6.18 56.59
N ALA B 173 -14.54 -5.87 57.09
CA ALA B 173 -15.75 -6.13 56.31
C ALA B 173 -15.78 -5.19 55.11
N PRO B 174 -15.85 -3.85 55.27
CA PRO B 174 -15.55 -3.01 54.08
C PRO B 174 -14.05 -2.79 53.90
N CYS B 175 -13.36 -3.73 53.27
CA CYS B 175 -11.93 -3.57 53.06
C CYS B 175 -11.68 -2.43 52.07
N GLY B 176 -10.52 -1.82 52.20
CA GLY B 176 -10.08 -0.81 51.24
C GLY B 176 -9.88 0.55 51.86
N ALA B 177 -9.13 1.39 51.16
CA ALA B 177 -8.94 2.77 51.61
C ALA B 177 -10.22 3.58 51.48
N ILE B 178 -11.03 3.28 50.46
CA ILE B 178 -12.21 4.10 50.20
C ILE B 178 -13.20 3.98 51.35
N ALA B 179 -13.40 2.76 51.85
CA ALA B 179 -14.32 2.57 52.97
C ALA B 179 -13.70 3.04 54.28
N ASN B 180 -12.38 2.83 54.43
CA ASN B 180 -11.71 3.24 55.66
C ASN B 180 -11.78 4.74 55.86
N SER B 181 -11.53 5.51 54.80
CA SER B 181 -11.51 6.97 54.88
C SER B 181 -12.88 7.57 54.60
N MET B 182 -13.90 7.10 55.30
CA MET B 182 -15.25 7.58 55.08
C MET B 182 -15.50 8.85 55.88
N PHE B 183 -16.11 9.84 55.23
CA PHE B 183 -16.47 11.08 55.90
C PHE B 183 -17.41 10.78 57.06
N ASN B 184 -17.03 11.19 58.26
CA ASN B 184 -17.75 10.80 59.47
C ASN B 184 -18.01 11.99 60.39
N ASP B 185 -18.36 13.14 59.80
CA ASP B 185 -18.90 14.24 60.58
C ASP B 185 -20.41 14.12 60.67
N THR B 186 -20.99 14.87 61.60
CA THR B 186 -22.44 14.97 61.75
C THR B 186 -22.82 16.44 61.68
N LEU B 187 -23.68 16.78 60.71
CA LEU B 187 -24.10 18.15 60.48
C LEU B 187 -25.57 18.29 60.85
N GLU B 188 -25.88 19.36 61.59
CA GLU B 188 -27.24 19.65 62.01
C GLU B 188 -27.53 21.13 61.81
N LEU B 189 -28.76 21.43 61.38
CA LEU B 189 -29.21 22.79 61.16
C LEU B 189 -30.30 23.15 62.17
N PHE B 190 -30.27 24.39 62.63
CA PHE B 190 -31.27 24.91 63.57
C PHE B 190 -31.77 26.26 63.11
N LEU B 191 -33.09 26.42 63.12
CA LEU B 191 -33.72 27.70 62.88
C LEU B 191 -33.87 28.45 64.19
N ILE B 192 -33.44 29.72 64.21
CA ILE B 192 -33.54 30.57 65.38
C ILE B 192 -34.66 31.56 65.11
N GLY B 193 -35.80 31.38 65.79
CA GLY B 193 -36.98 32.18 65.55
C GLY B 193 -37.02 33.42 66.43
N ASN B 194 -38.21 34.02 66.48
CA ASN B 194 -38.40 35.22 67.29
C ASN B 194 -38.16 34.92 68.77
N ASP B 195 -38.63 33.77 69.24
CA ASP B 195 -38.42 33.38 70.64
C ASP B 195 -36.96 33.06 70.95
N SER B 196 -36.10 32.97 69.94
CA SER B 196 -34.67 32.68 70.06
C SER B 196 -34.39 31.23 70.40
N TYR B 197 -35.41 30.38 70.50
CA TYR B 197 -35.19 28.96 70.75
C TYR B 197 -34.81 28.26 69.45
N PRO B 198 -33.66 27.58 69.38
CA PRO B 198 -33.27 26.96 68.11
C PRO B 198 -34.18 25.78 67.77
N ILE B 199 -34.95 25.94 66.70
CA ILE B 199 -35.87 24.90 66.24
C ILE B 199 -35.07 23.92 65.38
N PRO B 200 -35.05 22.62 65.71
CA PRO B 200 -34.34 21.68 64.84
C PRO B 200 -35.05 21.50 63.51
N ILE B 201 -34.26 21.18 62.49
CA ILE B 201 -34.77 20.99 61.13
C ILE B 201 -34.74 19.51 60.83
N ALA B 202 -35.90 18.95 60.47
CA ALA B 202 -35.95 17.55 60.08
C ALA B 202 -35.13 17.33 58.82
N LEU B 203 -34.27 16.32 58.85
CA LEU B 203 -33.38 16.00 57.73
C LEU B 203 -33.54 14.54 57.39
N LYS B 204 -33.86 14.26 56.13
CA LYS B 204 -34.08 12.89 55.66
C LYS B 204 -32.79 12.35 55.05
N LYS B 205 -32.29 11.26 55.61
CA LYS B 205 -31.07 10.62 55.12
C LYS B 205 -31.34 9.52 54.09
N LYS B 206 -32.60 9.19 53.83
CA LYS B 206 -32.93 8.14 52.89
C LYS B 206 -33.08 8.71 51.49
N GLY B 207 -32.85 7.86 50.49
CA GLY B 207 -32.98 8.27 49.11
C GLY B 207 -31.99 9.32 48.66
N ILE B 208 -30.74 9.21 49.11
CA ILE B 208 -29.68 10.13 48.70
C ILE B 208 -28.65 9.47 47.79
N ALA B 209 -28.75 8.17 47.56
CA ALA B 209 -27.84 7.44 46.68
C ALA B 209 -28.59 6.98 45.44
N TRP B 210 -27.82 6.55 44.44
CA TRP B 210 -28.40 6.03 43.21
C TRP B 210 -29.29 4.83 43.54
N TRP B 211 -30.42 4.74 42.83
CA TRP B 211 -31.31 3.61 43.06
C TRP B 211 -30.62 2.29 42.73
N THR B 212 -29.80 2.28 41.67
CA THR B 212 -29.08 1.05 41.31
C THR B 212 -28.13 0.62 42.42
N ASP B 213 -27.43 1.59 43.03
CA ASP B 213 -26.48 1.25 44.08
C ASP B 213 -27.19 0.62 45.28
N LYS B 214 -28.34 1.16 45.66
CA LYS B 214 -29.08 0.60 46.78
C LYS B 214 -29.49 -0.85 46.51
N ASN B 215 -29.99 -1.13 45.31
CA ASN B 215 -30.66 -2.40 45.05
C ASN B 215 -29.86 -3.35 44.18
N VAL B 216 -28.79 -2.89 43.54
CA VAL B 216 -28.03 -3.75 42.63
C VAL B 216 -26.58 -3.85 43.07
N LYS B 217 -25.87 -2.72 43.07
CA LYS B 217 -24.42 -2.77 43.29
C LYS B 217 -24.08 -3.14 44.73
N PHE B 218 -24.73 -2.51 45.70
CA PHE B 218 -24.45 -2.73 47.11
C PHE B 218 -25.53 -3.61 47.71
N ARG B 219 -25.12 -4.72 48.34
CA ARG B 219 -26.06 -5.64 48.94
C ARG B 219 -25.42 -6.28 50.16
N ASN B 220 -26.25 -6.54 51.17
CA ASN B 220 -25.76 -7.13 52.40
C ASN B 220 -25.44 -8.61 52.20
N PRO B 221 -24.65 -9.19 53.10
CA PRO B 221 -24.31 -10.61 52.95
C PRO B 221 -25.55 -11.47 53.01
N PRO B 222 -25.57 -12.59 52.30
CA PRO B 222 -26.78 -13.42 52.27
C PRO B 222 -27.01 -14.15 53.59
N GLY B 223 -28.26 -14.52 53.82
CA GLY B 223 -28.63 -15.33 54.95
C GLY B 223 -28.86 -14.52 56.21
N GLY B 224 -29.46 -15.18 57.20
CA GLY B 224 -29.72 -14.57 58.48
C GLY B 224 -30.82 -13.52 58.41
N ASP B 225 -31.12 -12.97 59.58
CA ASP B 225 -32.09 -11.88 59.71
C ASP B 225 -31.48 -10.71 60.46
N ASN B 226 -30.59 -11.00 61.41
CA ASN B 226 -29.90 -9.99 62.18
C ASN B 226 -28.52 -9.75 61.59
N LEU B 227 -28.18 -8.48 61.38
CA LEU B 227 -26.88 -8.15 60.80
C LEU B 227 -25.73 -8.60 61.67
N GLU B 228 -25.94 -8.80 62.97
CA GLU B 228 -24.87 -9.26 63.84
C GLU B 228 -24.35 -10.63 63.39
N GLU B 229 -25.25 -11.56 63.08
CA GLU B 229 -24.85 -12.90 62.70
C GLU B 229 -24.40 -13.01 61.25
N ARG B 230 -24.73 -12.03 60.41
CA ARG B 230 -24.25 -12.05 59.03
C ARG B 230 -22.78 -11.67 58.96
N PHE B 231 -22.37 -10.67 59.74
CA PHE B 231 -20.98 -10.20 59.74
C PHE B 231 -20.18 -10.86 60.85
N LYS B 232 -20.12 -12.19 60.81
CA LYS B 232 -19.30 -12.97 61.73
C LYS B 232 -18.00 -13.34 61.05
N GLY B 233 -16.92 -13.32 61.82
CA GLY B 233 -15.60 -13.55 61.26
C GLY B 233 -15.06 -12.38 60.48
N THR B 234 -15.56 -11.17 60.74
CA THR B 234 -15.08 -9.96 60.08
C THR B 234 -15.05 -8.82 61.08
N THR B 235 -14.06 -7.96 60.96
CA THR B 235 -13.89 -6.82 61.84
C THR B 235 -14.23 -5.53 61.13
N LYS B 236 -14.34 -4.46 61.90
CA LYS B 236 -14.62 -3.13 61.36
C LYS B 236 -13.34 -2.54 60.77
N PRO B 237 -13.46 -1.56 59.88
CA PRO B 237 -12.27 -0.86 59.40
C PRO B 237 -11.54 -0.16 60.53
N VAL B 238 -10.23 -0.03 60.37
CA VAL B 238 -9.39 0.49 61.45
C VAL B 238 -9.80 1.92 61.81
N ASN B 239 -10.18 2.71 60.81
CA ASN B 239 -10.50 4.12 61.05
C ASN B 239 -11.93 4.34 61.54
N TRP B 240 -12.80 3.34 61.46
CA TRP B 240 -14.18 3.51 61.89
C TRP B 240 -14.30 3.31 63.39
N LEU B 241 -15.16 4.12 64.02
CA LEU B 241 -15.37 3.99 65.46
C LEU B 241 -16.24 2.79 65.79
N LYS B 242 -17.26 2.53 64.98
CA LYS B 242 -18.19 1.44 65.22
C LYS B 242 -18.28 0.56 63.98
N PRO B 243 -18.65 -0.72 64.14
CA PRO B 243 -18.68 -1.62 62.98
C PRO B 243 -19.82 -1.31 62.03
N VAL B 244 -19.90 -2.08 60.94
CA VAL B 244 -20.99 -1.96 59.98
C VAL B 244 -22.31 -2.48 60.53
N TYR B 245 -22.31 -3.05 61.74
CA TYR B 245 -23.53 -3.63 62.29
C TYR B 245 -24.62 -2.58 62.43
N MET B 246 -24.28 -1.41 62.96
CA MET B 246 -25.25 -0.36 63.30
C MET B 246 -24.84 0.97 62.70
N LEU B 247 -24.50 0.98 61.41
CA LEU B 247 -24.30 2.25 60.72
C LEU B 247 -25.57 3.10 60.77
N ASP B 248 -26.74 2.47 60.90
CA ASP B 248 -27.99 3.19 61.06
C ASP B 248 -28.98 2.28 61.76
N SER B 249 -29.93 2.89 62.47
CA SER B 249 -30.92 2.10 63.20
C SER B 249 -31.80 1.29 62.26
N ASP B 250 -32.22 1.89 61.15
CA ASP B 250 -33.13 1.22 60.24
C ASP B 250 -32.47 -0.02 59.66
N PRO B 251 -33.12 -1.19 59.68
CA PRO B 251 -32.50 -2.37 59.04
C PRO B 251 -32.23 -2.19 57.56
N ASP B 252 -33.01 -1.33 56.89
CA ASP B 252 -32.87 -1.11 55.47
C ASP B 252 -31.81 -0.04 55.16
N ASN B 253 -31.27 0.62 56.18
CA ASN B 253 -30.31 1.70 55.98
C ASN B 253 -28.96 1.43 56.66
N ASN B 254 -28.73 0.21 57.13
CA ASN B 254 -27.43 -0.18 57.67
C ASN B 254 -26.85 -1.30 56.81
N GLY B 255 -25.66 -1.75 57.17
CA GLY B 255 -24.97 -2.72 56.35
C GLY B 255 -24.28 -2.05 55.18
N PHE B 256 -23.98 -2.86 54.16
CA PHE B 256 -23.42 -2.32 52.93
C PHE B 256 -24.43 -1.47 52.17
N ILE B 257 -25.70 -1.49 52.55
CA ILE B 257 -26.73 -0.71 51.88
C ILE B 257 -27.03 0.59 52.64
N ASN B 258 -26.10 1.05 53.48
CA ASN B 258 -26.26 2.32 54.14
C ASN B 258 -26.11 3.45 53.14
N GLU B 259 -26.97 4.47 53.28
CA GLU B 259 -26.98 5.57 52.31
C GLU B 259 -25.69 6.38 52.40
N ASP B 260 -25.26 6.74 53.61
CA ASP B 260 -24.06 7.54 53.76
C ASP B 260 -22.83 6.80 53.26
N PHE B 261 -22.73 5.50 53.57
CA PHE B 261 -21.61 4.71 53.10
C PHE B 261 -21.60 4.60 51.58
N ILE B 262 -22.77 4.34 50.98
CA ILE B 262 -22.84 4.21 49.52
C ILE B 262 -22.50 5.53 48.85
N VAL B 263 -23.02 6.63 49.38
CA VAL B 263 -22.75 7.94 48.79
C VAL B 263 -21.24 8.20 48.79
N TRP B 264 -20.56 7.82 49.87
CA TRP B 264 -19.13 8.05 49.94
C TRP B 264 -18.37 7.17 48.95
N MET B 265 -18.76 5.90 48.83
CA MET B 265 -18.01 4.96 48.01
C MET B 265 -18.07 5.30 46.52
N ARG B 266 -19.05 6.09 46.10
CA ARG B 266 -19.14 6.55 44.71
C ARG B 266 -18.08 7.63 44.51
N THR B 267 -16.87 7.19 44.20
CA THR B 267 -15.72 8.08 44.23
C THR B 267 -15.91 9.24 43.26
N ALA B 268 -15.51 10.43 43.70
CA ALA B 268 -15.66 11.62 42.89
C ALA B 268 -14.68 11.60 41.72
N ALA B 269 -14.89 12.52 40.78
CA ALA B 269 -14.08 12.61 39.58
C ALA B 269 -12.93 13.59 39.70
N LEU B 270 -13.01 14.53 40.61
CA LEU B 270 -12.06 15.63 40.72
C LEU B 270 -11.72 15.83 42.20
N PRO B 271 -10.60 16.50 42.49
CA PRO B 271 -10.22 16.68 43.90
C PRO B 271 -11.25 17.45 44.70
N THR B 272 -11.93 18.42 44.11
CA THR B 272 -12.97 19.20 44.77
C THR B 272 -14.33 18.65 44.35
N PHE B 273 -15.12 18.22 45.32
CA PHE B 273 -16.40 17.57 45.03
C PHE B 273 -17.35 17.84 46.19
N ARG B 274 -18.62 17.54 45.94
CA ARG B 274 -19.65 17.55 46.97
C ARG B 274 -20.42 16.26 46.90
N LYS B 275 -20.84 15.75 48.06
CA LYS B 275 -21.59 14.52 48.16
C LYS B 275 -22.88 14.78 48.92
N LEU B 276 -24.00 14.32 48.37
CA LEU B 276 -25.28 14.56 49.00
C LEU B 276 -25.30 13.97 50.40
N TYR B 277 -25.75 14.78 51.36
CA TYR B 277 -25.72 14.40 52.77
C TYR B 277 -27.12 14.14 53.33
N ARG B 278 -28.03 15.12 53.24
CA ARG B 278 -29.38 14.96 53.75
C ARG B 278 -30.33 15.68 52.80
N LEU B 279 -31.61 15.28 52.87
CA LEU B 279 -32.67 15.89 52.10
C LEU B 279 -33.60 16.67 53.03
N ILE B 280 -33.97 17.87 52.62
CA ILE B 280 -34.94 18.69 53.33
C ILE B 280 -36.21 18.69 52.48
N GLU B 281 -37.26 18.07 53.01
CA GLU B 281 -38.47 17.84 52.24
C GLU B 281 -39.41 19.03 52.33
N ARG B 282 -40.24 19.20 51.30
CA ARG B 282 -41.23 20.26 51.29
C ARG B 282 -42.17 20.11 52.48
N LYS B 283 -42.44 21.22 53.15
CA LYS B 283 -43.36 21.22 54.28
C LYS B 283 -44.79 20.96 53.79
N SER B 284 -45.61 20.38 54.67
CA SER B 284 -46.99 20.08 54.31
C SER B 284 -47.75 21.34 53.96
N ASP B 285 -47.55 22.42 54.72
CA ASP B 285 -48.23 23.68 54.48
C ASP B 285 -47.58 24.40 53.31
N LEU B 286 -48.05 25.62 53.03
CA LEU B 286 -47.54 26.42 51.93
C LEU B 286 -46.32 27.24 52.29
N HIS B 287 -45.89 27.23 53.56
CA HIS B 287 -44.77 28.05 53.99
C HIS B 287 -43.46 27.53 53.38
N PRO B 288 -42.44 28.38 53.31
CA PRO B 288 -41.15 27.93 52.75
C PRO B 288 -40.53 26.84 53.61
N THR B 289 -39.76 25.96 52.95
CA THR B 289 -39.11 24.87 53.66
C THR B 289 -38.10 25.40 54.67
N LEU B 290 -37.31 26.39 54.28
CA LEU B 290 -36.26 26.98 55.11
C LEU B 290 -36.49 28.49 55.14
N PRO B 291 -37.40 28.97 55.97
CA PRO B 291 -37.71 30.40 55.96
C PRO B 291 -36.49 31.24 56.27
N ALA B 292 -36.38 32.38 55.58
CA ALA B 292 -35.23 33.26 55.76
C ALA B 292 -35.13 33.73 57.20
N GLY B 293 -33.90 33.79 57.71
CA GLY B 293 -33.67 34.21 59.07
C GLY B 293 -32.30 33.85 59.59
N ARG B 294 -32.21 33.49 60.86
CA ARG B 294 -30.96 33.18 61.52
C ARG B 294 -30.81 31.67 61.64
N TYR B 295 -29.66 31.15 61.22
CA TYR B 295 -29.39 29.73 61.22
C TYR B 295 -28.05 29.46 61.87
N SER B 296 -27.92 28.29 62.49
CA SER B 296 -26.68 27.86 63.12
C SER B 296 -26.38 26.44 62.71
N LEU B 297 -25.14 26.18 62.29
CA LEU B 297 -24.70 24.87 61.88
C LEU B 297 -23.95 24.21 63.02
N ASN B 298 -24.54 23.19 63.61
CA ASN B 298 -23.93 22.44 64.71
C ASN B 298 -23.31 21.18 64.13
N VAL B 299 -21.98 21.18 63.99
CA VAL B 299 -21.25 20.10 63.34
C VAL B 299 -20.36 19.41 64.36
N THR B 300 -20.37 18.08 64.34
CA THR B 300 -19.48 17.26 65.16
C THR B 300 -18.20 17.03 64.37
N TYR B 301 -17.15 17.77 64.72
CA TYR B 301 -15.89 17.71 63.99
C TYR B 301 -15.20 16.38 64.29
N ASN B 302 -15.17 15.50 63.29
CA ASN B 302 -14.54 14.19 63.42
C ASN B 302 -13.53 13.93 62.32
N TYR B 303 -13.79 14.47 61.13
CA TYR B 303 -12.99 14.16 59.95
C TYR B 303 -11.84 15.15 59.84
N PRO B 304 -10.58 14.70 60.00
CA PRO B 304 -9.47 15.64 59.84
C PRO B 304 -8.96 15.72 58.41
N VAL B 305 -8.88 16.93 57.85
CA VAL B 305 -8.46 17.11 56.46
C VAL B 305 -7.39 18.20 56.35
N HIS B 306 -7.08 18.87 57.46
CA HIS B 306 -6.20 20.02 57.39
C HIS B 306 -4.75 19.66 57.11
N TYR B 307 -4.36 18.41 57.31
CA TYR B 307 -2.96 18.03 57.08
C TYR B 307 -2.57 18.23 55.63
N PHE B 308 -3.46 17.88 54.70
CA PHE B 308 -3.20 17.99 53.27
C PHE B 308 -3.90 19.21 52.65
N ASP B 309 -4.11 20.25 53.45
CA ASP B 309 -4.77 21.48 52.98
C ASP B 309 -6.15 21.17 52.42
N GLY B 310 -6.92 20.39 53.17
CA GLY B 310 -8.27 20.04 52.80
C GLY B 310 -9.28 20.98 53.44
N ARG B 311 -10.39 21.20 52.75
CA ARG B 311 -11.47 22.06 53.20
C ARG B 311 -12.75 21.27 53.31
N LYS B 312 -13.51 21.53 54.37
CA LYS B 312 -14.81 20.90 54.60
C LYS B 312 -15.89 21.97 54.52
N ARG B 313 -16.95 21.67 53.77
CA ARG B 313 -18.01 22.63 53.52
C ARG B 313 -19.36 21.96 53.71
N MET B 314 -20.37 22.77 54.02
CA MET B 314 -21.75 22.35 54.05
C MET B 314 -22.53 23.22 53.07
N ILE B 315 -23.25 22.60 52.15
CA ILE B 315 -23.93 23.29 51.06
C ILE B 315 -25.41 23.01 51.16
N LEU B 316 -26.23 24.05 50.92
CA LEU B 316 -27.66 23.92 50.78
C LEU B 316 -28.07 24.51 49.45
N SER B 317 -28.76 23.71 48.63
CA SER B 317 -29.21 24.13 47.31
C SER B 317 -30.68 23.79 47.13
N THR B 318 -31.38 24.62 46.35
CA THR B 318 -32.78 24.42 46.06
C THR B 318 -32.94 23.58 44.80
N ILE B 319 -33.96 22.71 44.81
CA ILE B 319 -34.21 21.85 43.66
C ILE B 319 -34.64 22.69 42.47
N SER B 320 -34.19 22.31 41.28
CA SER B 320 -34.56 22.96 40.04
C SER B 320 -35.01 21.92 39.04
N TRP B 321 -36.06 22.24 38.29
CA TRP B 321 -36.61 21.29 37.33
C TRP B 321 -35.59 20.94 36.25
N MET B 322 -34.81 21.92 35.81
CA MET B 322 -33.83 21.71 34.73
C MET B 322 -32.44 21.69 35.37
N GLY B 323 -32.01 20.50 35.77
CA GLY B 323 -30.68 20.35 36.31
C GLY B 323 -30.47 21.11 37.61
N GLY B 324 -29.21 21.32 37.95
CA GLY B 324 -28.79 22.09 39.11
C GLY B 324 -28.36 23.49 38.73
N LYS B 325 -27.27 23.95 39.35
CA LYS B 325 -26.73 25.30 39.16
C LYS B 325 -25.38 25.18 38.45
N ASN B 326 -25.37 25.38 37.13
CA ASN B 326 -24.18 25.18 36.30
C ASN B 326 -23.92 26.44 35.49
N PRO B 327 -23.36 27.49 36.10
CA PRO B 327 -23.07 28.71 35.34
C PRO B 327 -22.03 28.53 34.25
N PHE B 328 -21.18 27.52 34.33
CA PHE B 328 -20.16 27.34 33.30
C PHE B 328 -20.78 27.02 31.95
N LEU B 329 -21.76 26.11 31.92
CA LEU B 329 -22.39 25.76 30.65
C LEU B 329 -23.10 26.96 30.04
N GLY B 330 -23.74 27.77 30.86
CA GLY B 330 -24.41 28.96 30.34
C GLY B 330 -23.43 29.89 29.66
N ILE B 331 -22.30 30.16 30.31
CA ILE B 331 -21.29 31.03 29.71
C ILE B 331 -20.68 30.37 28.48
N ALA B 332 -20.39 29.07 28.57
CA ALA B 332 -19.77 28.37 27.44
C ALA B 332 -20.70 28.34 26.24
N TYR B 333 -22.00 28.11 26.46
CA TYR B 333 -22.93 28.09 25.35
C TYR B 333 -23.03 29.46 24.69
N ILE B 334 -23.10 30.53 25.49
CA ILE B 334 -23.11 31.87 24.93
C ILE B 334 -21.81 32.15 24.18
N ALA B 335 -20.68 31.77 24.77
CA ALA B 335 -19.40 32.01 24.12
C ALA B 335 -19.28 31.25 22.82
N VAL B 336 -19.68 29.97 22.82
CA VAL B 336 -19.63 29.18 21.60
C VAL B 336 -20.73 29.64 20.64
N GLY B 337 -21.88 30.02 21.16
CA GLY B 337 -22.94 30.53 20.31
C GLY B 337 -22.55 31.83 19.62
N SER B 338 -21.85 32.70 20.33
CA SER B 338 -21.41 33.96 19.73
C SER B 338 -20.27 33.73 18.73
N ILE B 339 -19.34 32.85 19.07
CA ILE B 339 -18.24 32.55 18.15
C ILE B 339 -18.77 31.87 16.89
N SER B 340 -19.73 30.96 17.04
CA SER B 340 -20.29 30.29 15.88
C SER B 340 -20.98 31.29 14.96
N PHE B 341 -21.78 32.19 15.53
CA PHE B 341 -22.38 33.25 14.72
C PHE B 341 -21.32 34.15 14.11
N LEU B 342 -20.30 34.49 14.89
CA LEU B 342 -19.20 35.31 14.37
C LEU B 342 -18.43 34.57 13.30
N LEU B 343 -18.25 33.26 13.47
CA LEU B 343 -17.60 32.47 12.43
C LEU B 343 -18.42 32.47 11.15
N GLY B 344 -19.75 32.45 11.28
CA GLY B 344 -20.59 32.51 10.11
C GLY B 344 -20.39 33.80 9.32
N VAL B 345 -20.28 34.93 10.03
CA VAL B 345 -20.07 36.20 9.35
C VAL B 345 -18.69 36.24 8.72
N VAL B 346 -17.66 35.80 9.44
CA VAL B 346 -16.30 35.80 8.90
C VAL B 346 -16.22 34.87 7.69
N LEU B 347 -16.83 33.68 7.79
CA LEU B 347 -16.85 32.78 6.64
C LEU B 347 -17.72 33.32 5.52
N LEU B 348 -18.79 34.05 5.85
CA LEU B 348 -19.64 34.61 4.81
C LEU B 348 -18.90 35.63 3.97
N VAL B 349 -18.15 36.53 4.60
CA VAL B 349 -17.42 37.55 3.84
C VAL B 349 -16.29 36.90 3.06
N ILE B 350 -15.63 35.89 3.63
CA ILE B 350 -14.57 35.20 2.91
C ILE B 350 -15.14 34.50 1.67
N ASN B 351 -16.28 33.84 1.83
CA ASN B 351 -16.92 33.21 0.68
C ASN B 351 -17.34 34.25 -0.36
N HIS B 352 -17.89 35.38 0.09
CA HIS B 352 -18.28 36.43 -0.84
C HIS B 352 -17.08 37.00 -1.57
N LYS B 353 -15.97 37.17 -0.87
CA LYS B 353 -14.77 37.74 -1.50
C LYS B 353 -14.25 36.82 -2.60
N TYR B 354 -14.29 35.51 -2.39
CA TYR B 354 -13.77 34.53 -3.34
C TYR B 354 -14.88 33.93 -4.21
N ARG B 355 -16.04 34.57 -4.29
CA ARG B 355 -17.12 34.06 -5.11
C ARG B 355 -16.87 34.37 -6.59
#